data_1R0L
#
_entry.id   1R0L
#
_cell.length_a   87.700
_cell.length_b   93.200
_cell.length_c   98.600
_cell.angle_alpha   90.00
_cell.angle_beta   90.50
_cell.angle_gamma   90.00
#
_symmetry.space_group_name_H-M   'P 1 21 1'
#
loop_
_entity.id
_entity.type
_entity.pdbx_description
1 polymer '1-deoxy-D-xylulose 5-phosphate reductoisomerase'
2 non-polymer 'NADPH DIHYDRO-NICOTINAMIDE-ADENINE-DINUCLEOTIDE PHOSPHATE'
3 water water
#
_entity_poly.entity_id   1
_entity_poly.type   'polypeptide(L)'
_entity_poly.pdbx_seq_one_letter_code
;MSQPRTVTVLGATGSIGHSTLDLIERNLDRYQVIALTANRNVKDLADAAKRTNAKRAVIADPSLYNDLKEALAGSSVEAA
AGADALVEAAMMGADWTMAAIIGCAGLKATLAAIRKGKTVALANKESLVSAGGLMIDAVREHGTTLLPVDSEHNAIFQCF
PHHNRDYVRRIIITASGGPFRTTSLAEMATVTPERAVQHPNWSMGAKISIDSATMMNKGLELIEAFHLFQIPLEKFEILV
HPQSVIHSMVEYLDGSILAQIGSPDMRTPIGHTLAWPKRMETPAESLDFTKLRQMDFEAPDYERFPALTLAMESIKSGGA
RPAVMNAANEIAVAAFLDKKIGFLDIAKIVEKTLDHYTPATPSSLEDVFAIDNEARIQAAALMESLPA
;
_entity_poly.pdbx_strand_id   A,B,C,D
#
loop_
_chem_comp.id
_chem_comp.type
_chem_comp.name
_chem_comp.formula
NDP non-polymer 'NADPH DIHYDRO-NICOTINAMIDE-ADENINE-DINUCLEOTIDE PHOSPHATE' 'C21 H30 N7 O17 P3'
#
# COMPACT_ATOMS: atom_id res chain seq x y z
N GLN A 3 -34.38 -3.83 35.31
CA GLN A 3 -32.96 -3.92 35.77
C GLN A 3 -32.72 -5.26 36.46
N PRO A 4 -33.54 -5.58 37.49
CA PRO A 4 -33.32 -6.89 38.14
C PRO A 4 -33.66 -7.96 37.12
N ARG A 5 -32.77 -8.93 36.95
CA ARG A 5 -32.95 -10.01 36.00
C ARG A 5 -33.73 -11.16 36.65
N THR A 6 -34.81 -11.60 36.02
CA THR A 6 -35.62 -12.68 36.59
C THR A 6 -34.82 -13.98 36.61
N VAL A 7 -34.85 -14.66 37.75
CA VAL A 7 -34.12 -15.91 37.94
C VAL A 7 -34.93 -17.08 38.49
N THR A 8 -34.72 -18.27 37.94
CA THR A 8 -35.40 -19.49 38.41
C THR A 8 -34.35 -20.59 38.69
N VAL A 9 -34.53 -21.34 39.77
CA VAL A 9 -33.59 -22.42 40.07
C VAL A 9 -34.29 -23.77 40.31
N LEU A 10 -34.02 -24.71 39.41
CA LEU A 10 -34.58 -26.06 39.49
C LEU A 10 -33.61 -26.91 40.30
N GLY A 11 -33.99 -27.27 41.52
CA GLY A 11 -33.09 -28.03 42.37
C GLY A 11 -32.26 -27.04 43.17
N ALA A 12 -32.95 -26.12 43.84
CA ALA A 12 -32.34 -25.07 44.66
C ALA A 12 -31.75 -25.52 46.01
N THR A 13 -32.02 -26.77 46.40
CA THR A 13 -31.55 -27.30 47.69
C THR A 13 -30.30 -28.21 47.69
N GLY A 14 -29.69 -28.43 46.53
CA GLY A 14 -28.49 -29.25 46.49
C GLY A 14 -27.24 -28.40 46.67
N SER A 15 -26.07 -28.96 46.32
CA SER A 15 -24.83 -28.21 46.46
C SER A 15 -24.78 -27.10 45.44
N ILE A 16 -25.16 -27.43 44.20
CA ILE A 16 -25.19 -26.45 43.12
C ILE A 16 -26.21 -25.36 43.39
N GLY A 17 -27.41 -25.76 43.79
CA GLY A 17 -28.45 -24.78 44.04
C GLY A 17 -28.02 -23.87 45.17
N HIS A 18 -27.41 -24.48 46.17
CA HIS A 18 -26.97 -23.73 47.32
C HIS A 18 -25.96 -22.64 46.95
N SER A 19 -24.92 -23.02 46.20
CA SER A 19 -23.90 -22.08 45.76
C SER A 19 -24.56 -21.00 44.90
N THR A 20 -25.53 -21.40 44.09
CA THR A 20 -26.23 -20.48 43.19
C THR A 20 -27.02 -19.44 43.98
N LEU A 21 -27.75 -19.89 44.98
CA LEU A 21 -28.54 -18.98 45.81
C LEU A 21 -27.60 -18.07 46.60
N ASP A 22 -26.43 -18.60 46.91
CA ASP A 22 -25.42 -17.86 47.63
C ASP A 22 -25.04 -16.59 46.87
N LEU A 23 -24.91 -16.72 45.56
CA LEU A 23 -24.53 -15.59 44.72
C LEU A 23 -25.71 -14.69 44.46
N ILE A 24 -26.88 -15.30 44.35
CA ILE A 24 -28.12 -14.57 44.08
C ILE A 24 -28.47 -13.70 45.28
N GLU A 25 -28.39 -14.27 46.47
CA GLU A 25 -28.70 -13.55 47.69
C GLU A 25 -27.69 -12.45 48.00
N ARG A 26 -26.47 -12.58 47.48
CA ARG A 26 -25.46 -11.54 47.71
C ARG A 26 -25.68 -10.33 46.80
N ASN A 27 -26.51 -10.50 45.77
CA ASN A 27 -26.78 -9.43 44.81
C ASN A 27 -28.27 -9.41 44.55
N LEU A 28 -29.02 -9.73 45.61
CA LEU A 28 -30.47 -9.78 45.57
C LEU A 28 -31.06 -8.53 44.91
N ASP A 29 -30.29 -7.46 44.86
CA ASP A 29 -30.76 -6.20 44.26
C ASP A 29 -30.83 -6.21 42.74
N ARG A 30 -30.08 -7.12 42.10
CA ARG A 30 -30.11 -7.20 40.65
C ARG A 30 -30.87 -8.42 40.12
N TYR A 31 -31.39 -9.23 41.03
CA TYR A 31 -32.13 -10.42 40.64
C TYR A 31 -33.53 -10.49 41.26
N GLN A 32 -34.51 -10.95 40.48
CA GLN A 32 -35.87 -11.12 41.00
C GLN A 32 -36.18 -12.59 40.83
N VAL A 33 -36.13 -13.34 41.93
CA VAL A 33 -36.39 -14.78 41.87
C VAL A 33 -37.83 -15.12 41.55
N ILE A 34 -38.01 -15.91 40.50
CA ILE A 34 -39.32 -16.34 40.07
C ILE A 34 -39.69 -17.64 40.78
N ALA A 35 -39.03 -18.74 40.43
CA ALA A 35 -39.33 -20.02 41.06
C ALA A 35 -38.14 -20.79 41.59
N LEU A 36 -38.36 -21.46 42.71
CA LEU A 36 -37.33 -22.29 43.32
C LEU A 36 -37.94 -23.68 43.46
N THR A 37 -37.10 -24.69 43.32
CA THR A 37 -37.56 -26.05 43.34
C THR A 37 -36.71 -27.01 44.19
N ALA A 38 -37.37 -27.99 44.80
CA ALA A 38 -36.71 -29.02 45.61
C ALA A 38 -37.47 -30.32 45.44
N ASN A 39 -36.97 -31.38 46.06
CA ASN A 39 -37.64 -32.67 45.94
C ASN A 39 -38.37 -33.04 47.21
N ARG A 40 -37.60 -33.13 48.30
CA ARG A 40 -38.18 -33.48 49.59
C ARG A 40 -37.70 -32.58 50.72
N ASN A 41 -36.74 -31.72 50.45
CA ASN A 41 -36.24 -30.83 51.50
C ASN A 41 -37.10 -29.57 51.61
N VAL A 42 -38.29 -29.73 52.16
CA VAL A 42 -39.23 -28.63 52.31
C VAL A 42 -38.68 -27.51 53.19
N LYS A 43 -37.80 -27.86 54.13
CA LYS A 43 -37.24 -26.86 55.04
C LYS A 43 -36.37 -25.83 54.29
N ASP A 44 -35.31 -26.32 53.65
CA ASP A 44 -34.41 -25.44 52.90
C ASP A 44 -35.15 -24.70 51.80
N LEU A 45 -36.05 -25.41 51.10
CA LEU A 45 -36.81 -24.81 50.01
C LEU A 45 -37.66 -23.62 50.47
N ALA A 46 -38.42 -23.79 51.55
CA ALA A 46 -39.25 -22.71 52.06
C ALA A 46 -38.36 -21.57 52.54
N ASP A 47 -37.26 -21.95 53.18
CA ASP A 47 -36.30 -20.99 53.70
C ASP A 47 -35.76 -20.15 52.55
N ALA A 48 -35.22 -20.83 51.55
CA ALA A 48 -34.68 -20.14 50.38
C ALA A 48 -35.76 -19.31 49.70
N ALA A 49 -36.96 -19.87 49.57
CA ALA A 49 -38.05 -19.14 48.94
C ALA A 49 -38.30 -17.82 49.69
N LYS A 50 -38.41 -17.89 51.01
CA LYS A 50 -38.66 -16.71 51.86
C LYS A 50 -37.48 -15.72 51.83
N ARG A 51 -36.26 -16.25 51.88
CA ARG A 51 -35.05 -15.42 51.82
C ARG A 51 -34.95 -14.55 50.59
N THR A 52 -35.37 -15.09 49.45
CA THR A 52 -35.30 -14.35 48.19
C THR A 52 -36.61 -13.77 47.73
N ASN A 53 -37.66 -13.94 48.55
CA ASN A 53 -38.96 -13.40 48.21
C ASN A 53 -39.35 -13.95 46.83
N ALA A 54 -39.18 -15.26 46.65
CA ALA A 54 -39.48 -15.94 45.40
C ALA A 54 -40.98 -15.85 45.09
N LYS A 55 -41.35 -16.01 43.82
CA LYS A 55 -42.76 -15.97 43.42
C LYS A 55 -43.45 -17.27 43.78
N ARG A 56 -42.72 -18.36 43.56
CA ARG A 56 -43.28 -19.68 43.79
C ARG A 56 -42.22 -20.66 44.25
N ALA A 57 -42.67 -21.63 45.04
CA ALA A 57 -41.81 -22.70 45.56
C ALA A 57 -42.50 -24.00 45.13
N VAL A 58 -41.72 -24.94 44.61
CA VAL A 58 -42.27 -26.22 44.15
C VAL A 58 -41.58 -27.41 44.78
N ILE A 59 -42.34 -28.25 45.49
CA ILE A 59 -41.75 -29.43 46.10
C ILE A 59 -42.12 -30.61 45.18
N ALA A 60 -41.12 -31.33 44.68
CA ALA A 60 -41.37 -32.43 43.75
C ALA A 60 -42.29 -33.50 44.28
N ASP A 61 -41.99 -34.04 45.45
CA ASP A 61 -42.82 -35.08 46.04
C ASP A 61 -44.20 -34.48 46.33
N PRO A 62 -45.25 -35.00 45.67
CA PRO A 62 -46.62 -34.52 45.86
C PRO A 62 -47.08 -34.78 47.29
N SER A 63 -46.43 -35.75 47.93
CA SER A 63 -46.76 -36.13 49.30
C SER A 63 -46.43 -35.01 50.29
N LEU A 64 -45.41 -34.21 49.97
CA LEU A 64 -44.97 -33.11 50.83
C LEU A 64 -45.64 -31.77 50.57
N TYR A 65 -46.68 -31.79 49.73
CA TYR A 65 -47.39 -30.55 49.39
C TYR A 65 -47.89 -29.74 50.59
N ASN A 66 -48.56 -30.41 51.53
CA ASN A 66 -49.08 -29.74 52.72
C ASN A 66 -48.02 -29.11 53.60
N ASP A 67 -46.89 -29.80 53.73
CA ASP A 67 -45.80 -29.30 54.54
C ASP A 67 -45.31 -27.95 53.97
N LEU A 68 -45.08 -27.93 52.67
CA LEU A 68 -44.61 -26.73 51.99
C LEU A 68 -45.59 -25.58 52.17
N LYS A 69 -46.87 -25.88 51.95
CA LYS A 69 -47.94 -24.90 52.07
C LYS A 69 -47.97 -24.34 53.50
N GLU A 70 -47.61 -25.20 54.45
CA GLU A 70 -47.56 -24.85 55.87
C GLU A 70 -46.37 -23.95 56.13
N ALA A 71 -45.21 -24.40 55.64
CA ALA A 71 -43.96 -23.68 55.81
C ALA A 71 -43.96 -22.28 55.21
N LEU A 72 -44.80 -22.06 54.21
CA LEU A 72 -44.89 -20.75 53.60
C LEU A 72 -46.15 -20.04 54.02
N ALA A 73 -46.66 -20.38 55.20
CA ALA A 73 -47.87 -19.75 55.72
C ALA A 73 -47.64 -18.26 55.99
N GLY A 74 -48.58 -17.42 55.55
CA GLY A 74 -48.44 -16.00 55.77
C GLY A 74 -47.42 -15.36 54.83
N SER A 75 -46.76 -16.20 54.03
CA SER A 75 -45.76 -15.78 53.06
C SER A 75 -46.47 -15.44 51.76
N SER A 76 -45.81 -14.65 50.91
CA SER A 76 -46.34 -14.27 49.61
C SER A 76 -45.91 -15.29 48.54
N VAL A 77 -45.08 -16.25 48.95
CA VAL A 77 -44.60 -17.28 48.04
C VAL A 77 -45.70 -18.30 47.79
N GLU A 78 -46.02 -18.56 46.53
CA GLU A 78 -47.04 -19.56 46.18
C GLU A 78 -46.41 -20.94 46.36
N ALA A 79 -47.23 -21.92 46.70
CA ALA A 79 -46.77 -23.29 46.89
C ALA A 79 -47.32 -24.22 45.79
N ALA A 80 -46.52 -25.22 45.40
CA ALA A 80 -46.91 -26.19 44.38
C ALA A 80 -46.06 -27.46 44.57
N ALA A 81 -46.60 -28.59 44.14
CA ALA A 81 -45.90 -29.87 44.29
C ALA A 81 -46.21 -30.77 43.10
N GLY A 82 -45.40 -31.82 42.94
CA GLY A 82 -45.61 -32.76 41.85
C GLY A 82 -44.68 -32.58 40.66
N ALA A 83 -44.50 -33.65 39.90
CA ALA A 83 -43.64 -33.64 38.72
C ALA A 83 -44.05 -32.56 37.72
N ASP A 84 -45.35 -32.41 37.49
CA ASP A 84 -45.84 -31.42 36.55
C ASP A 84 -45.52 -30.00 37.00
N ALA A 85 -45.62 -29.77 38.32
CA ALA A 85 -45.36 -28.45 38.88
C ALA A 85 -43.96 -27.99 38.54
N LEU A 86 -43.03 -28.94 38.45
CA LEU A 86 -41.65 -28.61 38.11
C LEU A 86 -41.63 -28.08 36.68
N VAL A 87 -42.16 -28.86 35.75
CA VAL A 87 -42.17 -28.42 34.36
C VAL A 87 -42.85 -27.06 34.23
N GLU A 88 -43.95 -26.87 34.98
CA GLU A 88 -44.68 -25.60 34.92
C GLU A 88 -43.80 -24.42 35.40
N ALA A 89 -43.06 -24.66 36.49
CA ALA A 89 -42.17 -23.64 37.05
C ALA A 89 -41.08 -23.26 36.03
N ALA A 90 -40.62 -24.26 35.27
CA ALA A 90 -39.57 -24.03 34.29
C ALA A 90 -40.12 -23.27 33.09
N MET A 91 -41.44 -23.11 33.05
CA MET A 91 -42.09 -22.41 31.95
C MET A 91 -42.53 -21.00 32.37
N MET A 92 -42.30 -20.63 33.62
CA MET A 92 -42.73 -19.33 34.11
C MET A 92 -42.13 -18.10 33.45
N GLY A 93 -41.09 -18.28 32.66
CA GLY A 93 -40.53 -17.13 31.95
C GLY A 93 -39.26 -16.48 32.43
N ALA A 94 -38.60 -17.11 33.40
CA ALA A 94 -37.37 -16.58 33.96
C ALA A 94 -36.32 -16.41 32.86
N ASP A 95 -35.65 -15.26 32.87
CA ASP A 95 -34.64 -14.99 31.85
C ASP A 95 -33.42 -15.87 32.05
N TRP A 96 -33.12 -16.20 33.30
CA TRP A 96 -31.98 -17.05 33.62
C TRP A 96 -32.49 -18.25 34.44
N THR A 97 -32.16 -19.46 33.99
CA THR A 97 -32.60 -20.69 34.66
C THR A 97 -31.46 -21.64 35.03
N MET A 98 -31.40 -22.02 36.30
CA MET A 98 -30.37 -22.98 36.74
C MET A 98 -30.99 -24.39 36.75
N ALA A 99 -30.57 -25.23 35.82
CA ALA A 99 -31.10 -26.59 35.75
C ALA A 99 -30.21 -27.46 36.60
N ALA A 100 -30.56 -27.59 37.89
CA ALA A 100 -29.77 -28.37 38.82
C ALA A 100 -30.44 -29.69 39.23
N ILE A 101 -31.58 -30.01 38.61
CA ILE A 101 -32.28 -31.25 38.91
C ILE A 101 -31.60 -32.38 38.16
N ILE A 102 -31.11 -33.35 38.92
CA ILE A 102 -30.38 -34.50 38.42
C ILE A 102 -31.17 -35.70 37.89
N GLY A 103 -30.58 -36.36 36.88
CA GLY A 103 -31.17 -37.54 36.32
C GLY A 103 -32.42 -37.36 35.50
N CYS A 104 -33.00 -38.49 35.08
CA CYS A 104 -34.21 -38.49 34.26
C CYS A 104 -35.35 -37.67 34.89
N ALA A 105 -35.29 -37.45 36.20
CA ALA A 105 -36.33 -36.68 36.89
C ALA A 105 -36.32 -35.18 36.52
N GLY A 106 -35.23 -34.73 35.93
CA GLY A 106 -35.13 -33.33 35.56
C GLY A 106 -35.07 -33.08 34.08
N LEU A 107 -35.24 -34.12 33.30
CA LEU A 107 -35.19 -33.96 31.85
C LEU A 107 -36.33 -33.11 31.29
N LYS A 108 -37.54 -33.34 31.80
CA LYS A 108 -38.72 -32.60 31.35
C LYS A 108 -38.60 -31.11 31.67
N ALA A 109 -38.31 -30.79 32.94
CA ALA A 109 -38.16 -29.41 33.35
C ALA A 109 -37.09 -28.69 32.53
N THR A 110 -35.93 -29.34 32.39
CA THR A 110 -34.79 -28.80 31.66
C THR A 110 -35.15 -28.52 30.23
N LEU A 111 -35.80 -29.46 29.56
CA LEU A 111 -36.15 -29.24 28.16
C LEU A 111 -37.20 -28.14 28.02
N ALA A 112 -38.14 -28.07 28.96
CA ALA A 112 -39.16 -27.04 28.93
C ALA A 112 -38.47 -25.67 29.09
N ALA A 113 -37.52 -25.57 30.02
CA ALA A 113 -36.80 -24.30 30.23
C ALA A 113 -36.08 -23.90 28.95
N ILE A 114 -35.36 -24.85 28.35
CA ILE A 114 -34.64 -24.58 27.11
C ILE A 114 -35.59 -24.09 26.01
N ARG A 115 -36.76 -24.71 25.90
CA ARG A 115 -37.73 -24.31 24.88
C ARG A 115 -38.24 -22.90 25.03
N LYS A 116 -37.99 -22.28 26.20
CA LYS A 116 -38.42 -20.90 26.42
C LYS A 116 -37.46 -19.93 25.75
N GLY A 117 -36.38 -20.49 25.22
CA GLY A 117 -35.40 -19.68 24.51
C GLY A 117 -34.56 -18.63 25.20
N LYS A 118 -34.59 -18.55 26.53
CA LYS A 118 -33.77 -17.55 27.21
C LYS A 118 -32.40 -18.14 27.59
N THR A 119 -31.95 -17.94 28.82
CA THR A 119 -30.66 -18.49 29.23
C THR A 119 -30.80 -19.64 30.21
N VAL A 120 -30.14 -20.75 29.91
CA VAL A 120 -30.21 -21.92 30.76
C VAL A 120 -28.82 -22.42 31.20
N ALA A 121 -28.55 -22.25 32.49
CA ALA A 121 -27.30 -22.71 33.08
C ALA A 121 -27.49 -24.22 33.30
N LEU A 122 -26.73 -25.02 32.59
CA LEU A 122 -26.89 -26.46 32.72
C LEU A 122 -26.00 -27.10 33.77
N ALA A 123 -26.60 -27.67 34.81
CA ALA A 123 -25.87 -28.35 35.88
C ALA A 123 -26.20 -29.84 35.68
N ASN A 124 -27.39 -30.11 35.09
CA ASN A 124 -27.83 -31.43 34.80
C ASN A 124 -27.10 -31.94 33.58
N LYS A 125 -25.85 -32.45 33.88
CA LYS A 125 -24.99 -33.02 32.87
C LYS A 125 -25.74 -34.13 32.18
N GLU A 126 -26.46 -35.01 33.02
CA GLU A 126 -27.26 -36.11 32.49
C GLU A 126 -27.89 -35.88 31.10
N SER A 127 -28.59 -34.76 31.07
CA SER A 127 -29.30 -34.21 29.94
C SER A 127 -28.68 -34.68 28.66
N LEU A 128 -27.48 -34.15 28.43
CA LEU A 128 -26.66 -34.39 27.24
C LEU A 128 -26.25 -35.83 26.93
N VAL A 129 -26.04 -36.65 27.96
CA VAL A 129 -25.63 -38.04 27.75
C VAL A 129 -26.79 -38.86 27.22
N SER A 130 -27.96 -38.71 27.86
CA SER A 130 -29.16 -39.44 27.49
C SER A 130 -30.03 -38.78 26.44
N ALA A 131 -30.07 -37.45 26.40
CA ALA A 131 -30.90 -36.75 25.41
C ALA A 131 -30.16 -35.60 24.74
N GLY A 132 -28.85 -35.75 24.64
CA GLY A 132 -28.03 -34.70 24.04
C GLY A 132 -28.55 -34.18 22.74
N GLY A 133 -28.89 -35.10 21.83
CA GLY A 133 -29.41 -34.72 20.53
C GLY A 133 -30.65 -33.86 20.58
N LEU A 134 -31.63 -34.29 21.37
CA LEU A 134 -32.87 -33.54 21.53
C LEU A 134 -32.61 -32.16 22.13
N MET A 135 -31.90 -32.14 23.27
CA MET A 135 -31.55 -30.92 23.96
C MET A 135 -30.93 -29.88 23.04
N ILE A 136 -29.99 -30.30 22.21
CA ILE A 136 -29.34 -29.35 21.31
C ILE A 136 -30.22 -28.90 20.16
N ASP A 137 -31.17 -29.73 19.76
CA ASP A 137 -32.05 -29.33 18.68
C ASP A 137 -32.96 -28.19 19.17
N ALA A 138 -33.48 -28.36 20.39
CA ALA A 138 -34.34 -27.36 21.01
C ALA A 138 -33.57 -26.05 21.18
N VAL A 139 -32.29 -26.17 21.54
CA VAL A 139 -31.45 -25.00 21.71
C VAL A 139 -31.35 -24.22 20.41
N ARG A 140 -31.15 -24.93 19.31
CA ARG A 140 -31.05 -24.29 18.00
C ARG A 140 -32.37 -23.77 17.52
N GLU A 141 -33.44 -24.53 17.78
CA GLU A 141 -34.76 -24.13 17.35
C GLU A 141 -35.29 -22.86 18.03
N HIS A 142 -35.02 -22.68 19.33
CA HIS A 142 -35.51 -21.48 20.02
C HIS A 142 -34.44 -20.44 20.35
N GLY A 143 -33.24 -20.60 19.80
CA GLY A 143 -32.18 -19.65 20.06
C GLY A 143 -31.81 -19.50 21.53
N THR A 144 -31.84 -20.61 22.26
CA THR A 144 -31.53 -20.60 23.68
C THR A 144 -30.03 -20.46 23.95
N THR A 145 -29.68 -19.69 24.98
CA THR A 145 -28.29 -19.52 25.36
C THR A 145 -28.03 -20.60 26.39
N LEU A 146 -27.29 -21.64 26.00
CA LEU A 146 -27.00 -22.75 26.87
C LEU A 146 -25.62 -22.54 27.48
N LEU A 147 -25.55 -22.43 28.80
CA LEU A 147 -24.27 -22.23 29.49
C LEU A 147 -23.95 -23.38 30.45
N PRO A 148 -22.87 -24.12 30.18
CA PRO A 148 -22.43 -25.26 31.00
C PRO A 148 -21.93 -24.84 32.38
N VAL A 149 -22.47 -25.45 33.42
CA VAL A 149 -22.10 -25.12 34.80
C VAL A 149 -21.00 -25.99 35.40
N ASP A 150 -20.90 -27.24 34.96
CA ASP A 150 -19.87 -28.09 35.54
C ASP A 150 -18.48 -27.56 35.18
N SER A 151 -17.53 -27.80 36.08
CA SER A 151 -16.16 -27.34 35.95
C SER A 151 -15.48 -27.54 34.61
N GLU A 152 -15.42 -28.78 34.15
CA GLU A 152 -14.75 -29.05 32.90
C GLU A 152 -15.31 -28.32 31.70
N HIS A 153 -16.60 -28.44 31.50
CA HIS A 153 -17.26 -27.80 30.37
C HIS A 153 -17.31 -26.29 30.47
N ASN A 154 -17.42 -25.76 31.69
CA ASN A 154 -17.43 -24.32 31.88
C ASN A 154 -16.02 -23.78 31.57
N ALA A 155 -14.99 -24.51 32.00
CA ALA A 155 -13.62 -24.09 31.72
C ALA A 155 -13.47 -24.01 30.18
N ILE A 156 -13.84 -25.08 29.48
CA ILE A 156 -13.78 -25.12 28.01
C ILE A 156 -14.55 -23.94 27.38
N PHE A 157 -15.77 -23.73 27.87
CA PHE A 157 -16.58 -22.64 27.34
C PHE A 157 -15.85 -21.30 27.45
N GLN A 158 -15.16 -21.05 28.57
CA GLN A 158 -14.47 -19.76 28.71
C GLN A 158 -13.24 -19.60 27.82
N CYS A 159 -12.77 -20.71 27.27
CA CYS A 159 -11.61 -20.71 26.39
C CYS A 159 -12.03 -21.04 24.96
N PHE A 160 -13.34 -21.24 24.78
CA PHE A 160 -13.86 -21.62 23.47
C PHE A 160 -14.25 -20.48 22.54
N PRO A 161 -13.93 -20.62 21.25
CA PRO A 161 -14.27 -19.57 20.28
C PRO A 161 -15.68 -19.81 19.73
N HIS A 162 -16.69 -19.38 20.47
CA HIS A 162 -18.07 -19.58 20.03
C HIS A 162 -18.24 -18.82 18.71
N HIS A 163 -19.01 -19.39 17.80
CA HIS A 163 -19.25 -18.81 16.49
C HIS A 163 -18.11 -19.12 15.52
N ASN A 164 -17.16 -19.93 15.98
CA ASN A 164 -16.01 -20.30 15.16
C ASN A 164 -15.40 -21.63 15.61
N ARG A 165 -16.19 -22.69 15.60
CA ARG A 165 -15.65 -23.98 16.02
C ARG A 165 -14.48 -24.45 15.17
N ASP A 166 -14.42 -23.99 13.93
CA ASP A 166 -13.33 -24.42 13.06
C ASP A 166 -11.98 -23.79 13.40
N TYR A 167 -11.96 -22.98 14.46
CA TYR A 167 -10.75 -22.35 14.95
C TYR A 167 -10.05 -23.28 15.96
N VAL A 168 -10.80 -24.25 16.45
CA VAL A 168 -10.27 -25.18 17.45
C VAL A 168 -9.51 -26.37 16.86
N ARG A 169 -8.29 -26.57 17.33
CA ARG A 169 -7.48 -27.69 16.87
C ARG A 169 -7.72 -28.89 17.76
N ARG A 170 -8.01 -28.64 19.03
CA ARG A 170 -8.31 -29.71 19.98
C ARG A 170 -8.81 -29.17 21.31
N ILE A 171 -9.52 -30.01 22.05
CA ILE A 171 -10.05 -29.65 23.35
C ILE A 171 -9.53 -30.70 24.30
N ILE A 172 -8.90 -30.27 25.38
CA ILE A 172 -8.35 -31.20 26.33
C ILE A 172 -9.17 -31.19 27.62
N ILE A 173 -9.68 -32.37 27.99
CA ILE A 173 -10.46 -32.50 29.21
C ILE A 173 -9.52 -33.05 30.27
N THR A 174 -9.14 -32.21 31.22
CA THR A 174 -8.24 -32.63 32.29
C THR A 174 -8.99 -33.54 33.24
N ALA A 175 -8.29 -34.49 33.84
CA ALA A 175 -8.89 -35.46 34.75
C ALA A 175 -7.96 -35.77 35.90
N SER A 176 -8.48 -35.70 37.12
CA SER A 176 -7.67 -35.95 38.29
C SER A 176 -7.06 -37.35 38.19
N GLY A 177 -7.73 -38.24 37.47
CA GLY A 177 -7.25 -39.60 37.34
C GLY A 177 -7.97 -40.51 38.30
N GLY A 178 -8.63 -39.92 39.30
CA GLY A 178 -9.38 -40.70 40.28
C GLY A 178 -8.55 -41.37 41.37
N PRO A 179 -9.19 -41.95 42.40
CA PRO A 179 -8.50 -42.63 43.51
C PRO A 179 -7.56 -43.79 43.15
N PHE A 180 -7.76 -44.42 42.00
CA PHE A 180 -6.91 -45.54 41.59
C PHE A 180 -6.01 -45.18 40.42
N ARG A 181 -5.61 -43.90 40.34
CA ARG A 181 -4.75 -43.43 39.25
C ARG A 181 -3.45 -44.23 39.20
N THR A 182 -2.97 -44.63 40.37
CA THR A 182 -1.71 -45.36 40.46
C THR A 182 -1.89 -46.81 40.91
N THR A 183 -3.12 -47.32 40.84
CA THR A 183 -3.38 -48.68 41.26
C THR A 183 -3.39 -49.62 40.06
N SER A 184 -2.91 -50.85 40.27
CA SER A 184 -2.84 -51.86 39.22
C SER A 184 -4.19 -52.55 39.01
N LEU A 185 -4.45 -53.00 37.79
CA LEU A 185 -5.69 -53.70 37.46
C LEU A 185 -5.90 -54.83 38.46
N ALA A 186 -4.78 -55.45 38.84
CA ALA A 186 -4.79 -56.55 39.79
C ALA A 186 -5.33 -56.16 41.16
N GLU A 187 -4.88 -55.01 41.67
CA GLU A 187 -5.34 -54.56 42.98
C GLU A 187 -6.74 -53.97 42.95
N MET A 188 -7.13 -53.38 41.81
CA MET A 188 -8.45 -52.80 41.67
C MET A 188 -9.52 -53.90 41.73
N ALA A 189 -9.16 -55.10 41.28
CA ALA A 189 -10.07 -56.23 41.28
C ALA A 189 -10.60 -56.55 42.69
N THR A 190 -9.80 -56.30 43.72
CA THR A 190 -10.22 -56.59 45.09
C THR A 190 -10.69 -55.37 45.90
N VAL A 191 -10.89 -54.24 45.24
CA VAL A 191 -11.32 -53.03 45.96
C VAL A 191 -12.74 -53.21 46.51
N THR A 192 -12.97 -52.66 47.69
CA THR A 192 -14.29 -52.74 48.32
C THR A 192 -15.01 -51.42 48.12
N PRO A 193 -16.35 -51.44 48.13
CA PRO A 193 -17.11 -50.20 47.96
C PRO A 193 -16.76 -49.13 49.01
N GLU A 194 -16.36 -49.55 50.22
CA GLU A 194 -16.02 -48.59 51.27
C GLU A 194 -14.79 -47.79 50.92
N ARG A 195 -13.80 -48.46 50.33
CA ARG A 195 -12.59 -47.77 49.96
C ARG A 195 -12.79 -46.79 48.80
N ALA A 196 -13.99 -46.71 48.24
CA ALA A 196 -14.21 -45.82 47.11
C ALA A 196 -15.20 -44.64 47.27
N VAL A 197 -15.38 -44.17 48.49
CA VAL A 197 -16.23 -43.01 48.79
C VAL A 197 -15.28 -42.20 49.67
N GLN A 198 -14.96 -40.94 49.34
CA GLN A 198 -14.15 -40.15 50.26
C GLN A 198 -14.92 -38.93 50.75
N GLY A 205 -23.60 -42.14 51.05
CA GLY A 205 -22.32 -42.43 50.44
C GLY A 205 -22.26 -41.76 49.08
N ALA A 206 -21.50 -42.29 48.13
CA ALA A 206 -21.41 -41.64 46.81
C ALA A 206 -21.21 -42.55 45.61
N LYS A 207 -22.05 -42.29 44.61
CA LYS A 207 -22.06 -42.94 43.31
C LYS A 207 -20.97 -42.25 42.50
N ILE A 208 -21.09 -40.92 42.44
CA ILE A 208 -20.12 -40.07 41.77
C ILE A 208 -18.73 -40.57 42.06
N SER A 209 -18.53 -40.97 43.31
CA SER A 209 -17.25 -41.48 43.78
C SER A 209 -16.80 -42.67 42.93
N ILE A 210 -17.72 -43.56 42.61
CA ILE A 210 -17.40 -44.74 41.83
C ILE A 210 -17.10 -44.38 40.38
N ASP A 211 -17.87 -43.45 39.81
CA ASP A 211 -17.67 -43.03 38.42
C ASP A 211 -16.32 -42.40 38.31
N SER A 212 -15.86 -41.86 39.43
CA SER A 212 -14.56 -41.22 39.48
C SER A 212 -13.46 -42.27 39.45
N ALA A 213 -13.64 -43.34 40.21
CA ALA A 213 -12.66 -44.41 40.30
C ALA A 213 -12.55 -45.23 39.01
N THR A 214 -13.68 -45.46 38.36
CA THR A 214 -13.69 -46.24 37.14
C THR A 214 -13.41 -45.37 35.93
N MET A 215 -13.39 -44.05 36.17
CA MET A 215 -13.18 -43.04 35.14
C MET A 215 -14.34 -42.94 34.16
N MET A 216 -15.52 -43.39 34.60
CA MET A 216 -16.72 -43.32 33.75
C MET A 216 -17.16 -41.86 33.70
N ASN A 217 -16.92 -41.13 34.79
CA ASN A 217 -17.27 -39.72 34.86
C ASN A 217 -16.59 -38.96 33.70
N LYS A 218 -15.40 -39.39 33.31
CA LYS A 218 -14.70 -38.71 32.23
C LYS A 218 -15.19 -39.15 30.86
N GLY A 219 -15.74 -40.35 30.78
CA GLY A 219 -16.26 -40.82 29.51
C GLY A 219 -17.52 -40.02 29.26
N LEU A 220 -18.36 -39.95 30.29
CA LEU A 220 -19.61 -39.19 30.25
C LEU A 220 -19.32 -37.71 29.91
N GLU A 221 -18.32 -37.10 30.56
CA GLU A 221 -17.97 -35.70 30.28
C GLU A 221 -17.54 -35.51 28.82
N LEU A 222 -16.82 -36.47 28.27
CA LEU A 222 -16.41 -36.37 26.87
C LEU A 222 -17.67 -36.36 25.96
N ILE A 223 -18.66 -37.22 26.27
CA ILE A 223 -19.90 -37.28 25.50
C ILE A 223 -20.65 -35.94 25.61
N GLU A 224 -20.83 -35.44 26.84
CA GLU A 224 -21.51 -34.16 27.04
C GLU A 224 -20.80 -33.04 26.30
N ALA A 225 -19.46 -33.03 26.35
CA ALA A 225 -18.66 -32.00 25.68
C ALA A 225 -18.87 -32.03 24.17
N PHE A 226 -18.93 -33.23 23.61
CA PHE A 226 -19.17 -33.40 22.18
C PHE A 226 -20.48 -32.70 21.77
N HIS A 227 -21.54 -32.85 22.57
CA HIS A 227 -22.82 -32.21 22.26
C HIS A 227 -22.80 -30.69 22.48
N LEU A 228 -22.15 -30.22 23.55
CA LEU A 228 -22.08 -28.79 23.85
C LEU A 228 -21.31 -27.97 22.84
N PHE A 229 -20.17 -28.49 22.41
CA PHE A 229 -19.33 -27.73 21.49
C PHE A 229 -19.38 -28.07 20.00
N GLN A 230 -19.99 -29.21 19.66
CA GLN A 230 -20.14 -29.61 18.27
C GLN A 230 -18.86 -29.62 17.47
N ILE A 231 -17.91 -30.38 17.98
CA ILE A 231 -16.62 -30.53 17.35
C ILE A 231 -16.33 -32.02 17.14
N PRO A 232 -15.68 -32.36 16.03
CA PRO A 232 -15.36 -33.76 15.72
C PRO A 232 -14.73 -34.50 16.90
N LEU A 233 -15.22 -35.71 17.18
CA LEU A 233 -14.71 -36.51 18.30
C LEU A 233 -13.20 -36.61 18.39
N GLU A 234 -12.56 -36.76 17.24
CA GLU A 234 -11.10 -36.89 17.20
C GLU A 234 -10.37 -35.66 17.69
N LYS A 235 -11.11 -34.60 17.98
CA LYS A 235 -10.47 -33.38 18.46
C LYS A 235 -10.46 -33.32 19.99
N PHE A 236 -11.18 -34.23 20.63
CA PHE A 236 -11.19 -34.26 22.09
C PHE A 236 -10.07 -35.16 22.61
N GLU A 237 -9.48 -34.76 23.72
CA GLU A 237 -8.40 -35.51 24.34
C GLU A 237 -8.63 -35.52 25.84
N ILE A 238 -8.19 -36.58 26.51
CA ILE A 238 -8.33 -36.64 27.96
C ILE A 238 -6.92 -36.61 28.51
N LEU A 239 -6.65 -35.65 29.38
CA LEU A 239 -5.34 -35.51 29.96
C LEU A 239 -5.45 -35.67 31.48
N VAL A 240 -4.66 -36.57 32.05
CA VAL A 240 -4.67 -36.79 33.50
C VAL A 240 -3.81 -35.70 34.11
N HIS A 241 -4.40 -34.98 35.07
CA HIS A 241 -3.75 -33.90 35.78
C HIS A 241 -4.23 -33.99 37.23
N PRO A 242 -3.46 -34.69 38.08
CA PRO A 242 -3.74 -34.89 39.49
C PRO A 242 -4.19 -33.66 40.29
N GLN A 243 -3.42 -32.57 40.26
CA GLN A 243 -3.80 -31.38 41.03
C GLN A 243 -5.16 -30.81 40.71
N SER A 244 -5.64 -31.05 39.49
CA SER A 244 -6.94 -30.53 39.07
C SER A 244 -7.06 -29.02 39.16
N VAL A 245 -5.97 -28.29 38.93
CA VAL A 245 -6.06 -26.83 39.00
C VAL A 245 -6.39 -26.27 37.63
N ILE A 246 -5.94 -26.95 36.57
CA ILE A 246 -6.29 -26.56 35.21
C ILE A 246 -7.56 -27.39 34.98
N HIS A 247 -8.68 -26.69 34.75
CA HIS A 247 -9.98 -27.33 34.59
C HIS A 247 -10.36 -27.86 33.20
N SER A 248 -9.53 -27.53 32.20
CA SER A 248 -9.71 -27.93 30.81
C SER A 248 -9.06 -26.91 29.89
N MET A 249 -8.79 -27.31 28.65
CA MET A 249 -8.11 -26.41 27.71
C MET A 249 -8.64 -26.49 26.28
N VAL A 250 -8.30 -25.49 25.48
CA VAL A 250 -8.73 -25.40 24.09
C VAL A 250 -7.58 -24.86 23.23
N GLU A 251 -7.06 -25.68 22.31
CA GLU A 251 -5.97 -25.22 21.45
C GLU A 251 -6.49 -24.66 20.14
N TYR A 252 -6.01 -23.47 19.79
CA TYR A 252 -6.40 -22.81 18.55
C TYR A 252 -5.46 -23.15 17.39
N LEU A 253 -5.89 -22.79 16.19
CA LEU A 253 -5.15 -23.07 14.98
C LEU A 253 -3.77 -22.47 14.93
N ASP A 254 -3.53 -21.40 15.67
CA ASP A 254 -2.20 -20.81 15.64
C ASP A 254 -1.26 -21.39 16.69
N GLY A 255 -1.66 -22.49 17.30
CA GLY A 255 -0.84 -23.15 18.32
C GLY A 255 -1.16 -22.63 19.70
N SER A 256 -1.84 -21.50 19.76
CA SER A 256 -2.18 -20.88 21.04
C SER A 256 -3.22 -21.68 21.85
N ILE A 257 -2.86 -22.03 23.08
CA ILE A 257 -3.77 -22.77 23.95
C ILE A 257 -4.31 -21.92 25.12
N LEU A 258 -5.63 -21.82 25.21
CA LEU A 258 -6.25 -21.06 26.30
C LEU A 258 -6.70 -22.06 27.36
N ALA A 259 -6.38 -21.82 28.63
CA ALA A 259 -6.80 -22.72 29.70
C ALA A 259 -7.48 -21.96 30.81
N GLN A 260 -8.44 -22.63 31.45
CA GLN A 260 -9.15 -22.03 32.57
C GLN A 260 -8.61 -22.72 33.83
N ILE A 261 -8.06 -21.93 34.74
CA ILE A 261 -7.49 -22.44 35.97
C ILE A 261 -8.12 -21.72 37.16
N GLY A 262 -8.03 -22.33 38.34
CA GLY A 262 -8.59 -21.70 39.52
C GLY A 262 -8.83 -22.68 40.64
N SER A 263 -9.40 -22.15 41.71
CA SER A 263 -9.74 -22.92 42.90
C SER A 263 -10.91 -23.84 42.59
N PRO A 264 -11.17 -24.80 43.48
CA PRO A 264 -12.28 -25.73 43.27
C PRO A 264 -13.65 -25.17 43.67
N ASP A 265 -13.70 -23.91 44.07
CA ASP A 265 -14.97 -23.30 44.46
C ASP A 265 -15.96 -23.25 43.28
N MET A 266 -17.09 -23.96 43.43
CA MET A 266 -18.11 -24.00 42.38
C MET A 266 -18.76 -22.64 42.06
N ARG A 267 -18.59 -21.66 42.95
CA ARG A 267 -19.17 -20.36 42.70
C ARG A 267 -18.51 -19.63 41.53
N THR A 268 -17.33 -20.09 41.13
CA THR A 268 -16.61 -19.48 40.02
C THR A 268 -17.37 -19.77 38.73
N PRO A 269 -17.53 -21.06 38.39
CA PRO A 269 -18.27 -21.38 37.15
C PRO A 269 -19.75 -20.96 37.22
N ILE A 270 -20.34 -21.05 38.40
CA ILE A 270 -21.73 -20.65 38.57
C ILE A 270 -21.78 -19.13 38.42
N GLY A 271 -20.76 -18.44 38.95
CA GLY A 271 -20.71 -17.00 38.84
C GLY A 271 -20.53 -16.58 37.40
N HIS A 272 -19.80 -17.39 36.66
CA HIS A 272 -19.58 -17.14 35.24
C HIS A 272 -20.94 -17.21 34.51
N THR A 273 -21.64 -18.33 34.67
CA THR A 273 -22.93 -18.52 33.99
C THR A 273 -24.00 -17.54 34.47
N LEU A 274 -23.88 -17.06 35.71
CA LEU A 274 -24.87 -16.14 36.24
C LEU A 274 -24.71 -14.71 35.71
N ALA A 275 -23.47 -14.30 35.45
CA ALA A 275 -23.18 -12.96 34.95
C ALA A 275 -23.01 -12.83 33.43
N TRP A 276 -22.68 -13.93 32.76
CA TRP A 276 -22.52 -13.93 31.30
C TRP A 276 -23.62 -13.08 30.63
N PRO A 277 -23.26 -12.27 29.62
CA PRO A 277 -21.91 -12.08 29.08
C PRO A 277 -21.00 -11.22 29.94
N LYS A 278 -21.50 -10.78 31.09
CA LYS A 278 -20.69 -9.96 31.98
C LYS A 278 -20.01 -10.85 33.02
N ARG A 279 -19.14 -10.24 33.83
CA ARG A 279 -18.44 -10.96 34.90
C ARG A 279 -18.89 -10.34 36.21
N MET A 280 -18.84 -11.12 37.29
CA MET A 280 -19.26 -10.63 38.59
C MET A 280 -18.34 -11.10 39.71
N GLU A 281 -18.36 -10.40 40.84
CA GLU A 281 -17.54 -10.79 41.99
C GLU A 281 -18.13 -12.02 42.65
N THR A 282 -17.26 -12.92 43.13
CA THR A 282 -17.71 -14.09 43.87
C THR A 282 -16.63 -14.28 44.92
N PRO A 283 -17.01 -14.74 46.11
CA PRO A 283 -16.03 -14.97 47.19
C PRO A 283 -15.00 -16.06 46.90
N ALA A 284 -15.06 -16.63 45.70
CA ALA A 284 -14.14 -17.66 45.28
C ALA A 284 -12.72 -17.22 45.62
N GLU A 285 -11.89 -18.17 46.03
CA GLU A 285 -10.50 -17.90 46.41
C GLU A 285 -9.57 -17.72 45.20
N SER A 286 -8.55 -16.88 45.35
CA SER A 286 -7.59 -16.65 44.28
C SER A 286 -6.49 -17.71 44.38
N LEU A 287 -6.42 -18.59 43.39
CA LEU A 287 -5.41 -19.64 43.38
C LEU A 287 -4.02 -19.07 43.64
N ASP A 288 -3.36 -19.60 44.66
CA ASP A 288 -2.03 -19.17 45.03
C ASP A 288 -1.06 -20.15 44.39
N PHE A 289 -0.47 -19.78 43.26
CA PHE A 289 0.43 -20.69 42.59
C PHE A 289 1.70 -20.97 43.38
N THR A 290 2.03 -20.10 44.34
CA THR A 290 3.23 -20.30 45.14
C THR A 290 3.08 -21.50 46.06
N LYS A 291 1.90 -21.64 46.65
CA LYS A 291 1.65 -22.75 47.55
C LYS A 291 1.36 -24.04 46.80
N LEU A 292 0.96 -23.92 45.53
CA LEU A 292 0.67 -25.07 44.69
C LEU A 292 1.99 -25.69 44.30
N ARG A 293 2.94 -24.83 43.92
CA ARG A 293 4.27 -25.31 43.59
C ARG A 293 4.39 -26.03 42.28
N GLN A 294 3.69 -27.16 42.22
CA GLN A 294 3.73 -28.03 41.08
C GLN A 294 2.41 -28.38 40.43
N MET A 295 2.53 -28.83 39.20
CA MET A 295 1.40 -29.28 38.39
C MET A 295 1.93 -30.46 37.58
N ASP A 296 1.20 -31.57 37.60
CA ASP A 296 1.61 -32.79 36.87
C ASP A 296 0.66 -33.19 35.71
N PHE A 297 1.24 -33.81 34.69
CA PHE A 297 0.49 -34.26 33.52
C PHE A 297 0.94 -35.63 33.03
N GLU A 298 -0.01 -36.45 32.64
CA GLU A 298 0.28 -37.79 32.14
C GLU A 298 -0.90 -38.22 31.28
N ALA A 299 -0.67 -39.21 30.42
CA ALA A 299 -1.75 -39.67 29.57
C ALA A 299 -2.65 -40.67 30.32
N PRO A 300 -3.93 -40.73 29.95
CA PRO A 300 -4.87 -41.64 30.61
C PRO A 300 -4.57 -43.09 30.21
N ASP A 301 -4.75 -44.03 31.14
CA ASP A 301 -4.49 -45.45 30.86
C ASP A 301 -5.75 -46.14 30.34
N TYR A 302 -5.91 -46.16 29.03
CA TYR A 302 -7.09 -46.77 28.41
C TYR A 302 -7.24 -48.26 28.68
N GLU A 303 -6.14 -48.89 29.10
CA GLU A 303 -6.16 -50.32 29.40
C GLU A 303 -6.64 -50.57 30.83
N ARG A 304 -6.27 -49.68 31.75
CA ARG A 304 -6.65 -49.82 33.15
C ARG A 304 -8.05 -49.29 33.45
N PHE A 305 -8.55 -48.46 32.54
CA PHE A 305 -9.89 -47.89 32.68
C PHE A 305 -10.59 -47.94 31.32
N PRO A 306 -11.06 -49.15 30.95
CA PRO A 306 -11.75 -49.40 29.68
C PRO A 306 -13.04 -48.60 29.55
N ALA A 307 -13.56 -48.10 30.66
CA ALA A 307 -14.77 -47.30 30.65
C ALA A 307 -14.56 -46.16 29.65
N LEU A 308 -13.34 -45.61 29.62
CA LEU A 308 -13.02 -44.53 28.70
C LEU A 308 -13.20 -44.98 27.26
N THR A 309 -12.97 -46.27 27.02
CA THR A 309 -13.11 -46.84 25.68
C THR A 309 -14.59 -47.06 25.34
N LEU A 310 -15.35 -47.53 26.33
CA LEU A 310 -16.78 -47.76 26.13
C LEU A 310 -17.46 -46.43 25.79
N ALA A 311 -17.04 -45.35 26.46
CA ALA A 311 -17.61 -44.02 26.20
C ALA A 311 -17.32 -43.55 24.79
N MET A 312 -16.06 -43.67 24.39
CA MET A 312 -15.65 -43.26 23.07
C MET A 312 -16.42 -43.94 21.97
N GLU A 313 -16.52 -45.26 22.10
CA GLU A 313 -17.23 -46.06 21.11
C GLU A 313 -18.70 -45.62 21.00
N SER A 314 -19.39 -45.53 22.13
CA SER A 314 -20.78 -45.12 22.16
C SER A 314 -21.06 -43.85 21.37
N ILE A 315 -20.27 -42.80 21.60
CA ILE A 315 -20.46 -41.55 20.89
C ILE A 315 -20.11 -41.78 19.42
N LYS A 316 -19.05 -42.56 19.22
CA LYS A 316 -18.56 -42.89 17.88
C LYS A 316 -19.68 -43.54 17.09
N SER A 317 -20.31 -44.53 17.72
CA SER A 317 -21.42 -45.25 17.13
C SER A 317 -22.61 -44.30 17.04
N GLY A 318 -22.93 -43.66 18.16
CA GLY A 318 -24.03 -42.72 18.18
C GLY A 318 -25.38 -43.30 18.58
N GLY A 319 -26.42 -42.56 18.24
CA GLY A 319 -27.78 -42.99 18.55
C GLY A 319 -28.08 -43.13 20.02
N ALA A 320 -28.60 -44.30 20.39
CA ALA A 320 -28.96 -44.57 21.77
C ALA A 320 -27.79 -45.15 22.55
N ARG A 321 -26.65 -45.29 21.90
CA ARG A 321 -25.46 -45.84 22.54
C ARG A 321 -25.14 -45.26 23.91
N PRO A 322 -24.75 -43.97 23.98
CA PRO A 322 -24.42 -43.37 25.26
C PRO A 322 -25.51 -43.52 26.31
N ALA A 323 -26.76 -43.36 25.89
CA ALA A 323 -27.91 -43.48 26.77
C ALA A 323 -27.90 -44.87 27.43
N VAL A 324 -27.66 -45.89 26.62
CA VAL A 324 -27.63 -47.27 27.12
C VAL A 324 -26.48 -47.47 28.10
N MET A 325 -25.29 -47.01 27.71
CA MET A 325 -24.09 -47.13 28.53
C MET A 325 -24.27 -46.50 29.92
N ASN A 326 -24.77 -45.26 29.92
CA ASN A 326 -25.00 -44.53 31.15
C ASN A 326 -25.99 -45.28 32.05
N ALA A 327 -27.10 -45.70 31.44
CA ALA A 327 -28.13 -46.44 32.18
C ALA A 327 -27.50 -47.71 32.72
N ALA A 328 -26.84 -48.46 31.85
CA ALA A 328 -26.19 -49.71 32.24
C ALA A 328 -25.25 -49.48 33.42
N ASN A 329 -24.50 -48.38 33.36
CA ASN A 329 -23.57 -48.06 34.42
C ASN A 329 -24.26 -47.85 35.76
N GLU A 330 -25.38 -47.14 35.74
CA GLU A 330 -26.14 -46.87 36.96
C GLU A 330 -26.41 -48.16 37.74
N ILE A 331 -26.86 -49.21 37.03
CA ILE A 331 -27.17 -50.49 37.65
C ILE A 331 -25.88 -51.19 38.14
N ALA A 332 -24.89 -51.27 37.25
CA ALA A 332 -23.62 -51.91 37.58
C ALA A 332 -22.98 -51.32 38.82
N VAL A 333 -23.02 -50.00 38.95
CA VAL A 333 -22.42 -49.35 40.11
C VAL A 333 -23.16 -49.69 41.40
N ALA A 334 -24.47 -49.54 41.37
CA ALA A 334 -25.31 -49.83 42.52
C ALA A 334 -25.07 -51.29 42.93
N ALA A 335 -24.79 -52.15 41.94
CA ALA A 335 -24.52 -53.55 42.20
C ALA A 335 -23.22 -53.65 43.00
N PHE A 336 -22.16 -53.00 42.53
CA PHE A 336 -20.88 -53.02 43.23
C PHE A 336 -21.05 -52.52 44.65
N LEU A 337 -21.72 -51.39 44.81
CA LEU A 337 -21.95 -50.83 46.14
C LEU A 337 -22.74 -51.79 47.03
N ASP A 338 -23.68 -52.52 46.43
CA ASP A 338 -24.49 -53.47 47.18
C ASP A 338 -23.71 -54.78 47.31
N LYS A 339 -22.40 -54.68 47.07
CA LYS A 339 -21.48 -55.79 47.18
C LYS A 339 -21.90 -57.05 46.42
N LYS A 340 -22.66 -56.89 45.35
CA LYS A 340 -23.10 -58.03 44.56
C LYS A 340 -22.09 -58.37 43.47
N ILE A 341 -21.25 -57.41 43.13
CA ILE A 341 -20.24 -57.61 42.09
C ILE A 341 -18.89 -57.01 42.51
N GLY A 342 -17.87 -57.29 41.71
CA GLY A 342 -16.55 -56.76 41.98
C GLY A 342 -16.39 -55.42 41.29
N PHE A 343 -15.37 -54.67 41.70
CA PHE A 343 -15.10 -53.37 41.11
C PHE A 343 -14.86 -53.44 39.60
N LEU A 344 -14.05 -54.40 39.16
CA LEU A 344 -13.75 -54.52 37.73
C LEU A 344 -14.90 -55.06 36.90
N ASP A 345 -15.97 -55.48 37.57
CA ASP A 345 -17.16 -56.02 36.89
C ASP A 345 -18.00 -54.92 36.28
N ILE A 346 -18.02 -53.78 36.95
CA ILE A 346 -18.80 -52.62 36.52
C ILE A 346 -18.63 -52.34 35.03
N ALA A 347 -17.38 -52.25 34.57
CA ALA A 347 -17.12 -51.99 33.16
C ALA A 347 -17.55 -53.18 32.29
N LYS A 348 -17.48 -54.37 32.87
CA LYS A 348 -17.85 -55.59 32.17
C LYS A 348 -19.34 -55.58 31.85
N ILE A 349 -20.14 -55.33 32.87
CA ILE A 349 -21.60 -55.28 32.71
C ILE A 349 -22.03 -54.24 31.67
N VAL A 350 -21.54 -53.01 31.82
CA VAL A 350 -21.87 -51.94 30.89
C VAL A 350 -21.50 -52.33 29.46
N GLU A 351 -20.38 -53.03 29.33
CA GLU A 351 -19.87 -53.49 28.05
C GLU A 351 -20.84 -54.49 27.42
N LYS A 352 -21.24 -55.47 28.22
CA LYS A 352 -22.17 -56.51 27.76
C LYS A 352 -23.47 -55.88 27.27
N THR A 353 -24.14 -55.16 28.17
CA THR A 353 -25.41 -54.52 27.87
C THR A 353 -25.36 -53.75 26.56
N LEU A 354 -24.33 -52.93 26.38
CA LEU A 354 -24.20 -52.14 25.15
C LEU A 354 -24.21 -53.01 23.91
N ASP A 355 -23.80 -54.26 24.07
CA ASP A 355 -23.75 -55.18 22.95
C ASP A 355 -25.03 -55.96 22.73
N HIS A 356 -25.81 -56.14 23.78
CA HIS A 356 -27.06 -56.89 23.70
C HIS A 356 -28.30 -56.03 23.49
N TYR A 357 -28.15 -54.71 23.65
CA TYR A 357 -29.26 -53.78 23.49
C TYR A 357 -28.84 -52.58 22.63
N THR A 358 -29.46 -52.44 21.45
CA THR A 358 -29.14 -51.35 20.54
C THR A 358 -30.37 -50.70 19.92
N PRO A 359 -31.30 -50.18 20.75
CA PRO A 359 -32.50 -49.54 20.22
C PRO A 359 -32.22 -48.41 19.24
N ALA A 360 -33.27 -47.87 18.63
CA ALA A 360 -33.12 -46.79 17.65
C ALA A 360 -32.98 -45.45 18.37
N THR A 361 -32.34 -44.50 17.70
CA THR A 361 -32.15 -43.17 18.30
C THR A 361 -33.49 -42.60 18.75
N PRO A 362 -33.52 -41.95 19.94
CA PRO A 362 -34.74 -41.36 20.49
C PRO A 362 -35.24 -40.19 19.65
N SER A 363 -36.55 -40.00 19.63
CA SER A 363 -37.16 -38.91 18.88
C SER A 363 -37.81 -37.94 19.87
N SER A 364 -38.04 -38.44 21.08
CA SER A 364 -38.67 -37.65 22.14
C SER A 364 -38.18 -38.14 23.50
N LEU A 365 -38.44 -37.36 24.54
CA LEU A 365 -38.04 -37.74 25.89
C LEU A 365 -38.74 -39.03 26.30
N GLU A 366 -39.87 -39.31 25.64
CA GLU A 366 -40.61 -40.52 25.93
C GLU A 366 -39.80 -41.73 25.48
N ASP A 367 -39.09 -41.59 24.35
CA ASP A 367 -38.26 -42.67 23.84
C ASP A 367 -37.07 -42.86 24.78
N VAL A 368 -36.48 -41.73 25.19
CA VAL A 368 -35.35 -41.73 26.10
C VAL A 368 -35.66 -42.43 27.41
N PHE A 369 -36.79 -42.06 28.03
CA PHE A 369 -37.20 -42.70 29.29
C PHE A 369 -37.33 -44.20 29.08
N ALA A 370 -37.75 -44.59 27.87
CA ALA A 370 -37.94 -45.99 27.49
C ALA A 370 -36.60 -46.72 27.45
N ILE A 371 -35.72 -46.26 26.56
CA ILE A 371 -34.40 -46.84 26.42
C ILE A 371 -33.73 -46.99 27.79
N ASP A 372 -33.74 -45.94 28.59
CA ASP A 372 -33.13 -46.00 29.91
C ASP A 372 -33.67 -47.17 30.70
N ASN A 373 -35.00 -47.21 30.85
CA ASN A 373 -35.68 -48.27 31.57
C ASN A 373 -35.35 -49.67 31.04
N GLU A 374 -35.23 -49.80 29.72
CA GLU A 374 -34.91 -51.07 29.10
C GLU A 374 -33.47 -51.46 29.44
N ALA A 375 -32.53 -50.56 29.14
CA ALA A 375 -31.12 -50.78 29.43
C ALA A 375 -30.95 -51.20 30.89
N ARG A 376 -31.66 -50.53 31.79
CA ARG A 376 -31.59 -50.85 33.21
C ARG A 376 -32.02 -52.29 33.49
N ILE A 377 -33.08 -52.77 32.83
CA ILE A 377 -33.52 -54.15 33.05
C ILE A 377 -32.55 -55.13 32.40
N GLN A 378 -32.07 -54.79 31.21
CA GLN A 378 -31.12 -55.61 30.47
C GLN A 378 -29.86 -55.79 31.34
N ALA A 379 -29.30 -54.68 31.78
CA ALA A 379 -28.09 -54.69 32.60
C ALA A 379 -28.26 -55.51 33.87
N ALA A 380 -29.35 -55.25 34.60
CA ALA A 380 -29.62 -55.99 35.83
C ALA A 380 -29.63 -57.50 35.56
N ALA A 381 -30.09 -57.89 34.38
CA ALA A 381 -30.16 -59.29 33.99
C ALA A 381 -28.74 -59.85 33.87
N LEU A 382 -27.99 -59.33 32.92
CA LEU A 382 -26.61 -59.74 32.68
C LEU A 382 -25.81 -59.69 33.98
N MET A 383 -26.07 -58.67 34.79
CA MET A 383 -25.40 -58.47 36.08
C MET A 383 -25.52 -59.72 36.96
N GLU A 384 -26.68 -60.35 36.89
CA GLU A 384 -26.95 -61.56 37.67
C GLU A 384 -26.86 -62.81 36.81
N SER A 385 -25.74 -62.97 36.12
CA SER A 385 -25.52 -64.14 35.27
C SER A 385 -24.24 -64.84 35.71
N LEU A 386 -23.26 -64.07 36.17
CA LEU A 386 -22.00 -64.62 36.64
C LEU A 386 -21.95 -64.65 38.17
N GLN B 3 -9.87 -6.50 -1.31
CA GLN B 3 -9.88 -7.78 -0.53
C GLN B 3 -8.57 -7.98 0.22
N PRO B 4 -7.42 -7.90 -0.48
CA PRO B 4 -6.14 -8.08 0.21
C PRO B 4 -5.95 -7.00 1.27
N ARG B 5 -5.51 -7.41 2.44
CA ARG B 5 -5.26 -6.45 3.51
C ARG B 5 -3.83 -5.92 3.37
N THR B 6 -3.69 -4.61 3.24
CA THR B 6 -2.37 -3.99 3.09
C THR B 6 -1.55 -4.15 4.36
N VAL B 7 -0.27 -4.46 4.16
CA VAL B 7 0.65 -4.71 5.26
C VAL B 7 2.02 -4.01 5.15
N THR B 8 2.53 -3.53 6.29
CA THR B 8 3.84 -2.89 6.32
C THR B 8 4.61 -3.43 7.52
N VAL B 9 5.91 -3.63 7.32
CA VAL B 9 6.73 -4.16 8.40
C VAL B 9 7.95 -3.29 8.65
N LEU B 10 8.01 -2.67 9.82
CA LEU B 10 9.16 -1.83 10.16
C LEU B 10 10.13 -2.77 10.88
N GLY B 11 11.29 -3.00 10.28
CA GLY B 11 12.28 -3.90 10.86
C GLY B 11 11.98 -5.31 10.37
N ALA B 12 11.84 -5.42 9.05
CA ALA B 12 11.51 -6.70 8.44
C ALA B 12 12.61 -7.73 8.36
N THR B 13 13.83 -7.37 8.78
CA THR B 13 14.95 -8.29 8.71
C THR B 13 15.46 -8.92 10.00
N GLY B 14 14.80 -8.66 11.12
CA GLY B 14 15.25 -9.24 12.37
C GLY B 14 14.56 -10.57 12.56
N SER B 15 14.49 -11.05 13.80
CA SER B 15 13.81 -12.31 14.06
C SER B 15 12.29 -12.11 13.97
N ILE B 16 11.78 -11.05 14.59
CA ILE B 16 10.35 -10.79 14.54
C ILE B 16 9.96 -10.56 13.08
N GLY B 17 10.71 -9.70 12.41
CA GLY B 17 10.41 -9.41 11.02
C GLY B 17 10.33 -10.68 10.20
N HIS B 18 11.24 -11.60 10.47
CA HIS B 18 11.27 -12.87 9.74
C HIS B 18 10.04 -13.73 9.97
N SER B 19 9.77 -14.00 11.24
CA SER B 19 8.61 -14.79 11.57
C SER B 19 7.38 -14.14 10.94
N THR B 20 7.36 -12.79 10.92
CA THR B 20 6.23 -12.06 10.37
C THR B 20 6.05 -12.29 8.87
N LEU B 21 7.14 -12.14 8.13
CA LEU B 21 7.11 -12.35 6.68
C LEU B 21 6.81 -13.83 6.41
N ASP B 22 7.28 -14.71 7.29
CA ASP B 22 7.02 -16.14 7.12
C ASP B 22 5.51 -16.38 7.07
N LEU B 23 4.74 -15.69 7.91
CA LEU B 23 3.29 -15.87 7.92
C LEU B 23 2.65 -15.14 6.76
N ILE B 24 3.20 -13.97 6.41
CA ILE B 24 2.66 -13.18 5.30
C ILE B 24 2.83 -13.90 3.96
N GLU B 25 4.03 -14.45 3.72
CA GLU B 25 4.31 -15.13 2.46
C GLU B 25 3.52 -16.45 2.31
N ARG B 26 3.14 -17.06 3.43
CA ARG B 26 2.36 -18.30 3.37
C ARG B 26 0.93 -17.98 2.95
N ASN B 27 0.53 -16.72 3.08
CA ASN B 27 -0.83 -16.28 2.75
C ASN B 27 -0.71 -15.05 1.85
N LEU B 28 0.31 -15.04 1.01
CA LEU B 28 0.52 -13.90 0.12
C LEU B 28 -0.74 -13.47 -0.60
N ASP B 29 -1.70 -14.38 -0.70
CA ASP B 29 -2.94 -14.06 -1.41
C ASP B 29 -3.89 -13.18 -0.59
N ARG B 30 -3.68 -13.13 0.72
CA ARG B 30 -4.52 -12.33 1.62
C ARG B 30 -3.93 -10.97 1.94
N TYR B 31 -2.64 -10.81 1.69
CA TYR B 31 -2.00 -9.56 2.02
C TYR B 31 -1.26 -8.90 0.88
N GLN B 32 -1.28 -7.58 0.89
CA GLN B 32 -0.60 -6.78 -0.10
C GLN B 32 0.45 -5.97 0.68
N VAL B 33 1.73 -6.33 0.53
CA VAL B 33 2.80 -5.64 1.22
C VAL B 33 3.03 -4.24 0.68
N ILE B 34 2.95 -3.25 1.56
CA ILE B 34 3.18 -1.86 1.16
C ILE B 34 4.67 -1.52 1.31
N ALA B 35 5.17 -1.47 2.54
CA ALA B 35 6.56 -1.15 2.79
C ALA B 35 7.25 -2.13 3.72
N LEU B 36 8.55 -2.31 3.50
CA LEU B 36 9.37 -3.17 4.35
C LEU B 36 10.59 -2.34 4.68
N THR B 37 11.07 -2.43 5.92
CA THR B 37 12.26 -1.66 6.24
C THR B 37 13.31 -2.53 6.88
N ALA B 38 14.53 -2.00 6.83
CA ALA B 38 15.71 -2.61 7.41
C ALA B 38 16.67 -1.47 7.72
N ASN B 39 17.76 -1.76 8.43
CA ASN B 39 18.76 -0.74 8.78
C ASN B 39 20.00 -0.81 7.93
N ARG B 40 20.66 -1.96 7.98
CA ARG B 40 21.89 -2.16 7.23
C ARG B 40 21.89 -3.44 6.41
N ASN B 41 20.95 -4.34 6.70
CA ASN B 41 20.90 -5.58 5.96
C ASN B 41 20.19 -5.44 4.62
N VAL B 42 20.83 -4.77 3.69
CA VAL B 42 20.27 -4.54 2.35
C VAL B 42 19.92 -5.82 1.58
N LYS B 43 20.64 -6.91 1.87
CA LYS B 43 20.40 -8.17 1.19
C LYS B 43 19.03 -8.76 1.53
N ASP B 44 18.79 -9.09 2.80
CA ASP B 44 17.50 -9.64 3.21
C ASP B 44 16.37 -8.69 2.83
N LEU B 45 16.58 -7.39 3.06
CA LEU B 45 15.56 -6.39 2.75
C LEU B 45 15.13 -6.44 1.28
N ALA B 46 16.08 -6.35 0.36
CA ALA B 46 15.75 -6.39 -1.06
C ALA B 46 15.18 -7.74 -1.45
N ASP B 47 15.69 -8.79 -0.83
CA ASP B 47 15.17 -10.12 -1.11
C ASP B 47 13.72 -10.18 -0.64
N ALA B 48 13.45 -9.78 0.61
CA ALA B 48 12.09 -9.81 1.15
C ALA B 48 11.17 -8.94 0.30
N ALA B 49 11.64 -7.73 -0.01
CA ALA B 49 10.85 -6.81 -0.81
C ALA B 49 10.41 -7.48 -2.10
N LYS B 50 11.37 -8.06 -2.82
CA LYS B 50 11.07 -8.73 -4.08
C LYS B 50 10.15 -9.95 -3.94
N ARG B 51 10.38 -10.78 -2.93
CA ARG B 51 9.54 -11.96 -2.72
C ARG B 51 8.07 -11.63 -2.50
N THR B 52 7.80 -10.53 -1.79
CA THR B 52 6.43 -10.13 -1.51
C THR B 52 5.93 -9.07 -2.49
N ASN B 53 6.79 -8.66 -3.41
CA ASN B 53 6.39 -7.64 -4.37
C ASN B 53 5.91 -6.40 -3.63
N ALA B 54 6.70 -5.98 -2.64
CA ALA B 54 6.37 -4.81 -1.85
C ALA B 54 6.39 -3.56 -2.71
N LYS B 55 5.73 -2.50 -2.24
CA LYS B 55 5.72 -1.24 -2.97
C LYS B 55 6.95 -0.41 -2.73
N ARG B 56 7.45 -0.44 -1.50
CA ARG B 56 8.64 0.32 -1.16
C ARG B 56 9.49 -0.43 -0.17
N ALA B 57 10.80 -0.23 -0.29
CA ALA B 57 11.78 -0.84 0.59
C ALA B 57 12.61 0.33 1.11
N VAL B 58 12.80 0.40 2.42
CA VAL B 58 13.57 1.51 3.00
C VAL B 58 14.70 0.98 3.84
N ILE B 59 15.89 1.49 3.57
CA ILE B 59 17.07 1.12 4.32
C ILE B 59 17.35 2.35 5.20
N ALA B 60 17.38 2.14 6.52
CA ALA B 60 17.59 3.20 7.51
C ALA B 60 18.88 3.98 7.27
N ASP B 61 19.98 3.25 7.21
CA ASP B 61 21.28 3.85 6.99
C ASP B 61 21.30 4.57 5.63
N PRO B 62 21.47 5.91 5.64
CA PRO B 62 21.49 6.67 4.38
C PRO B 62 22.67 6.28 3.50
N SER B 63 23.75 5.80 4.11
CA SER B 63 24.93 5.44 3.36
C SER B 63 24.74 4.21 2.49
N LEU B 64 23.76 3.37 2.83
CA LEU B 64 23.50 2.16 2.07
C LEU B 64 22.44 2.38 1.01
N TYR B 65 22.09 3.63 0.77
CA TYR B 65 21.06 3.93 -0.21
C TYR B 65 21.31 3.39 -1.62
N ASN B 66 22.52 3.56 -2.14
CA ASN B 66 22.80 3.07 -3.49
C ASN B 66 22.77 1.56 -3.62
N ASP B 67 23.15 0.83 -2.56
CA ASP B 67 23.11 -0.63 -2.61
C ASP B 67 21.67 -1.12 -2.77
N LEU B 68 20.76 -0.60 -1.94
CA LEU B 68 19.36 -0.98 -2.01
C LEU B 68 18.86 -0.72 -3.43
N LYS B 69 19.13 0.48 -3.91
CA LYS B 69 18.72 0.88 -5.25
C LYS B 69 19.25 -0.09 -6.31
N GLU B 70 20.48 -0.55 -6.14
CA GLU B 70 21.06 -1.48 -7.10
C GLU B 70 20.53 -2.88 -6.90
N ALA B 71 20.31 -3.26 -5.64
CA ALA B 71 19.79 -4.58 -5.32
C ALA B 71 18.37 -4.75 -5.86
N LEU B 72 17.65 -3.65 -6.00
CA LEU B 72 16.28 -3.67 -6.49
C LEU B 72 16.20 -3.24 -7.94
N ALA B 73 17.33 -3.32 -8.63
CA ALA B 73 17.39 -2.94 -10.05
C ALA B 73 16.47 -3.83 -10.88
N GLY B 74 15.73 -3.22 -11.80
CA GLY B 74 14.81 -3.97 -12.63
C GLY B 74 13.55 -4.38 -11.90
N SER B 75 13.54 -4.17 -10.59
CA SER B 75 12.40 -4.50 -9.74
C SER B 75 11.39 -3.36 -9.74
N SER B 76 10.15 -3.64 -9.35
CA SER B 76 9.11 -2.61 -9.29
C SER B 76 9.05 -1.98 -7.90
N VAL B 77 9.88 -2.47 -6.99
CA VAL B 77 9.90 -1.94 -5.63
C VAL B 77 10.66 -0.61 -5.61
N GLU B 78 10.05 0.41 -4.99
CA GLU B 78 10.67 1.73 -4.86
C GLU B 78 11.76 1.62 -3.80
N ALA B 79 12.79 2.46 -3.89
CA ALA B 79 13.88 2.47 -2.94
C ALA B 79 13.94 3.77 -2.14
N ALA B 80 14.33 3.67 -0.87
CA ALA B 80 14.44 4.85 -0.02
C ALA B 80 15.39 4.53 1.13
N ALA B 81 15.98 5.58 1.70
CA ALA B 81 16.91 5.45 2.81
C ALA B 81 16.86 6.64 3.76
N GLY B 82 17.35 6.44 4.98
CA GLY B 82 17.35 7.51 5.95
C GLY B 82 16.29 7.37 7.02
N ALA B 83 16.49 8.08 8.11
CA ALA B 83 15.57 8.06 9.24
C ALA B 83 14.19 8.55 8.85
N ASP B 84 14.12 9.65 8.10
CA ASP B 84 12.83 10.20 7.69
C ASP B 84 12.04 9.25 6.79
N ALA B 85 12.76 8.51 5.95
CA ALA B 85 12.12 7.58 5.04
C ALA B 85 11.36 6.53 5.83
N LEU B 86 11.87 6.20 7.02
CA LEU B 86 11.19 5.21 7.85
C LEU B 86 9.85 5.80 8.27
N VAL B 87 9.88 7.02 8.79
CA VAL B 87 8.67 7.70 9.23
C VAL B 87 7.67 7.81 8.07
N GLU B 88 8.17 8.16 6.90
CA GLU B 88 7.33 8.28 5.71
C GLU B 88 6.68 6.95 5.35
N ALA B 89 7.44 5.85 5.47
CA ALA B 89 6.93 4.52 5.14
C ALA B 89 5.86 4.12 6.16
N ALA B 90 6.05 4.55 7.40
CA ALA B 90 5.06 4.23 8.42
C ALA B 90 3.76 4.98 8.16
N MET B 91 3.83 6.04 7.34
CA MET B 91 2.66 6.86 7.02
C MET B 91 2.03 6.51 5.67
N MET B 92 2.52 5.48 5.01
CA MET B 92 1.97 5.10 3.70
C MET B 92 0.53 4.57 3.67
N GLY B 93 -0.05 4.31 4.85
CA GLY B 93 -1.44 3.88 4.91
C GLY B 93 -1.77 2.41 5.12
N ALA B 94 -0.77 1.60 5.45
CA ALA B 94 -0.98 0.17 5.68
C ALA B 94 -2.03 -0.10 6.75
N ASP B 95 -2.96 -1.00 6.47
CA ASP B 95 -4.02 -1.31 7.42
C ASP B 95 -3.45 -2.06 8.63
N TRP B 96 -2.35 -2.77 8.42
CA TRP B 96 -1.70 -3.52 9.49
C TRP B 96 -0.20 -3.20 9.46
N THR B 97 0.34 -2.71 10.57
CA THR B 97 1.76 -2.35 10.65
C THR B 97 2.48 -3.09 11.78
N MET B 98 3.57 -3.77 11.45
CA MET B 98 4.37 -4.48 12.42
C MET B 98 5.51 -3.55 12.83
N ALA B 99 5.47 -3.07 14.06
CA ALA B 99 6.52 -2.17 14.53
C ALA B 99 7.58 -3.04 15.20
N ALA B 100 8.60 -3.41 14.42
CA ALA B 100 9.69 -4.26 14.92
C ALA B 100 11.05 -3.55 14.99
N ILE B 101 11.08 -2.23 14.82
CA ILE B 101 12.32 -1.48 14.93
C ILE B 101 12.45 -1.15 16.43
N ILE B 102 13.47 -1.69 17.08
CA ILE B 102 13.64 -1.48 18.52
C ILE B 102 14.52 -0.30 18.93
N GLY B 103 14.29 0.20 20.14
CA GLY B 103 15.06 1.32 20.65
C GLY B 103 14.57 2.67 20.19
N CYS B 104 15.19 3.73 20.69
CA CYS B 104 14.79 5.09 20.34
C CYS B 104 14.70 5.32 18.83
N ALA B 105 15.38 4.47 18.05
CA ALA B 105 15.42 4.58 16.60
C ALA B 105 14.11 4.24 15.91
N GLY B 106 13.25 3.52 16.63
CA GLY B 106 11.96 3.16 16.06
C GLY B 106 10.79 3.90 16.69
N LEU B 107 11.03 4.84 17.61
CA LEU B 107 9.94 5.57 18.24
C LEU B 107 9.16 6.49 17.30
N LYS B 108 9.87 7.22 16.43
CA LYS B 108 9.23 8.12 15.47
C LYS B 108 8.30 7.37 14.51
N ALA B 109 8.83 6.31 13.88
CA ALA B 109 8.06 5.49 12.94
C ALA B 109 6.84 4.87 13.63
N THR B 110 7.08 4.27 14.79
CA THR B 110 6.03 3.63 15.56
C THR B 110 4.90 4.62 15.86
N LEU B 111 5.26 5.79 16.38
CA LEU B 111 4.27 6.81 16.72
C LEU B 111 3.56 7.28 15.45
N ALA B 112 4.28 7.40 14.35
CA ALA B 112 3.67 7.83 13.10
C ALA B 112 2.62 6.80 12.66
N ALA B 113 2.99 5.52 12.70
CA ALA B 113 2.08 4.44 12.31
C ALA B 113 0.82 4.46 13.18
N ILE B 114 1.01 4.65 14.49
CA ILE B 114 -0.10 4.71 15.43
C ILE B 114 -1.07 5.83 15.06
N ARG B 115 -0.54 7.03 14.79
CA ARG B 115 -1.37 8.18 14.42
C ARG B 115 -2.20 7.97 13.18
N LYS B 116 -1.90 6.91 12.44
CA LYS B 116 -2.64 6.59 11.24
C LYS B 116 -3.98 5.95 11.59
N GLY B 117 -4.13 5.59 12.85
CA GLY B 117 -5.39 5.01 13.30
C GLY B 117 -5.79 3.62 12.88
N LYS B 118 -4.93 2.89 12.19
CA LYS B 118 -5.30 1.52 11.80
C LYS B 118 -4.80 0.52 12.84
N THR B 119 -4.29 -0.62 12.40
CA THR B 119 -3.79 -1.64 13.33
C THR B 119 -2.27 -1.67 13.43
N VAL B 120 -1.77 -1.65 14.66
CA VAL B 120 -0.34 -1.65 14.89
C VAL B 120 0.12 -2.75 15.84
N ALA B 121 0.78 -3.77 15.29
CA ALA B 121 1.28 -4.86 16.11
C ALA B 121 2.60 -4.33 16.74
N LEU B 122 2.59 -4.21 18.07
CA LEU B 122 3.75 -3.69 18.75
C LEU B 122 4.77 -4.76 19.15
N ALA B 123 5.96 -4.68 18.56
CA ALA B 123 7.03 -5.61 18.89
C ALA B 123 8.06 -4.78 19.64
N ASN B 124 8.05 -3.48 19.33
CA ASN B 124 8.91 -2.48 19.94
C ASN B 124 8.37 -2.22 21.36
N LYS B 125 8.63 -3.13 22.31
CA LYS B 125 8.13 -2.96 23.69
C LYS B 125 8.69 -1.72 24.35
N GLU B 126 9.96 -1.45 24.07
CA GLU B 126 10.66 -0.30 24.63
C GLU B 126 9.85 0.99 24.49
N SER B 127 9.06 1.08 23.43
CA SER B 127 8.22 2.26 23.19
C SER B 127 7.48 2.65 24.48
N LEU B 128 6.72 1.69 25.02
CA LEU B 128 5.91 1.91 26.20
C LEU B 128 6.64 2.33 27.47
N VAL B 129 7.87 1.87 27.62
CA VAL B 129 8.66 2.21 28.80
C VAL B 129 9.09 3.67 28.77
N SER B 130 9.57 4.11 27.60
CA SER B 130 10.04 5.48 27.48
C SER B 130 8.98 6.49 27.03
N ALA B 131 8.03 6.04 26.23
CA ALA B 131 6.99 6.89 25.70
C ALA B 131 5.58 6.29 25.84
N GLY B 132 5.40 5.42 26.83
CA GLY B 132 4.11 4.82 27.04
C GLY B 132 2.95 5.81 27.06
N GLY B 133 3.07 6.86 27.89
CA GLY B 133 2.03 7.87 28.01
C GLY B 133 1.64 8.50 26.68
N LEU B 134 2.64 8.93 25.91
CA LEU B 134 2.39 9.52 24.60
C LEU B 134 1.73 8.48 23.68
N MET B 135 2.34 7.31 23.55
CA MET B 135 1.83 6.22 22.71
C MET B 135 0.35 5.95 22.95
N ILE B 136 -0.03 5.87 24.23
CA ILE B 136 -1.41 5.57 24.55
C ILE B 136 -2.33 6.73 24.23
N ASP B 137 -1.81 7.95 24.32
CA ASP B 137 -2.64 9.12 24.01
C ASP B 137 -3.00 9.10 22.54
N ALA B 138 -2.00 8.85 21.71
CA ALA B 138 -2.20 8.78 20.28
C ALA B 138 -3.17 7.66 19.90
N VAL B 139 -3.11 6.53 20.59
CA VAL B 139 -4.02 5.42 20.33
C VAL B 139 -5.45 5.88 20.62
N ARG B 140 -5.61 6.56 21.75
CA ARG B 140 -6.92 7.06 22.17
C ARG B 140 -7.44 8.10 21.18
N GLU B 141 -6.54 9.00 20.79
CA GLU B 141 -6.87 10.07 19.88
C GLU B 141 -7.22 9.63 18.46
N HIS B 142 -6.51 8.62 17.95
CA HIS B 142 -6.77 8.17 16.60
C HIS B 142 -7.54 6.85 16.47
N GLY B 143 -7.99 6.32 17.61
CA GLY B 143 -8.74 5.07 17.60
C GLY B 143 -7.97 3.93 16.99
N THR B 144 -6.67 3.91 17.29
CA THR B 144 -5.78 2.88 16.79
C THR B 144 -5.96 1.57 17.53
N THR B 145 -5.82 0.47 16.79
CA THR B 145 -5.92 -0.87 17.38
C THR B 145 -4.50 -1.33 17.66
N LEU B 146 -4.11 -1.26 18.93
CA LEU B 146 -2.77 -1.63 19.38
C LEU B 146 -2.73 -3.09 19.81
N LEU B 147 -1.90 -3.88 19.15
CA LEU B 147 -1.82 -5.28 19.49
C LEU B 147 -0.41 -5.69 19.90
N PRO B 148 -0.24 -6.09 21.16
CA PRO B 148 1.08 -6.51 21.67
C PRO B 148 1.53 -7.83 21.03
N VAL B 149 2.74 -7.84 20.50
CA VAL B 149 3.32 -9.00 19.83
C VAL B 149 4.14 -9.85 20.79
N ASP B 150 4.77 -9.19 21.73
CA ASP B 150 5.61 -9.85 22.72
C ASP B 150 4.83 -10.97 23.44
N SER B 151 5.53 -12.05 23.75
CA SER B 151 4.98 -13.23 24.41
C SER B 151 4.10 -13.01 25.63
N GLU B 152 4.60 -12.31 26.62
CA GLU B 152 3.82 -12.09 27.84
C GLU B 152 2.57 -11.23 27.61
N HIS B 153 2.76 -10.07 26.98
CA HIS B 153 1.65 -9.16 26.74
C HIS B 153 0.64 -9.73 25.75
N ASN B 154 1.08 -10.64 24.88
CA ASN B 154 0.15 -11.20 23.93
C ASN B 154 -0.66 -12.24 24.66
N ALA B 155 -0.03 -12.96 25.57
CA ALA B 155 -0.73 -13.98 26.34
C ALA B 155 -1.81 -13.28 27.15
N ILE B 156 -1.42 -12.20 27.83
CA ILE B 156 -2.35 -11.41 28.65
C ILE B 156 -3.51 -10.89 27.80
N PHE B 157 -3.20 -10.29 26.67
CA PHE B 157 -4.21 -9.76 25.77
C PHE B 157 -5.25 -10.82 25.35
N GLN B 158 -4.79 -12.05 25.08
CA GLN B 158 -5.69 -13.14 24.69
C GLN B 158 -6.60 -13.59 25.82
N CYS B 159 -6.21 -13.27 27.05
CA CYS B 159 -6.97 -13.62 28.25
C CYS B 159 -7.63 -12.40 28.90
N PHE B 160 -7.44 -11.23 28.29
CA PHE B 160 -7.96 -9.98 28.82
C PHE B 160 -9.36 -9.57 28.34
N PRO B 161 -10.16 -8.98 29.24
CA PRO B 161 -11.52 -8.52 28.95
C PRO B 161 -11.47 -7.09 28.43
N HIS B 162 -11.20 -6.93 27.14
CA HIS B 162 -11.13 -5.59 26.56
C HIS B 162 -12.53 -4.95 26.70
N HIS B 163 -12.55 -3.66 27.00
CA HIS B 163 -13.79 -2.90 27.20
C HIS B 163 -14.40 -3.15 28.58
N ASN B 164 -13.67 -3.88 29.43
CA ASN B 164 -14.12 -4.18 30.78
C ASN B 164 -12.97 -4.44 31.74
N ARG B 165 -12.07 -3.47 31.89
CA ARG B 165 -10.93 -3.61 32.79
C ARG B 165 -11.39 -3.94 34.21
N ASP B 166 -12.55 -3.41 34.56
CA ASP B 166 -13.13 -3.60 35.87
C ASP B 166 -13.40 -5.07 36.23
N TYR B 167 -13.35 -5.94 35.23
CA TYR B 167 -13.60 -7.37 35.44
C TYR B 167 -12.36 -8.11 35.93
N VAL B 168 -11.20 -7.47 35.79
CA VAL B 168 -9.94 -8.07 36.20
C VAL B 168 -9.62 -7.92 37.69
N ARG B 169 -9.27 -9.03 38.32
CA ARG B 169 -8.89 -9.00 39.73
C ARG B 169 -7.36 -8.88 39.80
N ARG B 170 -6.67 -9.54 38.87
CA ARG B 170 -5.21 -9.47 38.81
C ARG B 170 -4.66 -10.02 37.49
N ILE B 171 -3.43 -9.61 37.16
CA ILE B 171 -2.77 -10.04 35.95
C ILE B 171 -1.48 -10.64 36.44
N ILE B 172 -1.19 -11.87 36.06
CA ILE B 172 0.01 -12.53 36.50
C ILE B 172 0.97 -12.62 35.34
N ILE B 173 2.14 -12.02 35.50
CA ILE B 173 3.15 -12.03 34.47
C ILE B 173 4.12 -13.11 34.90
N THR B 174 4.10 -14.23 34.18
CA THR B 174 5.00 -15.33 34.51
C THR B 174 6.38 -14.97 34.05
N ALA B 175 7.39 -15.48 34.76
CA ALA B 175 8.77 -15.21 34.43
C ALA B 175 9.55 -16.47 34.69
N SER B 176 10.42 -16.82 33.74
CA SER B 176 11.27 -17.99 33.83
C SER B 176 12.15 -17.93 35.08
N GLY B 177 12.49 -16.72 35.51
CA GLY B 177 13.35 -16.57 36.67
C GLY B 177 14.76 -16.17 36.27
N GLY B 178 15.11 -16.42 35.01
CA GLY B 178 16.43 -16.06 34.55
C GLY B 178 17.45 -17.11 34.95
N PRO B 179 18.68 -17.03 34.42
CA PRO B 179 19.77 -17.97 34.71
C PRO B 179 20.17 -18.08 36.19
N PHE B 180 19.90 -17.03 36.97
CA PHE B 180 20.27 -17.03 38.39
C PHE B 180 19.07 -17.17 39.29
N ARG B 181 18.09 -17.94 38.83
CA ARG B 181 16.90 -18.13 39.62
C ARG B 181 17.22 -18.79 40.96
N THR B 182 18.22 -19.66 40.98
CA THR B 182 18.60 -20.37 42.21
C THR B 182 20.01 -20.01 42.71
N THR B 183 20.47 -18.81 42.35
CA THR B 183 21.81 -18.35 42.71
C THR B 183 21.71 -17.33 43.86
N SER B 184 22.63 -17.42 44.81
CA SER B 184 22.60 -16.48 45.93
C SER B 184 23.23 -15.16 45.54
N LEU B 185 22.81 -14.09 46.21
CA LEU B 185 23.36 -12.75 45.95
C LEU B 185 24.87 -12.79 46.03
N ALA B 186 25.39 -13.62 46.93
CA ALA B 186 26.81 -13.74 47.12
C ALA B 186 27.51 -14.24 45.87
N GLU B 187 26.97 -15.26 45.23
CA GLU B 187 27.60 -15.81 44.04
C GLU B 187 27.39 -14.91 42.84
N MET B 188 26.25 -14.21 42.82
CA MET B 188 25.92 -13.31 41.73
C MET B 188 26.94 -12.19 41.63
N ALA B 189 27.49 -11.80 42.78
CA ALA B 189 28.49 -10.74 42.83
C ALA B 189 29.73 -11.08 42.01
N THR B 190 30.02 -12.37 41.86
CA THR B 190 31.20 -12.83 41.13
C THR B 190 30.93 -13.22 39.67
N VAL B 191 29.69 -13.06 39.24
CA VAL B 191 29.34 -13.42 37.89
C VAL B 191 30.08 -12.60 36.84
N THR B 192 30.54 -13.28 35.80
CA THR B 192 31.26 -12.64 34.71
C THR B 192 30.35 -12.53 33.50
N PRO B 193 30.52 -11.47 32.70
CA PRO B 193 29.73 -11.19 31.49
C PRO B 193 29.64 -12.39 30.58
N GLU B 194 30.67 -13.22 30.62
CA GLU B 194 30.79 -14.43 29.82
C GLU B 194 29.71 -15.45 30.20
N ARG B 195 29.61 -15.66 31.51
CA ARG B 195 28.67 -16.61 32.08
C ARG B 195 27.24 -16.10 32.03
N ALA B 196 27.09 -14.81 32.30
CA ALA B 196 25.79 -14.15 32.32
C ALA B 196 25.11 -14.18 30.95
N VAL B 197 25.91 -14.00 29.91
CA VAL B 197 25.38 -14.02 28.55
C VAL B 197 25.30 -15.43 27.98
N GLN B 198 26.03 -16.39 28.55
CA GLN B 198 25.99 -17.81 28.11
C GLN B 198 24.58 -18.13 27.74
N HIS B 199 24.31 -18.77 26.61
CA HIS B 199 22.92 -18.91 26.26
C HIS B 199 22.51 -19.69 24.94
N PRO B 200 21.17 -19.86 24.95
CA PRO B 200 19.92 -20.30 24.29
C PRO B 200 18.85 -19.36 24.72
N ALA B 206 22.77 -10.36 24.52
CA ALA B 206 23.69 -9.26 24.68
C ALA B 206 23.30 -8.44 25.89
N LYS B 207 22.22 -7.68 25.75
CA LYS B 207 21.68 -6.86 26.81
C LYS B 207 20.47 -7.64 27.27
N ILE B 208 19.83 -8.30 26.31
CA ILE B 208 18.65 -9.09 26.59
C ILE B 208 19.02 -10.15 27.61
N SER B 209 20.15 -10.82 27.40
CA SER B 209 20.61 -11.84 28.32
C SER B 209 20.79 -11.29 29.72
N ILE B 210 21.40 -10.12 29.80
CA ILE B 210 21.66 -9.51 31.09
C ILE B 210 20.40 -8.99 31.79
N ASP B 211 19.42 -8.51 31.02
CA ASP B 211 18.20 -8.01 31.63
C ASP B 211 17.44 -9.22 32.19
N SER B 212 17.67 -10.36 31.56
CA SER B 212 17.05 -11.59 31.99
C SER B 212 17.69 -12.06 33.30
N ALA B 213 18.99 -11.88 33.43
CA ALA B 213 19.71 -12.32 34.62
C ALA B 213 19.42 -11.44 35.84
N THR B 214 19.28 -10.14 35.62
CA THR B 214 18.98 -9.19 36.69
C THR B 214 17.45 -9.06 36.89
N MET B 215 16.69 -9.62 35.95
CA MET B 215 15.24 -9.57 35.97
C MET B 215 14.70 -8.18 35.67
N MET B 216 15.54 -7.37 35.03
CA MET B 216 15.12 -6.02 34.65
C MET B 216 14.10 -6.17 33.51
N ASN B 217 14.24 -7.22 32.72
CA ASN B 217 13.31 -7.48 31.63
C ASN B 217 11.90 -7.67 32.19
N LYS B 218 11.77 -8.21 33.40
CA LYS B 218 10.43 -8.37 33.98
C LYS B 218 9.92 -7.03 34.52
N GLY B 219 10.84 -6.21 35.01
CA GLY B 219 10.46 -4.90 35.53
C GLY B 219 9.92 -4.06 34.39
N LEU B 220 10.62 -4.10 33.25
CA LEU B 220 10.19 -3.37 32.06
C LEU B 220 8.87 -3.95 31.54
N GLU B 221 8.74 -5.28 31.48
CA GLU B 221 7.48 -5.87 31.00
C GLU B 221 6.28 -5.45 31.85
N LEU B 222 6.49 -5.29 33.15
CA LEU B 222 5.45 -4.87 34.09
C LEU B 222 5.04 -3.43 33.73
N ILE B 223 6.03 -2.58 33.49
CA ILE B 223 5.78 -1.20 33.13
C ILE B 223 4.96 -1.20 31.82
N GLU B 224 5.45 -1.92 30.82
CA GLU B 224 4.76 -2.01 29.53
C GLU B 224 3.33 -2.48 29.69
N ALA B 225 3.12 -3.53 30.49
CA ALA B 225 1.79 -4.07 30.72
C ALA B 225 0.88 -3.02 31.33
N PHE B 226 1.44 -2.26 32.27
CA PHE B 226 0.70 -1.20 32.95
C PHE B 226 0.06 -0.22 31.95
N HIS B 227 0.80 0.16 30.91
CA HIS B 227 0.29 1.09 29.90
C HIS B 227 -0.65 0.42 28.89
N LEU B 228 -0.35 -0.82 28.52
CA LEU B 228 -1.19 -1.55 27.57
C LEU B 228 -2.56 -1.88 28.14
N PHE B 229 -2.61 -2.30 29.40
CA PHE B 229 -3.88 -2.70 29.96
C PHE B 229 -4.64 -1.74 30.87
N GLN B 230 -4.01 -0.61 31.19
CA GLN B 230 -4.64 0.44 32.00
C GLN B 230 -5.30 -0.07 33.28
N ILE B 231 -4.56 -0.84 34.06
CA ILE B 231 -5.07 -1.42 35.30
C ILE B 231 -4.21 -0.96 36.48
N PRO B 232 -4.81 -0.78 37.66
CA PRO B 232 -4.01 -0.33 38.80
C PRO B 232 -2.78 -1.23 39.03
N LEU B 233 -1.63 -0.62 39.30
CA LEU B 233 -0.39 -1.37 39.53
C LEU B 233 -0.48 -2.49 40.58
N GLU B 234 -1.30 -2.29 41.60
CA GLU B 234 -1.43 -3.29 42.65
C GLU B 234 -2.12 -4.57 42.18
N LYS B 235 -2.65 -4.54 40.96
CA LYS B 235 -3.32 -5.70 40.41
C LYS B 235 -2.38 -6.60 39.60
N PHE B 236 -1.14 -6.15 39.42
CA PHE B 236 -0.12 -6.93 38.70
C PHE B 236 0.74 -7.77 39.64
N GLU B 237 1.06 -8.99 39.22
CA GLU B 237 1.92 -9.87 40.01
C GLU B 237 2.93 -10.57 39.11
N ILE B 238 4.12 -10.81 39.63
CA ILE B 238 5.11 -11.51 38.85
C ILE B 238 5.20 -12.89 39.50
N LEU B 239 5.05 -13.93 38.69
CA LEU B 239 5.10 -15.29 39.17
C LEU B 239 6.25 -16.02 38.46
N VAL B 240 7.12 -16.67 39.23
CA VAL B 240 8.23 -17.40 38.64
C VAL B 240 7.74 -18.79 38.27
N HIS B 241 7.96 -19.14 37.00
CA HIS B 241 7.52 -20.40 36.43
C HIS B 241 8.60 -20.77 35.40
N PRO B 242 9.59 -21.55 35.85
CA PRO B 242 10.74 -22.03 35.07
C PRO B 242 10.43 -22.52 33.65
N GLN B 243 9.54 -23.50 33.53
CA GLN B 243 9.18 -24.05 32.22
C GLN B 243 8.78 -23.02 31.17
N SER B 244 8.23 -21.88 31.59
CA SER B 244 7.81 -20.85 30.65
C SER B 244 6.75 -21.35 29.68
N VAL B 245 5.93 -22.31 30.10
CA VAL B 245 4.90 -22.82 29.22
C VAL B 245 3.65 -21.97 29.31
N ILE B 246 3.35 -21.48 30.51
CA ILE B 246 2.22 -20.58 30.69
C ILE B 246 2.86 -19.22 30.45
N HIS B 247 2.37 -18.49 29.44
CA HIS B 247 2.97 -17.19 29.11
C HIS B 247 2.48 -15.96 29.89
N SER B 248 1.43 -16.14 30.68
CA SER B 248 0.82 -15.09 31.53
C SER B 248 -0.65 -15.43 31.77
N MET B 249 -1.24 -14.82 32.78
CA MET B 249 -2.63 -15.11 33.13
C MET B 249 -3.38 -13.85 33.55
N VAL B 250 -4.71 -13.97 33.59
CA VAL B 250 -5.59 -12.87 33.99
C VAL B 250 -6.71 -13.50 34.82
N GLU B 251 -6.81 -13.10 36.08
CA GLU B 251 -7.87 -13.64 36.93
C GLU B 251 -9.04 -12.67 36.92
N TYR B 252 -10.25 -13.21 36.84
CA TYR B 252 -11.46 -12.40 36.81
C TYR B 252 -12.09 -12.35 38.19
N LEU B 253 -13.13 -11.53 38.30
CA LEU B 253 -13.86 -11.35 39.55
C LEU B 253 -14.52 -12.62 40.08
N ASP B 254 -14.92 -13.55 39.22
CA ASP B 254 -15.57 -14.75 39.75
C ASP B 254 -14.55 -15.81 40.22
N GLY B 255 -13.26 -15.44 40.18
CA GLY B 255 -12.19 -16.34 40.57
C GLY B 255 -11.64 -17.11 39.39
N SER B 256 -12.34 -17.00 38.26
CA SER B 256 -11.93 -17.68 37.03
C SER B 256 -10.62 -17.09 36.53
N ILE B 257 -9.63 -17.94 36.28
CA ILE B 257 -8.32 -17.50 35.78
C ILE B 257 -8.08 -18.02 34.36
N LEU B 258 -7.88 -17.13 33.40
CA LEU B 258 -7.61 -17.56 32.02
C LEU B 258 -6.11 -17.43 31.79
N ALA B 259 -5.50 -18.44 31.17
CA ALA B 259 -4.07 -18.43 30.87
C ALA B 259 -3.82 -18.80 29.42
N GLN B 260 -2.75 -18.26 28.86
CA GLN B 260 -2.40 -18.55 27.48
C GLN B 260 -1.17 -19.42 27.58
N ILE B 261 -1.22 -20.61 27.00
CA ILE B 261 -0.11 -21.55 27.06
C ILE B 261 0.29 -21.97 25.65
N GLY B 262 1.47 -22.56 25.52
CA GLY B 262 1.90 -22.99 24.20
C GLY B 262 3.40 -23.10 24.05
N SER B 263 3.83 -23.47 22.84
CA SER B 263 5.25 -23.63 22.55
C SER B 263 5.84 -22.24 22.47
N PRO B 264 7.18 -22.14 22.42
CA PRO B 264 7.85 -20.85 22.35
C PRO B 264 7.91 -20.21 20.96
N ASP B 265 7.26 -20.81 19.99
CA ASP B 265 7.24 -20.29 18.60
C ASP B 265 6.63 -18.89 18.51
N MET B 266 7.45 -17.92 18.12
CA MET B 266 6.96 -16.55 18.02
C MET B 266 5.82 -16.37 17.00
N ARG B 267 5.66 -17.32 16.09
CA ARG B 267 4.60 -17.20 15.10
C ARG B 267 3.21 -17.33 15.68
N THR B 268 3.09 -17.88 16.90
CA THR B 268 1.79 -17.99 17.54
C THR B 268 1.29 -16.57 17.86
N PRO B 269 2.02 -15.83 18.73
CA PRO B 269 1.57 -14.46 19.03
C PRO B 269 1.50 -13.57 17.78
N ILE B 270 2.50 -13.65 16.91
CA ILE B 270 2.50 -12.83 15.69
C ILE B 270 1.29 -13.21 14.84
N GLY B 271 1.00 -14.51 14.77
CA GLY B 271 -0.13 -15.00 14.00
C GLY B 271 -1.40 -14.43 14.60
N HIS B 272 -1.45 -14.41 15.93
CA HIS B 272 -2.60 -13.84 16.63
C HIS B 272 -2.78 -12.39 16.17
N THR B 273 -1.77 -11.54 16.38
CA THR B 273 -1.86 -10.13 15.99
C THR B 273 -2.10 -9.89 14.51
N LEU B 274 -1.68 -10.84 13.67
CA LEU B 274 -1.86 -10.70 12.23
C LEU B 274 -3.28 -11.05 11.77
N ALA B 275 -3.90 -12.00 12.44
CA ALA B 275 -5.25 -12.41 12.06
C ALA B 275 -6.36 -11.72 12.86
N TRP B 276 -6.02 -11.16 14.02
CA TRP B 276 -7.00 -10.48 14.87
C TRP B 276 -7.90 -9.53 14.06
N PRO B 277 -9.22 -9.56 14.31
CA PRO B 277 -9.94 -10.40 15.28
C PRO B 277 -10.17 -11.87 14.93
N LYS B 278 -9.68 -12.31 13.79
CA LYS B 278 -9.86 -13.69 13.40
C LYS B 278 -8.60 -14.44 13.79
N ARG B 279 -8.63 -15.76 13.63
CA ARG B 279 -7.47 -16.60 13.93
C ARG B 279 -6.98 -17.19 12.60
N MET B 280 -5.72 -17.58 12.55
CA MET B 280 -5.16 -18.16 11.34
C MET B 280 -4.22 -19.30 11.70
N GLU B 281 -3.95 -20.15 10.73
CA GLU B 281 -3.07 -21.30 10.87
C GLU B 281 -1.62 -20.80 10.89
N THR B 282 -0.80 -21.41 11.73
CA THR B 282 0.60 -21.08 11.78
C THR B 282 1.27 -22.41 12.06
N PRO B 283 2.43 -22.68 11.43
CA PRO B 283 3.09 -23.96 11.68
C PRO B 283 3.54 -24.18 13.14
N ALA B 284 3.18 -23.27 14.04
CA ALA B 284 3.57 -23.40 15.45
C ALA B 284 3.29 -24.83 15.96
N GLU B 285 4.18 -25.35 16.79
CA GLU B 285 4.01 -26.70 17.31
C GLU B 285 2.95 -26.75 18.42
N SER B 286 2.24 -27.88 18.50
CA SER B 286 1.21 -28.08 19.52
C SER B 286 1.84 -28.60 20.81
N LEU B 287 1.79 -27.80 21.87
CA LEU B 287 2.40 -28.19 23.13
C LEU B 287 1.93 -29.58 23.57
N ASP B 288 2.89 -30.48 23.77
CA ASP B 288 2.59 -31.83 24.20
C ASP B 288 2.76 -31.86 25.71
N PHE B 289 1.64 -31.80 26.44
CA PHE B 289 1.66 -31.81 27.90
C PHE B 289 2.21 -33.11 28.51
N THR B 290 2.24 -34.18 27.71
CA THR B 290 2.73 -35.46 28.19
C THR B 290 4.25 -35.50 28.30
N LYS B 291 4.93 -34.88 27.34
CA LYS B 291 6.39 -34.83 27.31
C LYS B 291 6.87 -33.79 28.32
N LEU B 292 5.99 -32.82 28.61
CA LEU B 292 6.28 -31.75 29.56
C LEU B 292 6.24 -32.30 30.98
N ARG B 293 5.21 -33.09 31.26
CA ARG B 293 5.06 -33.71 32.57
C ARG B 293 4.83 -32.78 33.74
N GLN B 294 5.75 -31.83 33.91
CA GLN B 294 5.69 -30.93 35.04
C GLN B 294 5.78 -29.43 34.78
N MET B 295 5.12 -28.70 35.68
CA MET B 295 5.09 -27.25 35.69
C MET B 295 5.37 -26.79 37.13
N ASP B 296 6.27 -25.84 37.28
CA ASP B 296 6.62 -25.34 38.61
C ASP B 296 6.35 -23.86 38.82
N PHE B 297 6.00 -23.50 40.05
CA PHE B 297 5.72 -22.09 40.39
C PHE B 297 6.29 -21.67 41.74
N GLU B 298 6.83 -20.46 41.79
CA GLU B 298 7.39 -19.91 43.02
C GLU B 298 7.30 -18.39 42.98
N ALA B 299 7.43 -17.74 44.13
CA ALA B 299 7.36 -16.28 44.17
C ALA B 299 8.69 -15.70 43.77
N PRO B 300 8.68 -14.51 43.16
CA PRO B 300 9.92 -13.86 42.75
C PRO B 300 10.65 -13.36 44.01
N ASP B 301 11.97 -13.37 44.00
CA ASP B 301 12.71 -12.91 45.16
C ASP B 301 13.09 -11.45 44.98
N TYR B 302 12.31 -10.56 45.58
CA TYR B 302 12.55 -9.13 45.46
C TYR B 302 13.84 -8.65 46.10
N GLU B 303 14.40 -9.45 47.00
CA GLU B 303 15.65 -9.11 47.65
C GLU B 303 16.86 -9.46 46.79
N ARG B 304 16.76 -10.57 46.06
CA ARG B 304 17.84 -11.05 45.19
C ARG B 304 17.79 -10.38 43.82
N PHE B 305 16.64 -9.78 43.51
CA PHE B 305 16.47 -9.10 42.23
C PHE B 305 15.80 -7.74 42.45
N PRO B 306 16.53 -6.80 43.06
CA PRO B 306 16.03 -5.45 43.36
C PRO B 306 15.56 -4.65 42.14
N ALA B 307 16.00 -5.06 40.96
CA ALA B 307 15.57 -4.36 39.75
C ALA B 307 14.04 -4.39 39.70
N LEU B 308 13.44 -5.50 40.15
CA LEU B 308 11.99 -5.59 40.16
C LEU B 308 11.41 -4.47 41.03
N THR B 309 12.14 -4.10 42.08
CA THR B 309 11.70 -3.04 42.99
C THR B 309 11.85 -1.68 42.32
N LEU B 310 12.97 -1.47 41.65
CA LEU B 310 13.23 -0.21 40.96
C LEU B 310 12.13 0.04 39.93
N ALA B 311 11.74 -1.01 39.22
CA ALA B 311 10.70 -0.94 38.19
C ALA B 311 9.36 -0.55 38.81
N MET B 312 9.02 -1.26 39.88
CA MET B 312 7.79 -1.03 40.62
C MET B 312 7.67 0.44 41.07
N GLU B 313 8.72 0.94 41.71
CA GLU B 313 8.72 2.32 42.20
C GLU B 313 8.60 3.35 41.09
N SER B 314 9.33 3.13 39.99
CA SER B 314 9.29 4.06 38.89
C SER B 314 7.88 4.26 38.37
N ILE B 315 7.17 3.17 38.12
CA ILE B 315 5.81 3.25 37.62
C ILE B 315 4.94 3.91 38.67
N LYS B 316 5.16 3.50 39.91
CA LYS B 316 4.41 4.03 41.03
C LYS B 316 4.58 5.54 41.07
N SER B 317 5.82 5.98 41.00
CA SER B 317 6.12 7.41 41.01
C SER B 317 5.56 8.03 39.73
N GLY B 318 5.88 7.41 38.59
CA GLY B 318 5.39 7.90 37.32
C GLY B 318 6.26 8.91 36.61
N GLY B 319 5.67 9.64 35.68
CA GLY B 319 6.39 10.66 34.94
C GLY B 319 7.52 10.09 34.09
N ALA B 320 8.69 10.69 34.21
CA ALA B 320 9.84 10.25 33.44
C ALA B 320 10.62 9.16 34.15
N ARG B 321 10.10 8.68 35.29
CA ARG B 321 10.80 7.63 36.05
C ARG B 321 11.22 6.41 35.24
N PRO B 322 10.26 5.66 34.69
CA PRO B 322 10.66 4.48 33.90
C PRO B 322 11.65 4.78 32.77
N ALA B 323 11.50 5.92 32.12
CA ALA B 323 12.39 6.32 31.05
C ALA B 323 13.80 6.40 31.61
N VAL B 324 13.94 7.06 32.74
CA VAL B 324 15.24 7.23 33.37
C VAL B 324 15.85 5.88 33.73
N MET B 325 15.05 5.07 34.40
CA MET B 325 15.48 3.74 34.82
C MET B 325 16.00 2.91 33.64
N ASN B 326 15.18 2.83 32.60
CA ASN B 326 15.55 2.08 31.41
C ASN B 326 16.83 2.62 30.76
N ALA B 327 16.92 3.94 30.63
CA ALA B 327 18.11 4.55 30.04
C ALA B 327 19.32 4.21 30.89
N ALA B 328 19.22 4.43 32.20
CA ALA B 328 20.30 4.14 33.14
C ALA B 328 20.74 2.67 33.03
N ASN B 329 19.77 1.78 32.85
CA ASN B 329 20.06 0.36 32.73
C ASN B 329 20.92 0.09 31.49
N GLU B 330 20.59 0.73 30.37
CA GLU B 330 21.35 0.54 29.14
C GLU B 330 22.84 0.74 29.43
N ILE B 331 23.16 1.86 30.07
CA ILE B 331 24.54 2.22 30.40
C ILE B 331 25.19 1.22 31.34
N ALA B 332 24.52 0.96 32.46
CA ALA B 332 25.01 0.02 33.46
C ALA B 332 25.28 -1.39 32.88
N VAL B 333 24.38 -1.90 32.04
CA VAL B 333 24.58 -3.24 31.47
C VAL B 333 25.81 -3.26 30.57
N ALA B 334 25.91 -2.27 29.68
CA ALA B 334 27.05 -2.15 28.76
C ALA B 334 28.36 -2.06 29.54
N ALA B 335 28.28 -1.44 30.73
CA ALA B 335 29.47 -1.29 31.56
C ALA B 335 29.88 -2.66 32.06
N PHE B 336 28.92 -3.39 32.62
CA PHE B 336 29.18 -4.72 33.11
C PHE B 336 29.78 -5.58 32.00
N LEU B 337 29.19 -5.52 30.81
CA LEU B 337 29.67 -6.31 29.68
C LEU B 337 31.08 -5.92 29.33
N ASP B 338 31.36 -4.62 29.42
CA ASP B 338 32.69 -4.11 29.10
C ASP B 338 33.59 -4.31 30.30
N LYS B 339 33.14 -5.20 31.18
CA LYS B 339 33.87 -5.56 32.39
C LYS B 339 34.35 -4.39 33.23
N LYS B 340 33.64 -3.26 33.18
CA LYS B 340 34.00 -2.10 33.98
C LYS B 340 33.38 -2.14 35.36
N ILE B 341 32.30 -2.93 35.49
CA ILE B 341 31.62 -3.06 36.79
C ILE B 341 31.26 -4.50 37.10
N GLY B 342 30.78 -4.72 38.32
CA GLY B 342 30.38 -6.06 38.75
C GLY B 342 28.90 -6.29 38.46
N PHE B 343 28.49 -7.55 38.39
CA PHE B 343 27.09 -7.87 38.09
C PHE B 343 26.07 -7.16 38.98
N LEU B 344 26.27 -7.18 40.29
CA LEU B 344 25.32 -6.56 41.21
C LEU B 344 25.39 -5.05 41.23
N ASP B 345 26.31 -4.47 40.46
CA ASP B 345 26.45 -3.02 40.41
C ASP B 345 25.43 -2.43 39.47
N ILE B 346 25.02 -3.20 38.47
CA ILE B 346 24.05 -2.73 37.48
C ILE B 346 22.83 -2.12 38.17
N ALA B 347 22.22 -2.86 39.09
CA ALA B 347 21.04 -2.37 39.78
C ALA B 347 21.38 -1.18 40.66
N LYS B 348 22.61 -1.13 41.15
CA LYS B 348 23.05 -0.03 42.01
C LYS B 348 23.13 1.27 41.23
N ILE B 349 23.76 1.22 40.06
CA ILE B 349 23.87 2.43 39.24
C ILE B 349 22.49 2.91 38.84
N VAL B 350 21.63 1.99 38.38
CA VAL B 350 20.29 2.37 37.96
C VAL B 350 19.56 3.07 39.09
N GLU B 351 19.70 2.54 40.30
CA GLU B 351 19.05 3.17 41.44
C GLU B 351 19.61 4.57 41.72
N LYS B 352 20.94 4.68 41.73
CA LYS B 352 21.56 5.99 41.97
C LYS B 352 21.01 7.02 41.01
N THR B 353 21.13 6.74 39.71
CA THR B 353 20.65 7.66 38.66
C THR B 353 19.20 8.08 38.91
N LEU B 354 18.32 7.11 39.13
CA LEU B 354 16.91 7.41 39.38
C LEU B 354 16.75 8.44 40.50
N ASP B 355 17.70 8.47 41.43
CA ASP B 355 17.65 9.39 42.56
C ASP B 355 18.26 10.77 42.28
N HIS B 356 19.21 10.84 41.36
CA HIS B 356 19.86 12.10 41.05
C HIS B 356 19.28 12.85 39.85
N TYR B 357 18.44 12.17 39.05
CA TYR B 357 17.84 12.79 37.88
C TYR B 357 16.34 12.49 37.84
N THR B 358 15.53 13.53 37.96
CA THR B 358 14.08 13.36 37.94
C THR B 358 13.40 14.48 37.16
N PRO B 359 13.63 14.51 35.84
CA PRO B 359 13.05 15.51 34.92
C PRO B 359 11.53 15.51 34.94
N ALA B 360 10.95 16.46 34.21
CA ALA B 360 9.49 16.56 34.15
C ALA B 360 8.99 15.56 33.12
N THR B 361 7.75 15.10 33.31
CA THR B 361 7.18 14.13 32.38
C THR B 361 7.24 14.69 30.96
N PRO B 362 7.57 13.84 29.97
CA PRO B 362 7.66 14.23 28.56
C PRO B 362 6.33 14.67 27.99
N SER B 363 6.37 15.55 26.99
CA SER B 363 5.14 16.02 26.35
C SER B 363 5.20 15.65 24.87
N SER B 364 6.41 15.33 24.40
CA SER B 364 6.62 14.93 23.01
C SER B 364 7.82 13.98 22.94
N LEU B 365 8.01 13.36 21.78
CA LEU B 365 9.14 12.45 21.59
C LEU B 365 10.46 13.19 21.74
N GLU B 366 10.44 14.49 21.47
CA GLU B 366 11.66 15.28 21.60
C GLU B 366 12.10 15.32 23.06
N ASP B 367 11.13 15.43 23.98
CA ASP B 367 11.43 15.45 25.41
C ASP B 367 11.95 14.07 25.81
N VAL B 368 11.30 13.04 25.29
CA VAL B 368 11.72 11.67 25.58
C VAL B 368 13.17 11.46 25.17
N PHE B 369 13.51 11.81 23.93
CA PHE B 369 14.87 11.67 23.44
C PHE B 369 15.85 12.38 24.38
N ALA B 370 15.43 13.56 24.87
CA ALA B 370 16.25 14.36 25.77
C ALA B 370 16.50 13.62 27.08
N ILE B 371 15.44 13.33 27.81
CA ILE B 371 15.54 12.60 29.07
C ILE B 371 16.47 11.39 28.94
N ASP B 372 16.24 10.56 27.92
CA ASP B 372 17.05 9.37 27.70
C ASP B 372 18.52 9.76 27.63
N ASN B 373 18.83 10.73 26.77
CA ASN B 373 20.20 11.18 26.60
C ASN B 373 20.80 11.73 27.89
N GLU B 374 19.99 12.45 28.66
CA GLU B 374 20.48 13.00 29.89
C GLU B 374 20.74 11.86 30.87
N ALA B 375 19.74 11.01 31.07
CA ALA B 375 19.86 9.87 31.97
C ALA B 375 21.12 9.06 31.67
N ARG B 376 21.40 8.83 30.39
CA ARG B 376 22.57 8.08 29.96
C ARG B 376 23.86 8.77 30.41
N ILE B 377 23.90 10.09 30.28
CA ILE B 377 25.07 10.87 30.69
C ILE B 377 25.23 10.82 32.21
N GLN B 378 24.13 11.00 32.93
CA GLN B 378 24.13 10.95 34.40
C GLN B 378 24.61 9.58 34.88
N ALA B 379 24.03 8.53 34.32
CA ALA B 379 24.38 7.17 34.68
C ALA B 379 25.86 6.90 34.44
N ALA B 380 26.33 7.19 33.22
CA ALA B 380 27.74 6.96 32.87
C ALA B 380 28.66 7.64 33.90
N ALA B 381 28.19 8.78 34.41
CA ALA B 381 28.95 9.53 35.41
C ALA B 381 29.06 8.71 36.68
N LEU B 382 27.93 8.49 37.35
CA LEU B 382 27.89 7.72 38.58
C LEU B 382 28.61 6.38 38.41
N MET B 383 28.41 5.76 37.23
CA MET B 383 29.02 4.48 36.91
C MET B 383 30.52 4.54 37.10
N GLU B 384 31.11 5.69 36.79
CA GLU B 384 32.55 5.87 36.93
C GLU B 384 32.90 6.69 38.17
N SER B 385 32.36 6.28 39.32
CA SER B 385 32.60 6.95 40.59
C SER B 385 33.25 5.99 41.59
N LEU B 386 32.79 4.74 41.58
CA LEU B 386 33.32 3.71 42.47
C LEU B 386 34.30 2.80 41.72
N MET C 1 -24.49 32.49 -26.87
CA MET C 1 -24.59 33.93 -26.52
C MET C 1 -23.40 34.52 -25.75
N SER C 2 -22.47 33.70 -25.26
CA SER C 2 -21.32 34.27 -24.54
C SER C 2 -20.12 33.42 -24.10
N GLN C 3 -19.20 34.12 -23.43
CA GLN C 3 -17.96 33.60 -22.89
C GLN C 3 -18.04 32.23 -22.20
N PRO C 4 -18.84 32.13 -21.11
CA PRO C 4 -18.95 30.84 -20.41
C PRO C 4 -19.19 29.68 -21.38
N ARG C 5 -18.23 28.76 -21.44
CA ARG C 5 -18.34 27.61 -22.33
C ARG C 5 -19.11 26.48 -21.65
N THR C 6 -20.16 25.99 -22.32
CA THR C 6 -20.97 24.91 -21.76
C THR C 6 -20.15 23.63 -21.70
N VAL C 7 -20.25 22.92 -20.57
CA VAL C 7 -19.48 21.71 -20.30
C VAL C 7 -20.30 20.55 -19.72
N THR C 8 -20.06 19.35 -20.23
CA THR C 8 -20.74 18.15 -19.74
C THR C 8 -19.72 17.05 -19.50
N VAL C 9 -19.87 16.35 -18.37
CA VAL C 9 -18.96 15.28 -18.06
C VAL C 9 -19.67 13.93 -17.89
N LEU C 10 -19.36 12.99 -18.79
CA LEU C 10 -19.92 11.66 -18.72
C LEU C 10 -18.95 10.84 -17.89
N GLY C 11 -19.34 10.47 -16.68
CA GLY C 11 -18.44 9.69 -15.84
C GLY C 11 -17.62 10.67 -15.04
N ALA C 12 -18.33 11.57 -14.37
CA ALA C 12 -17.71 12.63 -13.57
C ALA C 12 -17.17 12.20 -12.22
N THR C 13 -17.35 10.95 -11.83
CA THR C 13 -16.91 10.48 -10.52
C THR C 13 -15.69 9.56 -10.46
N GLY C 14 -15.08 9.28 -11.61
CA GLY C 14 -13.91 8.41 -11.60
C GLY C 14 -12.67 9.24 -11.40
N SER C 15 -11.50 8.71 -11.76
CA SER C 15 -10.25 9.46 -11.63
C SER C 15 -10.24 10.58 -12.66
N ILE C 16 -10.54 10.24 -13.91
CA ILE C 16 -10.56 11.23 -14.99
C ILE C 16 -11.59 12.32 -14.70
N GLY C 17 -12.80 11.90 -14.34
CA GLY C 17 -13.85 12.86 -14.07
C GLY C 17 -13.44 13.80 -12.97
N HIS C 18 -12.82 13.23 -11.95
CA HIS C 18 -12.37 13.97 -10.79
C HIS C 18 -11.37 15.07 -11.17
N SER C 19 -10.32 14.68 -11.88
CA SER C 19 -9.31 15.63 -12.33
C SER C 19 -9.96 16.70 -13.20
N THR C 20 -10.90 16.29 -14.05
CA THR C 20 -11.62 17.21 -14.94
C THR C 20 -12.42 18.27 -14.18
N LEU C 21 -13.20 17.85 -13.18
CA LEU C 21 -13.98 18.80 -12.39
C LEU C 21 -13.00 19.67 -11.60
N ASP C 22 -11.86 19.08 -11.23
CA ASP C 22 -10.86 19.82 -10.48
C ASP C 22 -10.44 21.07 -11.25
N LEU C 23 -10.30 20.94 -12.58
CA LEU C 23 -9.90 22.08 -13.43
C LEU C 23 -11.09 22.99 -13.73
N ILE C 24 -12.26 22.38 -13.88
CA ILE C 24 -13.46 23.15 -14.16
C ILE C 24 -13.80 24.01 -12.95
N GLU C 25 -13.75 23.42 -11.76
CA GLU C 25 -14.08 24.16 -10.55
C GLU C 25 -13.09 25.27 -10.22
N ARG C 26 -11.86 25.15 -10.70
CA ARG C 26 -10.87 26.20 -10.44
C ARG C 26 -11.07 27.41 -11.35
N ASN C 27 -11.90 27.24 -12.38
CA ASN C 27 -12.17 28.30 -13.35
C ASN C 27 -13.67 28.28 -13.60
N LEU C 28 -14.41 27.93 -12.56
CA LEU C 28 -15.88 27.82 -12.62
C LEU C 28 -16.47 29.04 -13.30
N ASP C 29 -15.62 30.04 -13.39
CA ASP C 29 -15.93 31.33 -13.96
C ASP C 29 -16.11 31.35 -15.48
N ARG C 30 -15.37 30.50 -16.17
CA ARG C 30 -15.45 30.46 -17.63
C ARG C 30 -16.23 29.26 -18.14
N TYR C 31 -16.79 28.46 -17.24
CA TYR C 31 -17.53 27.27 -17.64
C TYR C 31 -18.94 27.19 -17.03
N GLN C 32 -19.91 26.76 -17.83
CA GLN C 32 -21.29 26.57 -17.37
C GLN C 32 -21.60 25.07 -17.49
N VAL C 33 -21.55 24.35 -16.38
CA VAL C 33 -21.80 22.90 -16.40
C VAL C 33 -23.23 22.54 -16.79
N ILE C 34 -23.38 21.73 -17.83
CA ILE C 34 -24.70 21.30 -18.29
C ILE C 34 -25.11 20.02 -17.58
N ALA C 35 -24.41 18.92 -17.87
CA ALA C 35 -24.73 17.65 -17.24
C ALA C 35 -23.51 16.93 -16.66
N LEU C 36 -23.72 16.20 -15.56
CA LEU C 36 -22.69 15.38 -14.92
C LEU C 36 -23.28 14.01 -14.75
N THR C 37 -22.46 13.00 -14.96
CA THR C 37 -22.92 11.63 -14.92
C THR C 37 -22.11 10.70 -14.02
N ALA C 38 -22.79 9.71 -13.44
CA ALA C 38 -22.15 8.70 -12.58
C ALA C 38 -22.91 7.39 -12.74
N ASN C 39 -22.39 6.33 -12.15
CA ASN C 39 -23.06 5.03 -12.27
C ASN C 39 -23.80 4.67 -10.99
N ARG C 40 -23.06 4.56 -9.90
CA ARG C 40 -23.65 4.21 -8.62
C ARG C 40 -23.17 5.09 -7.48
N ASN C 41 -22.19 5.94 -7.75
CA ASN C 41 -21.66 6.83 -6.71
C ASN C 41 -22.53 8.09 -6.61
N VAL C 42 -23.73 7.93 -6.07
CA VAL C 42 -24.66 9.04 -5.94
C VAL C 42 -24.15 10.17 -5.06
N LYS C 43 -23.30 9.85 -4.09
CA LYS C 43 -22.75 10.86 -3.20
C LYS C 43 -21.86 11.88 -3.92
N ASP C 44 -20.76 11.42 -4.52
CA ASP C 44 -19.86 12.32 -5.25
C ASP C 44 -20.62 13.02 -6.39
N LEU C 45 -21.50 12.29 -7.09
CA LEU C 45 -22.28 12.87 -8.19
C LEU C 45 -23.14 14.04 -7.76
N ALA C 46 -23.93 13.87 -6.71
CA ALA C 46 -24.79 14.95 -6.22
C ALA C 46 -23.93 16.08 -5.67
N ASP C 47 -22.81 15.72 -5.07
CA ASP C 47 -21.89 16.69 -4.52
C ASP C 47 -21.30 17.53 -5.64
N ALA C 48 -20.74 16.86 -6.65
CA ALA C 48 -20.15 17.56 -7.79
C ALA C 48 -21.22 18.39 -8.49
N ALA C 49 -22.41 17.82 -8.66
CA ALA C 49 -23.51 18.51 -9.32
C ALA C 49 -23.79 19.84 -8.61
N LYS C 50 -23.94 19.77 -7.28
CA LYS C 50 -24.21 20.97 -6.48
C LYS C 50 -23.05 21.97 -6.47
N ARG C 51 -21.81 21.48 -6.38
CA ARG C 51 -20.62 22.35 -6.38
C ARG C 51 -20.52 23.23 -7.62
N THR C 52 -20.84 22.65 -8.78
CA THR C 52 -20.76 23.36 -10.05
C THR C 52 -22.08 23.93 -10.53
N ASN C 53 -23.13 23.70 -9.74
CA ASN C 53 -24.46 24.18 -10.10
C ASN C 53 -24.80 23.66 -11.49
N ALA C 54 -24.63 22.36 -11.67
CA ALA C 54 -24.91 21.71 -12.94
C ALA C 54 -26.40 21.81 -13.25
N LYS C 55 -26.78 21.63 -14.51
CA LYS C 55 -28.19 21.69 -14.89
C LYS C 55 -28.86 20.36 -14.67
N ARG C 56 -28.10 19.27 -14.85
CA ARG C 56 -28.65 17.94 -14.67
C ARG C 56 -27.63 16.97 -14.16
N ALA C 57 -28.08 16.03 -13.32
CA ALA C 57 -27.22 14.98 -12.78
C ALA C 57 -27.89 13.68 -13.17
N VAL C 58 -27.11 12.73 -13.69
CA VAL C 58 -27.67 11.46 -14.12
C VAL C 58 -26.94 10.29 -13.48
N ILE C 59 -27.71 9.42 -12.80
CA ILE C 59 -27.12 8.25 -12.17
C ILE C 59 -27.53 7.09 -13.08
N ALA C 60 -26.52 6.36 -13.56
CA ALA C 60 -26.71 5.25 -14.49
C ALA C 60 -27.68 4.18 -14.00
N ASP C 61 -27.40 3.63 -12.83
CA ASP C 61 -28.24 2.59 -12.27
C ASP C 61 -29.63 3.17 -11.98
N PRO C 62 -30.67 2.65 -12.66
CA PRO C 62 -32.05 3.12 -12.47
C PRO C 62 -32.49 2.90 -11.03
N SER C 63 -31.86 1.91 -10.39
CA SER C 63 -32.16 1.53 -9.01
C SER C 63 -31.85 2.66 -8.02
N LEU C 64 -30.84 3.47 -8.33
CA LEU C 64 -30.42 4.54 -7.45
C LEU C 64 -31.08 5.88 -7.74
N TYR C 65 -32.08 5.89 -8.59
CA TYR C 65 -32.78 7.11 -8.95
C TYR C 65 -33.30 7.93 -7.77
N ASN C 66 -33.98 7.26 -6.83
CA ASN C 66 -34.54 7.94 -5.67
C ASN C 66 -33.50 8.58 -4.76
N ASP C 67 -32.38 7.89 -4.58
CA ASP C 67 -31.31 8.42 -3.74
C ASP C 67 -30.79 9.73 -4.33
N LEU C 68 -30.54 9.74 -5.64
CA LEU C 68 -30.05 10.92 -6.32
C LEU C 68 -31.02 12.09 -6.15
N LYS C 69 -32.29 11.80 -6.38
CA LYS C 69 -33.36 12.78 -6.26
C LYS C 69 -33.41 13.34 -4.83
N GLU C 70 -33.16 12.47 -3.85
CA GLU C 70 -33.13 12.86 -2.44
C GLU C 70 -31.90 13.73 -2.17
N ALA C 71 -30.76 13.27 -2.67
CA ALA C 71 -29.48 13.96 -2.50
C ALA C 71 -29.47 15.38 -3.05
N LEU C 72 -30.30 15.63 -4.07
CA LEU C 72 -30.37 16.94 -4.70
C LEU C 72 -31.63 17.67 -4.26
N ALA C 73 -32.12 17.29 -3.08
CA ALA C 73 -33.32 17.92 -2.53
C ALA C 73 -33.07 19.44 -2.32
N GLY C 74 -34.03 20.27 -2.73
CA GLY C 74 -33.88 21.72 -2.60
C GLY C 74 -32.86 22.34 -3.56
N SER C 75 -32.23 21.46 -4.33
CA SER C 75 -31.21 21.84 -5.31
C SER C 75 -31.89 22.20 -6.61
N SER C 76 -31.24 22.98 -7.46
CA SER C 76 -31.83 23.35 -8.74
C SER C 76 -31.35 22.38 -9.82
N VAL C 77 -30.54 21.39 -9.41
CA VAL C 77 -30.01 20.38 -10.31
C VAL C 77 -31.11 19.35 -10.59
N GLU C 78 -31.38 19.07 -11.86
CA GLU C 78 -32.39 18.07 -12.22
C GLU C 78 -31.79 16.69 -11.99
N ALA C 79 -32.64 15.71 -11.69
CA ALA C 79 -32.20 14.34 -11.47
C ALA C 79 -32.75 13.41 -12.55
N ALA C 80 -31.94 12.43 -12.94
CA ALA C 80 -32.32 11.45 -13.94
C ALA C 80 -31.46 10.19 -13.76
N ALA C 81 -31.98 9.05 -14.21
CA ALA C 81 -31.27 7.78 -14.09
C ALA C 81 -31.61 6.82 -15.23
N GLY C 82 -30.78 5.81 -15.41
CA GLY C 82 -31.01 4.83 -16.47
C GLY C 82 -30.01 5.02 -17.59
N ALA C 83 -29.83 3.98 -18.40
CA ALA C 83 -28.90 4.06 -19.52
C ALA C 83 -29.35 5.11 -20.55
N ASP C 84 -30.65 5.21 -20.79
CA ASP C 84 -31.13 6.17 -21.75
C ASP C 84 -30.86 7.59 -21.30
N ALA C 85 -30.93 7.83 -19.99
CA ALA C 85 -30.71 9.15 -19.45
C ALA C 85 -29.29 9.63 -19.78
N LEU C 86 -28.34 8.70 -19.84
CA LEU C 86 -26.95 9.04 -20.16
C LEU C 86 -26.90 9.54 -21.60
N VAL C 87 -27.52 8.79 -22.51
CA VAL C 87 -27.51 9.19 -23.90
C VAL C 87 -28.15 10.57 -24.05
N GLU C 88 -29.28 10.77 -23.37
CA GLU C 88 -29.98 12.04 -23.42
C GLU C 88 -29.11 13.21 -22.92
N ALA C 89 -28.34 12.93 -21.86
CA ALA C 89 -27.46 13.94 -21.28
C ALA C 89 -26.38 14.31 -22.31
N ALA C 90 -25.91 13.30 -23.03
CA ALA C 90 -24.88 13.52 -24.03
C ALA C 90 -25.44 14.31 -25.22
N MET C 91 -26.75 14.44 -25.27
CA MET C 91 -27.37 15.18 -26.37
C MET C 91 -27.83 16.57 -25.98
N MET C 92 -27.62 16.95 -24.73
CA MET C 92 -28.07 18.25 -24.23
C MET C 92 -27.47 19.50 -24.87
N GLY C 93 -26.41 19.35 -25.67
CA GLY C 93 -25.85 20.49 -26.36
C GLY C 93 -24.54 21.11 -25.89
N ALA C 94 -23.93 20.51 -24.88
CA ALA C 94 -22.68 21.01 -24.32
C ALA C 94 -21.63 21.19 -25.40
N ASP C 95 -20.96 22.34 -25.40
CA ASP C 95 -19.93 22.63 -26.39
C ASP C 95 -18.69 21.76 -26.18
N TRP C 96 -18.43 21.40 -24.93
CA TRP C 96 -17.28 20.56 -24.62
C TRP C 96 -17.76 19.36 -23.78
N THR C 97 -17.45 18.14 -24.21
CA THR C 97 -17.87 16.92 -23.52
C THR C 97 -16.73 15.98 -23.15
N MET C 98 -16.67 15.61 -21.88
CA MET C 98 -15.66 14.67 -21.40
C MET C 98 -16.26 13.27 -21.42
N ALA C 99 -15.82 12.43 -22.34
CA ALA C 99 -16.34 11.09 -22.43
C ALA C 99 -15.44 10.22 -21.55
N ALA C 100 -15.86 10.05 -20.29
CA ALA C 100 -15.09 9.27 -19.32
C ALA C 100 -15.78 7.99 -18.86
N ILE C 101 -16.88 7.61 -19.51
CA ILE C 101 -17.58 6.37 -19.17
C ILE C 101 -16.90 5.28 -19.98
N ILE C 102 -16.27 4.33 -19.30
CA ILE C 102 -15.56 3.26 -19.98
C ILE C 102 -16.34 1.99 -20.32
N GLY C 103 -15.84 1.29 -21.34
CA GLY C 103 -16.49 0.07 -21.78
C GLY C 103 -17.70 0.29 -22.66
N CYS C 104 -18.31 -0.82 -23.07
CA CYS C 104 -19.49 -0.79 -23.92
C CYS C 104 -20.64 0.01 -23.29
N ALA C 105 -20.57 0.25 -21.98
CA ALA C 105 -21.61 0.99 -21.28
C ALA C 105 -21.59 2.48 -21.62
N GLY C 106 -20.49 2.94 -22.21
CA GLY C 106 -20.39 4.35 -22.57
C GLY C 106 -20.28 4.59 -24.06
N LEU C 107 -20.47 3.56 -24.87
CA LEU C 107 -20.37 3.74 -26.31
C LEU C 107 -21.55 4.53 -26.89
N LYS C 108 -22.75 4.29 -26.38
CA LYS C 108 -23.94 4.98 -26.85
C LYS C 108 -23.82 6.49 -26.59
N ALA C 109 -23.59 6.84 -25.32
CA ALA C 109 -23.46 8.23 -24.92
C ALA C 109 -22.37 8.94 -25.70
N THR C 110 -21.21 8.29 -25.79
CA THR C 110 -20.07 8.86 -26.50
C THR C 110 -20.41 9.11 -27.96
N LEU C 111 -21.01 8.14 -28.62
CA LEU C 111 -21.35 8.32 -30.03
C LEU C 111 -22.36 9.43 -30.20
N ALA C 112 -23.30 9.52 -29.26
CA ALA C 112 -24.33 10.53 -29.29
C ALA C 112 -23.67 11.90 -29.16
N ALA C 113 -22.73 12.00 -28.21
CA ALA C 113 -22.03 13.27 -27.99
C ALA C 113 -21.30 13.70 -29.26
N ILE C 114 -20.62 12.73 -29.89
CA ILE C 114 -19.89 13.00 -31.11
C ILE C 114 -20.79 13.48 -32.23
N ARG C 115 -21.98 12.91 -32.33
CA ARG C 115 -22.93 13.29 -33.36
C ARG C 115 -23.46 14.71 -33.21
N LYS C 116 -23.22 15.34 -32.06
CA LYS C 116 -23.66 16.72 -31.85
C LYS C 116 -22.69 17.67 -32.53
N GLY C 117 -21.58 17.13 -33.00
CA GLY C 117 -20.61 17.92 -33.71
C GLY C 117 -19.76 18.96 -33.00
N LYS C 118 -19.84 19.06 -31.68
CA LYS C 118 -19.00 20.05 -31.01
C LYS C 118 -17.65 19.43 -30.65
N THR C 119 -17.18 19.68 -29.43
CA THR C 119 -15.90 19.16 -28.97
C THR C 119 -16.09 18.02 -27.99
N VAL C 120 -15.39 16.90 -28.25
CA VAL C 120 -15.48 15.74 -27.38
C VAL C 120 -14.11 15.22 -26.92
N ALA C 121 -13.79 15.45 -25.65
CA ALA C 121 -12.53 14.96 -25.10
C ALA C 121 -12.72 13.46 -24.83
N LEU C 122 -12.00 12.63 -25.55
CA LEU C 122 -12.15 11.20 -25.38
C LEU C 122 -11.22 10.57 -24.34
N ALA C 123 -11.82 9.97 -23.32
CA ALA C 123 -11.11 9.26 -22.25
C ALA C 123 -11.50 7.78 -22.40
N ASN C 124 -12.66 7.56 -22.99
CA ASN C 124 -13.24 6.25 -23.28
C ASN C 124 -12.43 5.73 -24.48
N LYS C 125 -11.18 5.35 -24.24
CA LYS C 125 -10.31 4.87 -25.31
C LYS C 125 -10.83 3.60 -25.97
N GLU C 126 -11.53 2.78 -25.19
CA GLU C 126 -12.08 1.54 -25.69
C GLU C 126 -13.01 1.74 -26.88
N SER C 127 -13.59 2.92 -26.96
CA SER C 127 -14.49 3.25 -28.04
C SER C 127 -13.86 2.87 -29.38
N LEU C 128 -12.67 3.42 -29.59
CA LEU C 128 -11.89 3.25 -30.81
C LEU C 128 -11.49 1.82 -31.17
N VAL C 129 -11.27 0.99 -30.15
CA VAL C 129 -10.88 -0.40 -30.37
C VAL C 129 -12.05 -1.23 -30.91
N SER C 130 -13.21 -1.07 -30.30
CA SER C 130 -14.41 -1.82 -30.70
C SER C 130 -15.26 -1.16 -31.80
N ALA C 131 -15.33 0.17 -31.78
CA ALA C 131 -16.13 0.92 -32.75
C ALA C 131 -15.36 2.08 -33.37
N GLY C 132 -14.05 1.91 -33.51
CA GLY C 132 -13.23 2.97 -34.08
C GLY C 132 -13.73 3.48 -35.42
N GLY C 133 -14.07 2.55 -36.31
CA GLY C 133 -14.55 2.93 -37.64
C GLY C 133 -15.83 3.77 -37.59
N LEU C 134 -16.80 3.33 -36.79
CA LEU C 134 -18.04 4.07 -36.65
C LEU C 134 -17.77 5.44 -36.05
N MET C 135 -17.10 5.47 -34.89
CA MET C 135 -16.76 6.71 -34.21
C MET C 135 -16.15 7.75 -35.14
N ILE C 136 -15.18 7.34 -35.95
CA ILE C 136 -14.52 8.29 -36.85
C ILE C 136 -15.39 8.74 -38.00
N ASP C 137 -16.32 7.89 -38.43
CA ASP C 137 -17.20 8.29 -39.51
C ASP C 137 -18.13 9.39 -39.02
N ALA C 138 -18.60 9.25 -37.78
CA ALA C 138 -19.47 10.25 -37.17
C ALA C 138 -18.70 11.57 -37.00
N VAL C 139 -17.41 11.46 -36.70
CA VAL C 139 -16.58 12.64 -36.51
C VAL C 139 -16.48 13.41 -37.83
N ARG C 140 -16.28 12.68 -38.93
CA ARG C 140 -16.17 13.29 -40.24
C ARG C 140 -17.51 13.82 -40.70
N GLU C 141 -18.57 13.07 -40.43
CA GLU C 141 -19.91 13.48 -40.85
C GLU C 141 -20.44 14.73 -40.15
N HIS C 142 -20.14 14.90 -38.86
CA HIS C 142 -20.63 16.06 -38.13
C HIS C 142 -19.59 17.13 -37.81
N GLY C 143 -18.39 16.99 -38.36
CA GLY C 143 -17.34 17.98 -38.13
C GLY C 143 -16.97 18.10 -36.67
N THR C 144 -17.01 16.98 -35.95
CA THR C 144 -16.70 16.97 -34.54
C THR C 144 -15.21 17.15 -34.27
N THR C 145 -14.88 17.86 -33.19
CA THR C 145 -13.49 18.06 -32.80
C THR C 145 -13.22 16.99 -31.74
N LEU C 146 -12.51 15.93 -32.14
CA LEU C 146 -12.19 14.82 -31.25
C LEU C 146 -10.82 15.04 -30.63
N LEU C 147 -10.78 15.21 -29.31
CA LEU C 147 -9.52 15.43 -28.61
C LEU C 147 -9.22 14.29 -27.63
N PRO C 148 -8.13 13.52 -27.89
CA PRO C 148 -7.69 12.38 -27.07
C PRO C 148 -7.23 12.80 -25.69
N VAL C 149 -7.77 12.16 -24.65
CA VAL C 149 -7.39 12.50 -23.29
C VAL C 149 -6.27 11.65 -22.69
N ASP C 150 -6.11 10.42 -23.18
CA ASP C 150 -5.02 9.56 -22.68
C ASP C 150 -3.69 10.22 -22.83
N SER C 151 -2.76 9.81 -21.97
CA SER C 151 -1.42 10.33 -22.02
C SER C 151 -0.75 10.11 -23.38
N GLU C 152 -0.69 8.87 -23.85
CA GLU C 152 -0.02 8.62 -25.12
C GLU C 152 -0.61 9.35 -26.31
N HIS C 153 -1.91 9.24 -26.49
CA HIS C 153 -2.60 9.87 -27.62
C HIS C 153 -2.63 11.39 -27.56
N ASN C 154 -2.68 11.92 -26.35
CA ASN C 154 -2.68 13.35 -26.15
C ASN C 154 -1.27 13.89 -26.39
N ALA C 155 -0.27 13.11 -26.03
CA ALA C 155 1.11 13.53 -26.27
C ALA C 155 1.27 13.60 -27.81
N ILE C 156 0.91 12.53 -28.52
CA ILE C 156 1.00 12.47 -29.98
C ILE C 156 0.27 13.67 -30.61
N PHE C 157 -0.95 13.92 -30.14
CA PHE C 157 -1.76 15.01 -30.64
C PHE C 157 -1.04 16.35 -30.57
N GLN C 158 -0.39 16.59 -29.43
CA GLN C 158 0.33 17.86 -29.23
C GLN C 158 1.56 18.00 -30.12
N CYS C 159 2.02 16.87 -30.68
CA CYS C 159 3.19 16.83 -31.56
C CYS C 159 2.78 16.51 -32.99
N PHE C 160 1.47 16.33 -33.21
CA PHE C 160 0.95 15.96 -34.53
C PHE C 160 0.56 17.10 -35.48
N PRO C 161 0.91 16.97 -36.77
CA PRO C 161 0.58 18.00 -37.76
C PRO C 161 -0.83 17.77 -38.32
N HIS C 162 -1.86 18.24 -37.62
CA HIS C 162 -3.23 18.06 -38.08
C HIS C 162 -3.37 18.79 -39.41
N HIS C 163 -4.17 18.20 -40.31
CA HIS C 163 -4.40 18.75 -41.64
C HIS C 163 -3.25 18.44 -42.58
N ASN C 164 -2.28 17.65 -42.12
CA ASN C 164 -1.12 17.28 -42.92
C ASN C 164 -0.46 15.99 -42.48
N ARG C 165 -1.24 14.91 -42.48
CA ARG C 165 -0.77 13.60 -42.08
C ARG C 165 0.45 13.17 -42.89
N ASP C 166 0.53 13.64 -44.13
CA ASP C 166 1.63 13.31 -45.03
C ASP C 166 2.97 13.84 -44.55
N TYR C 167 2.94 14.70 -43.54
CA TYR C 167 4.16 15.27 -42.99
C TYR C 167 4.81 14.34 -41.98
N VAL C 168 4.06 13.35 -41.53
CA VAL C 168 4.56 12.40 -40.54
C VAL C 168 5.33 11.21 -41.12
N ARG C 169 6.54 11.01 -40.63
CA ARG C 169 7.39 9.90 -41.06
C ARG C 169 7.11 8.69 -40.18
N ARG C 170 6.89 8.95 -38.90
CA ARG C 170 6.57 7.87 -37.96
C ARG C 170 6.04 8.42 -36.65
N ILE C 171 5.28 7.59 -35.95
CA ILE C 171 4.73 7.94 -34.66
C ILE C 171 5.24 6.90 -33.68
N ILE C 172 5.85 7.37 -32.60
CA ILE C 172 6.40 6.46 -31.62
C ILE C 172 5.56 6.43 -30.34
N ILE C 173 5.05 5.26 -29.99
CA ILE C 173 4.26 5.14 -28.78
C ILE C 173 5.21 4.54 -27.73
N THR C 174 5.59 5.36 -26.76
CA THR C 174 6.50 4.90 -25.72
C THR C 174 5.71 4.03 -24.75
N ALA C 175 6.37 3.01 -24.20
CA ALA C 175 5.75 2.07 -23.27
C ALA C 175 6.69 1.80 -22.10
N SER C 176 6.16 1.83 -20.88
CA SER C 176 6.98 1.61 -19.71
C SER C 176 7.58 0.22 -19.76
N GLY C 177 6.91 -0.67 -20.49
CA GLY C 177 7.40 -2.04 -20.61
C GLY C 177 6.71 -2.97 -19.63
N GLY C 178 5.96 -2.40 -18.69
CA GLY C 178 5.24 -3.22 -17.72
C GLY C 178 6.08 -3.87 -16.63
N PRO C 179 5.42 -4.48 -15.63
CA PRO C 179 6.09 -5.14 -14.51
C PRO C 179 7.05 -6.28 -14.88
N PHE C 180 6.84 -6.87 -16.05
CA PHE C 180 7.69 -7.98 -16.47
C PHE C 180 8.64 -7.59 -17.58
N ARG C 181 8.99 -6.31 -17.66
CA ARG C 181 9.90 -5.84 -18.70
C ARG C 181 11.17 -6.67 -18.77
N THR C 182 11.66 -7.08 -17.60
CA THR C 182 12.90 -7.84 -17.52
C THR C 182 12.70 -9.28 -17.07
N THR C 183 11.47 -9.77 -17.14
CA THR C 183 11.19 -11.14 -16.72
C THR C 183 11.21 -12.09 -17.92
N SER C 184 11.70 -13.30 -17.72
CA SER C 184 11.78 -14.29 -18.79
C SER C 184 10.44 -15.01 -18.99
N LEU C 185 10.21 -15.52 -20.20
CA LEU C 185 8.96 -16.23 -20.49
C LEU C 185 8.75 -17.37 -19.50
N ALA C 186 9.85 -17.98 -19.10
CA ALA C 186 9.78 -19.09 -18.18
C ALA C 186 9.29 -18.66 -16.80
N GLU C 187 9.71 -17.48 -16.35
CA GLU C 187 9.27 -17.01 -15.04
C GLU C 187 7.86 -16.42 -15.07
N MET C 188 7.46 -15.85 -16.21
CA MET C 188 6.13 -15.26 -16.37
C MET C 188 5.08 -16.37 -16.30
N ALA C 189 5.47 -17.56 -16.71
CA ALA C 189 4.57 -18.71 -16.72
C ALA C 189 4.01 -19.03 -15.32
N THR C 190 4.79 -18.74 -14.28
CA THR C 190 4.29 -19.05 -12.95
C THR C 190 3.83 -17.85 -12.14
N VAL C 191 3.71 -16.69 -12.80
CA VAL C 191 3.27 -15.49 -12.12
C VAL C 191 1.85 -15.65 -11.61
N THR C 192 1.60 -15.12 -10.42
CA THR C 192 0.29 -15.20 -9.80
C THR C 192 -0.42 -13.87 -9.99
N PRO C 193 -1.76 -13.88 -9.96
CA PRO C 193 -2.58 -12.67 -10.11
C PRO C 193 -2.19 -11.60 -9.09
N GLU C 194 -1.81 -12.03 -7.88
CA GLU C 194 -1.43 -11.08 -6.83
C GLU C 194 -0.18 -10.30 -7.20
N ARG C 195 0.77 -10.98 -7.81
CA ARG C 195 2.01 -10.33 -8.19
C ARG C 195 1.97 -9.44 -9.42
N ALA C 196 1.28 -9.89 -10.47
CA ALA C 196 1.20 -9.09 -11.69
C ALA C 196 0.14 -7.99 -11.64
N VAL C 197 0.23 -7.12 -10.63
CA VAL C 197 -0.74 -6.03 -10.49
C VAL C 197 -0.08 -4.74 -10.01
N ALA C 206 -6.08 -4.40 -11.85
CA ALA C 206 -6.73 -5.62 -12.33
C ALA C 206 -6.57 -5.72 -13.85
N LYS C 207 -7.67 -5.56 -14.57
CA LYS C 207 -7.66 -5.63 -16.03
C LYS C 207 -6.58 -4.67 -16.52
N ILE C 208 -6.51 -3.48 -15.93
CA ILE C 208 -5.52 -2.51 -16.37
C ILE C 208 -4.13 -3.01 -16.04
N SER C 209 -3.95 -3.45 -14.79
CA SER C 209 -2.65 -3.95 -14.33
C SER C 209 -2.20 -5.13 -15.18
N ILE C 210 -3.14 -6.02 -15.51
CA ILE C 210 -2.82 -7.20 -16.31
C ILE C 210 -2.51 -6.85 -17.76
N ASP C 211 -3.24 -5.90 -18.33
CA ASP C 211 -2.98 -5.52 -19.71
C ASP C 211 -1.61 -4.87 -19.79
N SER C 212 -1.17 -4.33 -18.67
CA SER C 212 0.12 -3.67 -18.61
C SER C 212 1.21 -4.72 -18.61
N ALA C 213 0.98 -5.79 -17.86
CA ALA C 213 1.92 -6.89 -17.72
C ALA C 213 2.08 -7.68 -19.02
N THR C 214 0.97 -7.93 -19.71
CA THR C 214 0.99 -8.67 -20.98
C THR C 214 1.28 -7.74 -22.15
N MET C 215 1.26 -6.43 -21.90
CA MET C 215 1.51 -5.42 -22.92
C MET C 215 0.35 -5.29 -23.90
N MET C 216 -0.82 -5.79 -23.50
CA MET C 216 -2.00 -5.70 -24.36
C MET C 216 -2.48 -4.25 -24.36
N ASN C 217 -2.17 -3.53 -23.28
CA ASN C 217 -2.55 -2.12 -23.22
C ASN C 217 -1.82 -1.37 -24.34
N LYS C 218 -0.65 -1.84 -24.74
CA LYS C 218 0.06 -1.15 -25.83
C LYS C 218 -0.45 -1.58 -27.21
N GLY C 219 -0.99 -2.79 -27.30
CA GLY C 219 -1.54 -3.23 -28.57
C GLY C 219 -2.82 -2.45 -28.79
N LEU C 220 -3.61 -2.32 -27.72
CA LEU C 220 -4.86 -1.57 -27.76
C LEU C 220 -4.61 -0.09 -28.09
N GLU C 221 -3.57 0.50 -27.48
CA GLU C 221 -3.23 1.90 -27.72
C GLU C 221 -2.82 2.13 -29.18
N LEU C 222 -2.12 1.15 -29.76
CA LEU C 222 -1.71 1.26 -31.15
C LEU C 222 -2.96 1.29 -32.06
N ILE C 223 -3.90 0.38 -31.79
CA ILE C 223 -5.15 0.32 -32.56
C ILE C 223 -5.85 1.68 -32.45
N GLU C 224 -6.00 2.15 -31.21
CA GLU C 224 -6.62 3.43 -30.94
C GLU C 224 -5.97 4.58 -31.75
N ALA C 225 -4.65 4.66 -31.69
CA ALA C 225 -3.89 5.70 -32.39
C ALA C 225 -4.06 5.60 -33.92
N PHE C 226 -4.16 4.38 -34.43
CA PHE C 226 -4.37 4.20 -35.86
C PHE C 226 -5.65 4.91 -36.30
N HIS C 227 -6.71 4.79 -35.49
CA HIS C 227 -7.99 5.43 -35.79
C HIS C 227 -7.98 6.94 -35.58
N LEU C 228 -7.36 7.40 -34.50
CA LEU C 228 -7.29 8.83 -34.21
C LEU C 228 -6.49 9.64 -35.22
N PHE C 229 -5.34 9.12 -35.63
CA PHE C 229 -4.49 9.87 -36.53
C PHE C 229 -4.51 9.55 -38.02
N GLN C 230 -5.17 8.45 -38.38
CA GLN C 230 -5.29 8.02 -39.77
C GLN C 230 -4.02 7.98 -40.58
N ILE C 231 -3.05 7.23 -40.07
CA ILE C 231 -1.75 7.07 -40.70
C ILE C 231 -1.46 5.58 -40.92
N PRO C 232 -0.80 5.25 -42.03
CA PRO C 232 -0.48 3.85 -42.32
C PRO C 232 0.12 3.13 -41.11
N LEU C 233 -0.36 1.92 -40.85
CA LEU C 233 0.11 1.11 -39.74
C LEU C 233 1.64 1.00 -39.65
N GLU C 234 2.29 0.87 -40.79
CA GLU C 234 3.75 0.75 -40.82
C GLU C 234 4.49 1.97 -40.29
N LYS C 235 3.76 3.05 -40.03
CA LYS C 235 4.41 4.24 -39.51
C LYS C 235 4.41 4.28 -37.99
N PHE C 236 3.70 3.36 -37.38
CA PHE C 236 3.66 3.28 -35.92
C PHE C 236 4.75 2.37 -35.34
N GLU C 237 5.38 2.81 -34.26
CA GLU C 237 6.43 2.04 -33.60
C GLU C 237 6.17 2.05 -32.10
N ILE C 238 6.56 0.98 -31.43
CA ILE C 238 6.40 0.95 -29.98
C ILE C 238 7.81 0.97 -29.43
N LEU C 239 8.07 1.92 -28.53
CA LEU C 239 9.39 2.07 -27.92
C LEU C 239 9.28 1.89 -26.42
N VAL C 240 10.09 1.00 -25.86
CA VAL C 240 10.06 0.78 -24.42
C VAL C 240 10.87 1.88 -23.78
N HIS C 241 10.23 2.59 -22.85
CA HIS C 241 10.86 3.68 -22.15
C HIS C 241 10.42 3.59 -20.68
N PRO C 242 11.21 2.88 -19.85
CA PRO C 242 10.90 2.70 -18.43
C PRO C 242 10.44 3.93 -17.63
N GLN C 243 11.21 5.01 -17.64
CA GLN C 243 10.82 6.19 -16.87
C GLN C 243 9.44 6.75 -17.22
N SER C 244 8.99 6.53 -18.45
CA SER C 244 7.70 7.03 -18.89
C SER C 244 7.59 8.57 -18.84
N VAL C 245 8.71 9.28 -19.02
CA VAL C 245 8.69 10.74 -18.98
C VAL C 245 8.33 11.29 -20.36
N ILE C 246 8.84 10.65 -21.40
CA ILE C 246 8.47 11.04 -22.76
C ILE C 246 7.19 10.23 -22.96
N HIS C 247 6.08 10.91 -23.25
CA HIS C 247 4.78 10.24 -23.41
C HIS C 247 4.41 9.75 -24.80
N SER C 248 5.24 10.08 -25.79
CA SER C 248 5.05 9.67 -27.18
C SER C 248 5.69 10.71 -28.08
N MET C 249 5.92 10.34 -29.34
CA MET C 249 6.59 11.25 -30.25
C MET C 249 6.08 11.12 -31.68
N VAL C 250 6.42 12.12 -32.50
CA VAL C 250 6.03 12.18 -33.89
C VAL C 250 7.21 12.70 -34.71
N GLU C 251 7.74 11.91 -35.64
CA GLU C 251 8.85 12.37 -36.46
C GLU C 251 8.35 12.95 -37.78
N TYR C 252 8.87 14.12 -38.14
CA TYR C 252 8.50 14.78 -39.38
C TYR C 252 9.45 14.42 -40.52
N LEU C 253 9.05 14.78 -41.73
CA LEU C 253 9.82 14.47 -42.92
C LEU C 253 11.21 15.07 -42.94
N ASP C 254 11.43 16.17 -42.23
CA ASP C 254 12.77 16.73 -42.25
C ASP C 254 13.69 16.14 -41.18
N GLY C 255 13.24 15.05 -40.58
CA GLY C 255 14.01 14.37 -39.55
C GLY C 255 13.73 14.91 -38.15
N SER C 256 13.03 16.03 -38.11
CA SER C 256 12.68 16.68 -36.85
C SER C 256 11.67 15.84 -36.08
N ILE C 257 11.98 15.55 -34.82
CA ILE C 257 11.08 14.77 -33.98
C ILE C 257 10.53 15.62 -32.82
N LEU C 258 9.21 15.71 -32.73
CA LEU C 258 8.59 16.48 -31.65
C LEU C 258 8.11 15.50 -30.58
N ALA C 259 8.39 15.80 -29.32
CA ALA C 259 7.99 14.93 -28.21
C ALA C 259 7.27 15.69 -27.10
N GLN C 260 6.32 15.01 -26.47
CA GLN C 260 5.57 15.62 -25.38
C GLN C 260 6.10 14.94 -24.12
N ILE C 261 6.66 15.74 -23.21
CA ILE C 261 7.23 15.22 -21.99
C ILE C 261 6.57 15.91 -20.80
N GLY C 262 6.62 15.27 -19.64
CA GLY C 262 6.04 15.87 -18.46
C GLY C 262 5.78 14.91 -17.33
N SER C 263 5.26 15.45 -16.22
CA SER C 263 4.95 14.66 -15.05
C SER C 263 3.73 13.78 -15.35
N PRO C 264 3.46 12.78 -14.51
CA PRO C 264 2.32 11.88 -14.73
C PRO C 264 0.94 12.46 -14.39
N ASP C 265 0.90 13.72 -13.96
CA ASP C 265 -0.37 14.35 -13.60
C ASP C 265 -1.35 14.40 -14.78
N MET C 266 -2.46 13.67 -14.65
CA MET C 266 -3.45 13.64 -15.72
C MET C 266 -4.08 15.01 -16.04
N ARG C 267 -3.93 15.98 -15.15
CA ARG C 267 -4.51 17.28 -15.40
C ARG C 267 -3.85 18.02 -16.55
N THR C 268 -2.65 17.58 -16.92
CA THR C 268 -1.95 18.21 -18.04
C THR C 268 -2.70 17.87 -19.34
N PRO C 269 -2.80 16.58 -19.72
CA PRO C 269 -3.52 16.28 -20.96
C PRO C 269 -5.01 16.69 -20.88
N ILE C 270 -5.61 16.55 -19.71
CA ILE C 270 -7.01 16.97 -19.55
C ILE C 270 -7.07 18.50 -19.73
N GLY C 271 -6.08 19.21 -19.16
CA GLY C 271 -6.03 20.65 -19.27
C GLY C 271 -5.86 21.10 -20.71
N HIS C 272 -5.11 20.31 -21.46
CA HIS C 272 -4.88 20.56 -22.87
C HIS C 272 -6.25 20.48 -23.57
N THR C 273 -6.91 19.32 -23.47
CA THR C 273 -8.22 19.12 -24.12
C THR C 273 -9.27 20.12 -23.70
N LEU C 274 -9.23 20.55 -22.42
CA LEU C 274 -10.22 21.51 -21.92
C LEU C 274 -10.03 22.94 -22.48
N ALA C 275 -8.78 23.37 -22.69
CA ALA C 275 -8.52 24.71 -23.17
C ALA C 275 -8.29 24.83 -24.68
N TRP C 276 -8.03 23.71 -25.36
CA TRP C 276 -7.79 23.70 -26.81
C TRP C 276 -8.86 24.50 -27.54
N PRO C 277 -8.48 25.29 -28.56
CA PRO C 277 -7.11 25.50 -29.08
C PRO C 277 -6.21 26.36 -28.20
N LYS C 278 -6.73 26.83 -27.06
CA LYS C 278 -5.93 27.65 -26.15
C LYS C 278 -5.25 26.79 -25.08
N ARG C 279 -4.40 27.40 -24.28
CA ARG C 279 -3.70 26.71 -23.21
C ARG C 279 -4.17 27.29 -21.88
N MET C 280 -4.10 26.51 -20.81
CA MET C 280 -4.54 27.01 -19.52
C MET C 280 -3.63 26.52 -18.40
N GLU C 281 -3.70 27.19 -17.26
CA GLU C 281 -2.93 26.84 -16.08
C GLU C 281 -3.50 25.61 -15.40
N THR C 282 -2.64 24.72 -14.93
CA THR C 282 -3.07 23.55 -14.19
C THR C 282 -2.01 23.37 -13.14
N PRO C 283 -2.37 22.90 -11.94
CA PRO C 283 -1.37 22.72 -10.89
C PRO C 283 -0.34 21.62 -11.20
N ALA C 284 -0.42 21.02 -12.39
CA ALA C 284 0.53 19.98 -12.78
C ALA C 284 1.94 20.41 -12.42
N GLU C 285 2.75 19.44 -11.98
CA GLU C 285 4.13 19.72 -11.59
C GLU C 285 5.07 19.87 -12.79
N SER C 286 6.07 20.74 -12.64
CA SER C 286 7.05 20.96 -13.68
C SER C 286 8.14 19.90 -13.57
N LEU C 287 8.22 19.04 -14.57
CA LEU C 287 9.22 17.98 -14.61
C LEU C 287 10.62 18.53 -14.34
N ASP C 288 11.26 18.02 -13.28
CA ASP C 288 12.60 18.45 -12.90
C ASP C 288 13.59 17.45 -13.50
N PHE C 289 14.20 17.81 -14.63
CA PHE C 289 15.13 16.90 -15.31
C PHE C 289 16.39 16.61 -14.50
N THR C 290 16.70 17.48 -13.55
CA THR C 290 17.88 17.28 -12.73
C THR C 290 17.70 16.10 -11.78
N LYS C 291 16.50 15.97 -11.21
CA LYS C 291 16.18 14.89 -10.29
C LYS C 291 15.98 13.57 -11.03
N LEU C 292 15.60 13.69 -12.30
CA LEU C 292 15.37 12.55 -13.18
C LEU C 292 16.69 11.96 -13.65
N ARG C 293 17.59 12.83 -14.10
CA ARG C 293 18.92 12.43 -14.57
C ARG C 293 19.06 11.55 -15.76
N GLN C 294 18.43 10.38 -15.67
CA GLN C 294 18.51 9.42 -16.74
C GLN C 294 17.18 9.14 -17.41
N MET C 295 17.30 8.68 -18.65
CA MET C 295 16.17 8.28 -19.49
C MET C 295 16.69 7.09 -20.29
N ASP C 296 15.93 6.00 -20.32
CA ASP C 296 16.34 4.78 -21.03
C ASP C 296 15.39 4.38 -22.16
N PHE C 297 15.94 3.74 -23.18
CA PHE C 297 15.15 3.30 -24.32
C PHE C 297 15.62 1.94 -24.82
N GLU C 298 14.68 1.10 -25.23
CA GLU C 298 15.00 -0.23 -25.75
C GLU C 298 13.82 -0.66 -26.60
N ALA C 299 14.04 -1.61 -27.48
CA ALA C 299 12.96 -2.07 -28.34
C ALA C 299 12.07 -3.07 -27.61
N PRO C 300 10.79 -3.13 -27.97
CA PRO C 300 9.83 -4.05 -27.36
C PRO C 300 10.15 -5.49 -27.76
N ASP C 301 9.96 -6.45 -26.86
CA ASP C 301 10.24 -7.86 -27.15
C ASP C 301 8.98 -8.55 -27.66
N TYR C 302 8.81 -8.58 -28.97
CA TYR C 302 7.62 -9.19 -29.57
C TYR C 302 7.48 -10.67 -29.30
N GLU C 303 8.55 -11.30 -28.87
CA GLU C 303 8.53 -12.72 -28.58
C GLU C 303 8.06 -12.99 -27.16
N ARG C 304 8.42 -12.08 -26.24
CA ARG C 304 8.04 -12.24 -24.84
C ARG C 304 6.65 -11.70 -24.58
N PHE C 305 6.17 -10.85 -25.49
CA PHE C 305 4.84 -10.27 -25.38
C PHE C 305 4.12 -10.36 -26.70
N PRO C 306 3.67 -11.56 -27.07
CA PRO C 306 2.96 -11.81 -28.32
C PRO C 306 1.67 -10.99 -28.47
N ALA C 307 1.12 -10.51 -27.36
CA ALA C 307 -0.09 -9.69 -27.43
C ALA C 307 0.16 -8.55 -28.43
N LEU C 308 1.38 -8.04 -28.46
CA LEU C 308 1.73 -6.96 -29.37
C LEU C 308 1.53 -7.41 -30.82
N THR C 309 1.81 -8.67 -31.08
CA THR C 309 1.66 -9.24 -32.41
C THR C 309 0.19 -9.48 -32.75
N LEU C 310 -0.58 -9.96 -31.77
CA LEU C 310 -2.00 -10.18 -31.96
C LEU C 310 -2.68 -8.83 -32.30
N ALA C 311 -2.25 -7.77 -31.62
CA ALA C 311 -2.81 -6.43 -31.86
C ALA C 311 -2.50 -5.96 -33.27
N MET C 312 -1.23 -6.10 -33.64
CA MET C 312 -0.75 -5.68 -34.96
C MET C 312 -1.53 -6.34 -36.08
N GLU C 313 -1.67 -7.66 -35.98
CA GLU C 313 -2.38 -8.43 -36.99
C GLU C 313 -3.84 -8.02 -37.11
N SER C 314 -4.54 -7.91 -35.97
CA SER C 314 -5.94 -7.54 -35.97
C SER C 314 -6.22 -6.25 -36.73
N ILE C 315 -5.42 -5.21 -36.49
CA ILE C 315 -5.64 -3.95 -37.19
C ILE C 315 -5.26 -4.12 -38.66
N LYS C 316 -4.18 -4.87 -38.90
CA LYS C 316 -3.74 -5.12 -40.26
C LYS C 316 -4.84 -5.86 -41.03
N SER C 317 -5.45 -6.86 -40.38
CA SER C 317 -6.54 -7.62 -40.98
C SER C 317 -7.75 -6.68 -41.08
N GLY C 318 -8.07 -6.03 -39.96
CA GLY C 318 -9.18 -5.09 -39.92
C GLY C 318 -10.52 -5.67 -39.55
N GLY C 319 -11.57 -4.93 -39.92
CA GLY C 319 -12.92 -5.37 -39.62
C GLY C 319 -13.23 -5.49 -38.15
N ALA C 320 -13.79 -6.65 -37.79
CA ALA C 320 -14.16 -6.93 -36.42
C ALA C 320 -13.00 -7.51 -35.61
N ARG C 321 -11.83 -7.63 -36.26
CA ARG C 321 -10.65 -8.18 -35.60
C ARG C 321 -10.33 -7.60 -34.22
N PRO C 322 -9.94 -6.32 -34.15
CA PRO C 322 -9.64 -5.72 -32.85
C PRO C 322 -10.76 -5.88 -31.82
N ALA C 323 -11.99 -5.77 -32.28
CA ALA C 323 -13.14 -5.91 -31.38
C ALA C 323 -13.12 -7.29 -30.74
N VAL C 324 -12.87 -8.32 -31.56
CA VAL C 324 -12.84 -9.70 -31.07
C VAL C 324 -11.71 -9.91 -30.06
N MET C 325 -10.51 -9.47 -30.45
CA MET C 325 -9.33 -9.59 -29.60
C MET C 325 -9.56 -8.93 -28.24
N ASN C 326 -10.04 -7.69 -28.26
CA ASN C 326 -10.30 -6.94 -27.03
C ASN C 326 -11.29 -7.69 -26.16
N ALA C 327 -12.38 -8.15 -26.77
CA ALA C 327 -13.41 -8.90 -26.06
C ALA C 327 -12.80 -10.16 -25.46
N ALA C 328 -12.10 -10.91 -26.30
CA ALA C 328 -11.44 -12.16 -25.90
C ALA C 328 -10.50 -11.91 -24.72
N ASN C 329 -9.77 -10.80 -24.79
CA ASN C 329 -8.84 -10.45 -23.73
C ASN C 329 -9.56 -10.24 -22.39
N GLU C 330 -10.70 -9.55 -22.41
CA GLU C 330 -11.48 -9.30 -21.21
C GLU C 330 -11.73 -10.60 -20.42
N ILE C 331 -12.23 -11.62 -21.13
CA ILE C 331 -12.52 -12.92 -20.54
C ILE C 331 -11.27 -13.64 -20.05
N ALA C 332 -10.25 -13.68 -20.90
CA ALA C 332 -8.98 -14.34 -20.58
C ALA C 332 -8.32 -13.74 -19.33
N VAL C 333 -8.37 -12.41 -19.19
CA VAL C 333 -7.75 -11.76 -18.04
C VAL C 333 -8.53 -12.09 -16.78
N ALA C 334 -9.85 -11.95 -16.85
CA ALA C 334 -10.71 -12.25 -15.70
C ALA C 334 -10.46 -13.71 -15.27
N ALA C 335 -10.20 -14.57 -16.26
CA ALA C 335 -9.92 -15.98 -16.01
C ALA C 335 -8.64 -16.10 -15.17
N PHE C 336 -7.59 -15.43 -15.63
CA PHE C 336 -6.31 -15.45 -14.94
C PHE C 336 -6.44 -14.95 -13.52
N LEU C 337 -7.16 -13.84 -13.33
CA LEU C 337 -7.35 -13.27 -12.00
C LEU C 337 -8.14 -14.24 -11.12
N ASP C 338 -9.08 -14.95 -11.74
CA ASP C 338 -9.91 -15.91 -11.01
C ASP C 338 -9.13 -17.21 -10.87
N LYS C 339 -7.83 -17.11 -11.09
CA LYS C 339 -6.91 -18.25 -10.99
C LYS C 339 -7.33 -19.49 -11.74
N LYS C 340 -8.08 -19.33 -12.82
CA LYS C 340 -8.51 -20.49 -13.62
C LYS C 340 -7.47 -20.82 -14.69
N ILE C 341 -6.61 -19.87 -15.04
CA ILE C 341 -5.58 -20.11 -16.04
C ILE C 341 -4.24 -19.52 -15.63
N GLY C 342 -3.21 -19.81 -16.43
CA GLY C 342 -1.89 -19.28 -16.15
C GLY C 342 -1.71 -17.93 -16.84
N PHE C 343 -0.72 -17.16 -16.42
CA PHE C 343 -0.47 -15.85 -17.01
C PHE C 343 -0.26 -15.91 -18.52
N LEU C 344 0.60 -16.83 -18.96
CA LEU C 344 0.90 -16.99 -20.38
C LEU C 344 -0.26 -17.55 -21.22
N ASP C 345 -1.32 -17.99 -20.55
CA ASP C 345 -2.49 -18.51 -21.25
C ASP C 345 -3.35 -17.39 -21.83
N ILE C 346 -3.34 -16.22 -21.18
CA ILE C 346 -4.14 -15.09 -21.63
C ILE C 346 -3.95 -14.81 -23.12
N ALA C 347 -2.70 -14.68 -23.55
CA ALA C 347 -2.45 -14.41 -24.97
C ALA C 347 -2.83 -15.61 -25.83
N LYS C 348 -2.75 -16.80 -25.26
CA LYS C 348 -3.10 -18.00 -25.99
C LYS C 348 -4.59 -18.01 -26.31
N ILE C 349 -5.41 -17.79 -25.29
CA ILE C 349 -6.86 -17.77 -25.47
C ILE C 349 -7.29 -16.70 -26.46
N VAL C 350 -6.75 -15.49 -26.33
CA VAL C 350 -7.10 -14.40 -27.23
C VAL C 350 -6.75 -14.78 -28.66
N GLU C 351 -5.63 -15.46 -28.85
CA GLU C 351 -5.23 -15.85 -30.20
C GLU C 351 -6.17 -16.90 -30.77
N LYS C 352 -6.50 -17.91 -29.97
CA LYS C 352 -7.40 -18.95 -30.41
C LYS C 352 -8.72 -18.32 -30.89
N THR C 353 -9.38 -17.59 -30.00
CA THR C 353 -10.65 -16.93 -30.31
C THR C 353 -10.57 -16.14 -31.62
N LEU C 354 -9.54 -15.32 -31.78
CA LEU C 354 -9.39 -14.54 -32.99
C LEU C 354 -9.43 -15.41 -34.24
N ASP C 355 -9.00 -16.66 -34.11
CA ASP C 355 -8.97 -17.59 -35.23
C ASP C 355 -10.28 -18.34 -35.47
N HIS C 356 -11.07 -18.53 -34.41
CA HIS C 356 -12.32 -19.25 -34.53
C HIS C 356 -13.57 -18.39 -34.71
N TYR C 357 -13.43 -17.08 -34.52
CA TYR C 357 -14.55 -16.15 -34.68
C TYR C 357 -14.10 -14.95 -35.51
N THR C 358 -14.70 -14.79 -36.68
CA THR C 358 -14.34 -13.71 -37.56
C THR C 358 -15.56 -13.08 -38.25
N PRO C 359 -16.48 -12.52 -37.45
CA PRO C 359 -17.70 -11.89 -38.01
C PRO C 359 -17.43 -10.78 -39.01
N ALA C 360 -18.50 -10.25 -39.58
CA ALA C 360 -18.38 -9.17 -40.56
C ALA C 360 -18.19 -7.84 -39.84
N THR C 361 -17.53 -6.90 -40.51
CA THR C 361 -17.30 -5.59 -39.92
C THR C 361 -18.63 -4.97 -39.47
N PRO C 362 -18.66 -4.33 -38.30
CA PRO C 362 -19.87 -3.70 -37.74
C PRO C 362 -20.37 -2.54 -38.59
N SER C 363 -21.68 -2.35 -38.61
CA SER C 363 -22.29 -1.26 -39.37
C SER C 363 -22.97 -0.30 -38.40
N SER C 364 -23.21 -0.79 -37.18
CA SER C 364 -23.85 0.00 -36.14
C SER C 364 -23.37 -0.50 -34.77
N LEU C 365 -23.64 0.27 -33.71
CA LEU C 365 -23.25 -0.13 -32.37
C LEU C 365 -23.98 -1.41 -31.97
N GLU C 366 -25.09 -1.68 -32.62
CA GLU C 366 -25.84 -2.90 -32.33
C GLU C 366 -24.99 -4.08 -32.81
N ASP C 367 -24.31 -3.91 -33.94
CA ASP C 367 -23.44 -4.96 -34.46
C ASP C 367 -22.29 -5.17 -33.48
N VAL C 368 -21.66 -4.06 -33.07
CA VAL C 368 -20.55 -4.08 -32.13
C VAL C 368 -20.88 -4.81 -30.84
N PHE C 369 -21.99 -4.43 -30.21
CA PHE C 369 -22.42 -5.06 -28.97
C PHE C 369 -22.53 -6.57 -29.19
N ALA C 370 -22.95 -6.96 -30.39
CA ALA C 370 -23.13 -8.36 -30.78
C ALA C 370 -21.81 -9.09 -30.81
N ILE C 371 -20.94 -8.66 -31.71
CA ILE C 371 -19.63 -9.27 -31.85
C ILE C 371 -18.97 -9.42 -30.49
N ASP C 372 -18.99 -8.36 -29.69
CA ASP C 372 -18.37 -8.38 -28.36
C ASP C 372 -18.93 -9.54 -27.57
N ASN C 373 -20.26 -9.57 -27.47
CA ASN C 373 -20.93 -10.63 -26.73
C ASN C 373 -20.59 -12.03 -27.24
N GLU C 374 -20.46 -12.16 -28.57
CA GLU C 374 -20.14 -13.46 -29.16
C GLU C 374 -18.70 -13.86 -28.80
N ALA C 375 -17.75 -12.98 -29.11
CA ALA C 375 -16.34 -13.22 -28.80
C ALA C 375 -16.19 -13.62 -27.33
N ARG C 376 -16.92 -12.94 -26.45
CA ARG C 376 -16.87 -13.26 -25.02
C ARG C 376 -17.32 -14.69 -24.77
N ILE C 377 -18.38 -15.13 -25.46
CA ILE C 377 -18.88 -16.49 -25.29
C ILE C 377 -17.88 -17.49 -25.87
N GLN C 378 -17.39 -17.17 -27.07
CA GLN C 378 -16.41 -18.00 -27.76
C GLN C 378 -15.16 -18.18 -26.89
N ALA C 379 -14.61 -17.05 -26.45
CA ALA C 379 -13.41 -17.07 -25.62
C ALA C 379 -13.61 -17.94 -24.39
N ALA C 380 -14.69 -17.67 -23.64
CA ALA C 380 -14.98 -18.42 -22.41
C ALA C 380 -14.98 -19.93 -22.67
N ALA C 381 -15.41 -20.30 -23.87
CA ALA C 381 -15.46 -21.71 -24.27
C ALA C 381 -14.04 -22.26 -24.35
N LEU C 382 -13.28 -21.75 -25.31
CA LEU C 382 -11.89 -22.17 -25.51
C LEU C 382 -11.11 -22.12 -24.20
N MET C 383 -11.37 -21.07 -23.40
CA MET C 383 -10.70 -20.89 -22.11
C MET C 383 -10.86 -22.12 -21.23
N GLU C 384 -12.01 -22.77 -21.34
CA GLU C 384 -12.29 -23.97 -20.56
C GLU C 384 -12.18 -25.21 -21.41
N SER C 385 -11.03 -25.38 -22.07
CA SER C 385 -10.80 -26.53 -22.93
C SER C 385 -9.53 -27.32 -22.62
N LEU C 386 -8.37 -26.71 -22.75
CA LEU C 386 -7.12 -27.43 -22.48
C LEU C 386 -6.86 -27.58 -21.00
N GLN D 3 4.76 28.40 -59.33
CA GLN D 3 4.84 29.16 -58.04
C GLN D 3 6.25 29.10 -57.44
N PRO D 4 7.30 29.12 -58.29
CA PRO D 4 8.67 29.06 -57.77
C PRO D 4 8.90 30.19 -56.76
N ARG D 5 9.36 29.83 -55.56
CA ARG D 5 9.62 30.80 -54.50
C ARG D 5 11.05 31.35 -54.61
N THR D 6 11.18 32.66 -54.74
CA THR D 6 12.50 33.27 -54.89
C THR D 6 13.34 33.11 -53.63
N VAL D 7 14.60 32.74 -53.81
CA VAL D 7 15.51 32.53 -52.70
C VAL D 7 16.84 33.28 -52.84
N THR D 8 17.38 33.73 -51.71
CA THR D 8 18.68 34.41 -51.68
C THR D 8 19.48 33.91 -50.48
N VAL D 9 20.78 33.71 -50.66
CA VAL D 9 21.61 33.21 -49.58
C VAL D 9 22.84 34.09 -49.35
N LEU D 10 22.90 34.71 -48.18
CA LEU D 10 24.02 35.55 -47.83
C LEU D 10 25.02 34.64 -47.10
N GLY D 11 26.18 34.40 -47.72
CA GLY D 11 27.16 33.50 -47.12
C GLY D 11 26.83 32.10 -47.59
N ALA D 12 26.72 31.96 -48.90
CA ALA D 12 26.36 30.69 -49.51
C ALA D 12 27.46 29.64 -49.54
N THR D 13 28.68 30.03 -49.18
CA THR D 13 29.79 29.07 -49.22
C THR D 13 30.30 28.49 -47.91
N GLY D 14 29.62 28.75 -46.79
CA GLY D 14 30.07 28.18 -45.53
C GLY D 14 29.37 26.86 -45.28
N SER D 15 29.36 26.37 -44.05
CA SER D 15 28.69 25.11 -43.76
C SER D 15 27.17 25.30 -43.88
N ILE D 16 26.66 26.38 -43.30
CA ILE D 16 25.23 26.66 -43.35
C ILE D 16 24.77 26.90 -44.77
N GLY D 17 25.53 27.71 -45.50
CA GLY D 17 25.17 28.01 -46.87
C GLY D 17 25.14 26.75 -47.70
N HIS D 18 26.12 25.90 -47.45
CA HIS D 18 26.27 24.64 -48.16
C HIS D 18 25.05 23.75 -47.93
N SER D 19 24.73 23.48 -46.67
CA SER D 19 23.58 22.65 -46.33
C SER D 19 22.31 23.24 -46.93
N THR D 20 22.24 24.56 -46.97
CA THR D 20 21.11 25.30 -47.52
C THR D 20 20.96 25.06 -49.03
N LEU D 21 22.04 25.22 -49.77
CA LEU D 21 22.00 25.01 -51.20
C LEU D 21 21.72 23.55 -51.49
N ASP D 22 22.15 22.69 -50.58
CA ASP D 22 21.93 21.25 -50.73
C ASP D 22 20.44 20.96 -50.80
N LEU D 23 19.65 21.67 -50.01
CA LEU D 23 18.20 21.45 -50.00
C LEU D 23 17.55 22.18 -51.17
N ILE D 24 18.12 23.32 -51.54
CA ILE D 24 17.60 24.14 -52.64
C ILE D 24 17.78 23.42 -53.97
N GLU D 25 18.98 22.87 -54.18
CA GLU D 25 19.31 22.15 -55.41
C GLU D 25 18.52 20.85 -55.56
N ARG D 26 18.10 20.26 -54.46
CA ARG D 26 17.32 19.01 -54.49
C ARG D 26 15.87 19.31 -54.89
N ASN D 27 15.46 20.57 -54.75
CA ASN D 27 14.09 20.98 -55.09
C ASN D 27 14.21 22.23 -55.94
N LEU D 28 15.21 22.26 -56.81
CA LEU D 28 15.43 23.41 -57.67
C LEU D 28 14.17 23.76 -58.46
N ASP D 29 13.27 22.80 -58.58
CA ASP D 29 12.03 23.05 -59.32
C ASP D 29 11.08 24.03 -58.62
N ARG D 30 11.15 24.10 -57.28
CA ARG D 30 10.28 25.02 -56.56
C ARG D 30 10.96 26.29 -56.07
N TYR D 31 12.24 26.45 -56.37
CA TYR D 31 12.94 27.64 -55.95
C TYR D 31 13.66 28.34 -57.11
N GLN D 32 13.59 29.67 -57.10
CA GLN D 32 14.25 30.50 -58.11
C GLN D 32 15.27 31.36 -57.35
N VAL D 33 16.54 30.95 -57.45
CA VAL D 33 17.62 31.64 -56.77
C VAL D 33 17.89 33.00 -57.34
N ILE D 34 17.81 34.02 -56.47
CA ILE D 34 18.05 35.39 -56.86
C ILE D 34 19.54 35.76 -56.70
N ALA D 35 20.01 35.85 -55.45
CA ALA D 35 21.40 36.20 -55.17
C ALA D 35 22.11 35.25 -54.24
N LEU D 36 23.39 35.05 -54.50
CA LEU D 36 24.21 34.19 -53.66
C LEU D 36 25.41 35.03 -53.31
N THR D 37 25.93 34.88 -52.09
CA THR D 37 27.08 35.68 -51.73
C THR D 37 28.13 34.86 -50.99
N ALA D 38 29.37 35.33 -51.08
CA ALA D 38 30.51 34.73 -50.42
C ALA D 38 31.46 35.89 -50.15
N ASN D 39 32.57 35.61 -49.45
CA ASN D 39 33.55 36.64 -49.14
C ASN D 39 34.79 36.57 -50.02
N ARG D 40 35.45 35.42 -49.96
CA ARG D 40 36.69 35.19 -50.70
C ARG D 40 36.71 33.91 -51.50
N ASN D 41 35.76 33.03 -51.22
CA ASN D 41 35.71 31.77 -51.92
C ASN D 41 35.00 31.90 -53.26
N VAL D 42 35.67 32.53 -54.21
CA VAL D 42 35.14 32.75 -55.56
C VAL D 42 34.79 31.47 -56.33
N LYS D 43 35.50 30.39 -56.05
CA LYS D 43 35.27 29.11 -56.75
C LYS D 43 33.90 28.52 -56.39
N ASP D 44 33.68 28.25 -55.11
CA ASP D 44 32.41 27.69 -54.67
C ASP D 44 31.26 28.63 -55.06
N LEU D 45 31.47 29.93 -54.89
CA LEU D 45 30.46 30.93 -55.21
C LEU D 45 30.00 30.86 -56.65
N ALA D 46 30.94 30.93 -57.58
CA ALA D 46 30.62 30.88 -59.00
C ALA D 46 30.02 29.52 -59.33
N ASP D 47 30.55 28.48 -58.71
CA ASP D 47 30.02 27.15 -58.96
C ASP D 47 28.56 27.10 -58.51
N ALA D 48 28.30 27.50 -57.27
CA ALA D 48 26.97 27.49 -56.72
C ALA D 48 26.03 28.36 -57.55
N ALA D 49 26.51 29.54 -57.95
CA ALA D 49 25.71 30.46 -58.75
C ALA D 49 25.27 29.77 -60.05
N LYS D 50 26.22 29.20 -60.78
CA LYS D 50 25.94 28.50 -62.03
C LYS D 50 25.01 27.28 -61.84
N ARG D 51 25.27 26.48 -60.80
CA ARG D 51 24.46 25.29 -60.52
C ARG D 51 22.98 25.58 -60.35
N THR D 52 22.68 26.70 -59.69
CA THR D 52 21.31 27.08 -59.44
C THR D 52 20.82 28.14 -60.39
N ASN D 53 21.69 28.54 -61.33
CA ASN D 53 21.28 29.55 -62.30
C ASN D 53 20.80 30.80 -61.58
N ALA D 54 21.59 31.27 -60.61
CA ALA D 54 21.24 32.45 -59.83
C ALA D 54 21.21 33.69 -60.72
N LYS D 55 20.58 34.76 -60.25
CA LYS D 55 20.51 36.01 -60.99
C LYS D 55 21.76 36.87 -60.77
N ARG D 56 22.33 36.77 -59.56
CA ARG D 56 23.52 37.52 -59.24
C ARG D 56 24.37 36.81 -58.21
N ALA D 57 25.66 37.04 -58.30
CA ALA D 57 26.61 36.45 -57.38
C ALA D 57 27.41 37.64 -56.90
N VAL D 58 27.66 37.72 -55.60
CA VAL D 58 28.42 38.84 -55.04
C VAL D 58 29.53 38.35 -54.15
N ILE D 59 30.74 38.79 -54.47
CA ILE D 59 31.90 38.42 -53.70
C ILE D 59 32.16 39.67 -52.82
N ALA D 60 32.19 39.46 -51.51
CA ALA D 60 32.41 40.54 -50.54
C ALA D 60 33.71 41.32 -50.79
N ASP D 61 34.85 40.60 -50.83
CA ASP D 61 36.14 41.24 -51.04
C ASP D 61 36.14 41.93 -52.42
N PRO D 62 36.32 43.26 -52.44
CA PRO D 62 36.33 43.97 -53.73
C PRO D 62 37.55 43.59 -54.55
N SER D 63 38.58 43.09 -53.86
CA SER D 63 39.83 42.67 -54.49
C SER D 63 39.58 41.54 -55.48
N LEU D 64 38.63 40.67 -55.15
CA LEU D 64 38.31 39.49 -55.96
C LEU D 64 37.26 39.73 -57.04
N TYR D 65 36.91 40.99 -57.29
CA TYR D 65 35.90 41.25 -58.30
C TYR D 65 36.17 40.63 -59.67
N ASN D 66 37.38 40.84 -60.19
CA ASN D 66 37.72 40.29 -61.50
C ASN D 66 37.70 38.77 -61.57
N ASP D 67 38.16 38.12 -60.52
CA ASP D 67 38.16 36.67 -60.50
C ASP D 67 36.73 36.15 -60.69
N LEU D 68 35.79 36.69 -59.91
CA LEU D 68 34.39 36.30 -59.99
C LEU D 68 33.84 36.52 -61.39
N LYS D 69 34.08 37.71 -61.92
CA LYS D 69 33.63 38.08 -63.24
C LYS D 69 34.17 37.09 -64.28
N GLU D 70 35.40 36.63 -64.06
CA GLU D 70 36.05 35.68 -64.96
C GLU D 70 35.39 34.32 -64.82
N ALA D 71 35.22 33.89 -63.57
CA ALA D 71 34.63 32.59 -63.28
C ALA D 71 33.22 32.46 -63.81
N LEU D 72 32.53 33.59 -63.96
CA LEU D 72 31.16 33.58 -64.45
C LEU D 72 31.10 34.02 -65.90
N ALA D 73 32.21 33.87 -66.61
CA ALA D 73 32.29 34.25 -68.01
C ALA D 73 31.36 33.35 -68.84
N GLY D 74 30.64 33.96 -69.77
CA GLY D 74 29.72 33.19 -70.60
C GLY D 74 28.47 32.78 -69.84
N SER D 75 28.44 33.08 -68.54
CA SER D 75 27.30 32.74 -67.71
C SER D 75 26.28 33.89 -67.71
N SER D 76 25.05 33.59 -67.31
CA SER D 76 23.99 34.59 -67.26
C SER D 76 23.95 35.25 -65.87
N VAL D 77 24.74 34.70 -64.94
CA VAL D 77 24.81 35.23 -63.58
C VAL D 77 25.56 36.57 -63.59
N GLU D 78 24.94 37.60 -63.01
CA GLU D 78 25.58 38.91 -62.91
C GLU D 78 26.63 38.81 -61.82
N ALA D 79 27.67 39.64 -61.90
CA ALA D 79 28.74 39.63 -60.90
C ALA D 79 28.82 40.97 -60.17
N ALA D 80 29.17 40.93 -58.89
CA ALA D 80 29.31 42.13 -58.08
C ALA D 80 30.24 41.83 -56.91
N ALA D 81 30.83 42.88 -56.34
CA ALA D 81 31.77 42.74 -55.22
C ALA D 81 31.71 43.93 -54.28
N GLY D 82 32.20 43.75 -53.07
CA GLY D 82 32.21 44.85 -52.12
C GLY D 82 31.13 44.76 -51.05
N ALA D 83 31.35 45.50 -49.97
CA ALA D 83 30.44 45.52 -48.84
C ALA D 83 29.03 45.98 -49.26
N ASP D 84 28.96 47.05 -50.05
CA ASP D 84 27.67 47.58 -50.48
C ASP D 84 26.89 46.59 -51.34
N ALA D 85 27.59 45.87 -52.20
CA ALA D 85 26.93 44.92 -53.07
C ALA D 85 26.21 43.87 -52.23
N LEU D 86 26.72 43.55 -51.04
CA LEU D 86 26.05 42.57 -50.20
C LEU D 86 24.70 43.12 -49.78
N VAL D 87 24.71 44.36 -49.28
CA VAL D 87 23.49 45.01 -48.84
C VAL D 87 22.51 45.08 -50.02
N GLU D 88 23.00 45.50 -51.18
CA GLU D 88 22.16 45.61 -52.37
C GLU D 88 21.52 44.28 -52.75
N ALA D 89 22.28 43.19 -52.61
CA ALA D 89 21.76 41.87 -52.93
C ALA D 89 20.67 41.49 -51.93
N ALA D 90 20.83 41.88 -50.67
CA ALA D 90 19.84 41.57 -49.64
C ALA D 90 18.54 42.35 -49.89
N MET D 91 18.62 43.34 -50.78
CA MET D 91 17.47 44.16 -51.12
C MET D 91 16.81 43.80 -52.45
N MET D 92 17.34 42.80 -53.13
CA MET D 92 16.80 42.40 -54.42
C MET D 92 15.34 41.91 -54.41
N GLY D 93 14.80 41.63 -53.23
CA GLY D 93 13.41 41.20 -53.14
C GLY D 93 13.09 39.72 -52.94
N ALA D 94 14.08 38.91 -52.59
CA ALA D 94 13.85 37.47 -52.38
C ALA D 94 12.79 37.23 -51.31
N ASP D 95 11.89 36.28 -51.57
CA ASP D 95 10.83 35.98 -50.61
C ASP D 95 11.42 35.27 -49.39
N TRP D 96 12.48 34.52 -49.59
CA TRP D 96 13.15 33.78 -48.52
C TRP D 96 14.64 34.12 -48.56
N THR D 97 15.19 34.59 -47.43
CA THR D 97 16.59 34.96 -47.35
C THR D 97 17.30 34.23 -46.21
N MET D 98 18.41 33.58 -46.55
CA MET D 98 19.21 32.88 -45.56
C MET D 98 20.33 33.83 -45.17
N ALA D 99 20.29 34.33 -43.94
CA ALA D 99 21.32 35.25 -43.46
C ALA D 99 22.38 34.41 -42.78
N ALA D 100 23.43 34.07 -43.53
CA ALA D 100 24.52 33.23 -43.01
C ALA D 100 25.88 33.91 -42.98
N ILE D 101 25.90 35.22 -43.22
CA ILE D 101 27.12 36.01 -43.16
C ILE D 101 27.23 36.32 -41.67
N ILE D 102 28.29 35.82 -41.04
CA ILE D 102 28.50 35.99 -39.61
C ILE D 102 29.30 37.26 -39.16
N GLY D 103 29.13 37.65 -37.89
CA GLY D 103 29.83 38.79 -37.32
C GLY D 103 29.35 40.15 -37.81
N CYS D 104 29.94 41.24 -37.31
CA CYS D 104 29.53 42.58 -37.71
C CYS D 104 29.50 42.81 -39.22
N ALA D 105 30.19 41.95 -39.96
CA ALA D 105 30.25 42.05 -41.42
C ALA D 105 28.93 41.72 -42.11
N GLY D 106 28.05 41.02 -41.39
CA GLY D 106 26.77 40.65 -41.97
C GLY D 106 25.58 41.38 -41.37
N LEU D 107 25.84 42.32 -40.47
CA LEU D 107 24.76 43.06 -39.84
C LEU D 107 23.98 43.94 -40.83
N LYS D 108 24.69 44.69 -41.68
CA LYS D 108 24.04 45.56 -42.65
C LYS D 108 23.12 44.78 -43.59
N ALA D 109 23.67 43.74 -44.23
CA ALA D 109 22.91 42.90 -45.16
C ALA D 109 21.69 42.29 -44.48
N THR D 110 21.90 41.73 -43.29
CA THR D 110 20.83 41.09 -42.53
C THR D 110 19.69 42.09 -42.24
N LEU D 111 20.06 43.26 -41.72
CA LEU D 111 19.07 44.28 -41.39
C LEU D 111 18.34 44.76 -42.65
N ALA D 112 19.08 44.85 -43.75
CA ALA D 112 18.46 45.26 -44.99
C ALA D 112 17.42 44.18 -45.39
N ALA D 113 17.83 42.91 -45.38
CA ALA D 113 16.93 41.83 -45.74
C ALA D 113 15.65 41.85 -44.90
N ILE D 114 15.81 42.06 -43.61
CA ILE D 114 14.69 42.10 -42.69
C ILE D 114 13.73 43.24 -43.06
N ARG D 115 14.27 44.42 -43.33
CA ARG D 115 13.47 45.57 -43.70
C ARG D 115 12.63 45.34 -44.96
N LYS D 116 12.94 44.27 -45.68
CA LYS D 116 12.20 43.96 -46.89
C LYS D 116 10.85 43.34 -46.54
N GLY D 117 10.71 42.95 -45.28
CA GLY D 117 9.45 42.41 -44.82
C GLY D 117 9.04 41.02 -45.23
N LYS D 118 9.91 40.27 -45.90
CA LYS D 118 9.50 38.91 -46.28
C LYS D 118 9.98 37.90 -45.23
N THR D 119 10.52 36.77 -45.68
CA THR D 119 11.01 35.74 -44.75
C THR D 119 12.53 35.74 -44.63
N VAL D 120 13.02 35.77 -43.39
CA VAL D 120 14.46 35.76 -43.15
C VAL D 120 14.92 34.67 -42.17
N ALA D 121 15.61 33.68 -42.71
CA ALA D 121 16.15 32.59 -41.89
C ALA D 121 17.44 33.15 -41.29
N LEU D 122 17.48 33.24 -39.97
CA LEU D 122 18.62 33.79 -39.29
C LEU D 122 19.58 32.72 -38.79
N ALA D 123 20.78 32.72 -39.40
CA ALA D 123 21.85 31.80 -39.03
C ALA D 123 22.86 32.69 -38.33
N ASN D 124 22.82 33.97 -38.69
CA ASN D 124 23.68 34.99 -38.11
C ASN D 124 23.19 35.26 -36.66
N LYS D 125 23.47 34.33 -35.74
CA LYS D 125 23.05 34.45 -34.33
C LYS D 125 23.45 35.74 -33.66
N GLU D 126 24.71 36.08 -33.85
CA GLU D 126 25.31 37.25 -33.26
C GLU D 126 24.64 38.56 -33.55
N SER D 127 23.86 38.62 -34.63
CA SER D 127 23.16 39.86 -34.88
C SER D 127 22.30 40.20 -33.66
N LEU D 128 21.60 39.20 -33.09
CA LEU D 128 20.74 39.42 -31.93
C LEU D 128 21.46 39.80 -30.64
N VAL D 129 22.68 39.33 -30.50
CA VAL D 129 23.46 39.64 -29.31
C VAL D 129 23.89 41.10 -29.28
N SER D 130 24.34 41.60 -30.42
CA SER D 130 24.82 42.98 -30.52
C SER D 130 23.78 44.00 -31.02
N ALA D 131 22.83 43.55 -31.82
CA ALA D 131 21.81 44.41 -32.39
C ALA D 131 20.39 43.85 -32.23
N GLY D 132 20.21 42.95 -31.26
CA GLY D 132 18.92 42.35 -31.03
C GLY D 132 17.75 43.32 -31.00
N GLY D 133 17.88 44.38 -30.21
CA GLY D 133 16.82 45.38 -30.09
C GLY D 133 16.44 45.97 -31.43
N LEU D 134 17.44 46.40 -32.19
CA LEU D 134 17.19 46.98 -33.52
C LEU D 134 16.54 45.97 -34.46
N MET D 135 17.15 44.79 -34.57
CA MET D 135 16.64 43.70 -35.42
C MET D 135 15.16 43.43 -35.17
N ILE D 136 14.77 43.33 -33.91
CA ILE D 136 13.39 43.04 -33.57
C ILE D 136 12.45 44.22 -33.84
N ASP D 137 12.97 45.44 -33.82
CA ASP D 137 12.13 46.59 -34.11
C ASP D 137 11.80 46.59 -35.59
N ALA D 138 12.80 46.29 -36.42
CA ALA D 138 12.62 46.22 -37.88
C ALA D 138 11.65 45.10 -38.25
N VAL D 139 11.71 44.00 -37.50
CA VAL D 139 10.83 42.87 -37.72
C VAL D 139 9.38 43.32 -37.45
N ARG D 140 9.17 44.04 -36.34
CA ARG D 140 7.83 44.55 -35.99
C ARG D 140 7.35 45.56 -37.02
N GLU D 141 8.26 46.45 -37.37
CA GLU D 141 7.97 47.52 -38.30
C GLU D 141 7.59 47.05 -39.70
N HIS D 142 8.29 46.05 -40.21
CA HIS D 142 8.02 45.57 -41.57
C HIS D 142 7.25 44.26 -41.67
N GLY D 143 6.82 43.74 -40.53
CA GLY D 143 6.06 42.50 -40.54
C GLY D 143 6.83 41.33 -41.13
N THR D 144 8.13 41.30 -40.86
CA THR D 144 9.03 40.27 -41.34
C THR D 144 8.82 38.96 -40.57
N THR D 145 8.97 37.85 -41.28
CA THR D 145 8.86 36.53 -40.68
C THR D 145 10.28 36.08 -40.39
N LEU D 146 10.69 36.20 -39.14
CA LEU D 146 12.04 35.84 -38.73
C LEU D 146 12.06 34.39 -38.25
N LEU D 147 12.87 33.56 -38.88
CA LEU D 147 12.96 32.15 -38.52
C LEU D 147 14.38 31.75 -38.10
N PRO D 148 14.57 31.37 -36.84
CA PRO D 148 15.91 30.97 -36.35
C PRO D 148 16.40 29.62 -36.92
N VAL D 149 17.61 29.61 -37.46
CA VAL D 149 18.22 28.42 -38.08
C VAL D 149 19.02 27.56 -37.11
N ASP D 150 19.64 28.24 -36.16
CA ASP D 150 20.44 27.67 -35.10
C ASP D 150 19.65 26.51 -34.44
N SER D 151 20.32 25.41 -34.09
CA SER D 151 19.66 24.25 -33.49
C SER D 151 18.78 24.50 -32.27
N GLU D 152 19.35 25.16 -31.26
CA GLU D 152 18.59 25.41 -30.05
C GLU D 152 17.37 26.29 -30.28
N HIS D 153 17.58 27.42 -30.95
CA HIS D 153 16.47 28.33 -31.24
C HIS D 153 15.47 27.75 -32.22
N ASN D 154 15.92 26.88 -33.11
CA ASN D 154 14.98 26.28 -34.04
C ASN D 154 14.12 25.26 -33.30
N ALA D 155 14.75 24.55 -32.38
CA ALA D 155 14.06 23.56 -31.59
C ALA D 155 12.94 24.26 -30.84
N ILE D 156 13.32 25.31 -30.11
CA ILE D 156 12.41 26.13 -29.32
C ILE D 156 11.25 26.66 -30.18
N PHE D 157 11.60 27.19 -31.34
CA PHE D 157 10.60 27.74 -32.26
C PHE D 157 9.57 26.67 -32.66
N GLN D 158 10.03 25.45 -32.89
CA GLN D 158 9.13 24.36 -33.29
C GLN D 158 8.19 23.94 -32.17
N CYS D 159 8.56 24.27 -30.93
CA CYS D 159 7.78 23.92 -29.75
C CYS D 159 7.13 25.16 -29.13
N PHE D 160 7.37 26.32 -29.73
CA PHE D 160 6.85 27.58 -29.21
C PHE D 160 5.45 27.96 -29.71
N PRO D 161 4.62 28.54 -28.80
CA PRO D 161 3.25 28.96 -29.11
C PRO D 161 3.30 30.40 -29.64
N HIS D 162 3.59 30.56 -30.93
CA HIS D 162 3.65 31.89 -31.51
C HIS D 162 2.27 32.52 -31.39
N HIS D 163 2.24 33.82 -31.11
CA HIS D 163 1.01 34.58 -30.93
C HIS D 163 0.42 34.37 -29.55
N ASN D 164 1.13 33.65 -28.69
CA ASN D 164 0.64 33.37 -27.35
C ASN D 164 1.77 33.13 -26.34
N ARG D 165 2.66 34.11 -26.23
CA ARG D 165 3.78 34.04 -25.29
C ARG D 165 3.35 33.67 -23.87
N ASP D 166 2.19 34.20 -23.48
CA ASP D 166 1.62 33.98 -22.15
C ASP D 166 1.34 32.52 -21.82
N TYR D 167 1.42 31.66 -22.83
CA TYR D 167 1.18 30.23 -22.66
C TYR D 167 2.41 29.47 -22.17
N VAL D 168 3.57 30.11 -22.29
CA VAL D 168 4.84 29.53 -21.87
C VAL D 168 5.14 29.69 -20.39
N ARG D 169 5.48 28.59 -19.73
CA ARG D 169 5.84 28.65 -18.32
C ARG D 169 7.36 28.79 -18.25
N ARG D 170 8.06 28.12 -19.16
CA ARG D 170 9.51 28.20 -19.20
C ARG D 170 10.07 27.62 -20.49
N ILE D 171 11.30 28.02 -20.81
CA ILE D 171 11.98 27.55 -21.98
C ILE D 171 13.29 26.96 -21.47
N ILE D 172 13.58 25.73 -21.86
CA ILE D 172 14.80 25.07 -21.43
C ILE D 172 15.74 24.96 -22.61
N ILE D 173 16.92 25.57 -22.45
CA ILE D 173 17.96 25.56 -23.46
C ILE D 173 18.91 24.46 -23.03
N THR D 174 18.90 23.37 -23.77
CA THR D 174 19.76 22.22 -23.48
C THR D 174 21.17 22.59 -23.87
N ALA D 175 22.14 22.04 -23.14
CA ALA D 175 23.53 22.31 -23.40
C ALA D 175 24.35 21.05 -23.16
N SER D 176 25.21 20.71 -24.12
CA SER D 176 26.07 19.54 -24.03
C SER D 176 26.94 19.60 -22.78
N GLY D 177 27.25 20.81 -22.36
CA GLY D 177 28.09 20.96 -21.18
C GLY D 177 29.49 21.38 -21.56
N GLY D 178 29.86 21.09 -22.80
CA GLY D 178 31.18 21.43 -23.29
C GLY D 178 32.22 20.39 -22.92
N PRO D 179 33.44 20.52 -23.45
CA PRO D 179 34.54 19.59 -23.17
C PRO D 179 34.94 19.46 -21.70
N PHE D 180 34.73 20.53 -20.93
CA PHE D 180 35.11 20.50 -19.51
C PHE D 180 33.90 20.37 -18.60
N ARG D 181 32.88 19.66 -19.06
CA ARG D 181 31.68 19.46 -18.28
C ARG D 181 31.98 18.79 -16.93
N THR D 182 33.00 17.94 -16.91
CA THR D 182 33.38 17.23 -15.70
C THR D 182 34.77 17.62 -15.17
N THR D 183 35.30 18.75 -15.64
CA THR D 183 36.62 19.21 -15.23
C THR D 183 36.51 20.21 -14.09
N SER D 184 37.44 20.14 -13.14
CA SER D 184 37.43 21.05 -12.00
C SER D 184 38.06 22.39 -12.32
N LEU D 185 37.59 23.44 -11.64
CA LEU D 185 38.12 24.79 -11.85
C LEU D 185 39.64 24.76 -11.87
N ALA D 186 40.18 23.96 -10.95
CA ALA D 186 41.61 23.81 -10.79
C ALA D 186 42.31 23.31 -12.05
N GLU D 187 41.74 22.28 -12.67
CA GLU D 187 42.34 21.71 -13.86
C GLU D 187 42.13 22.60 -15.08
N MET D 188 41.00 23.30 -15.11
CA MET D 188 40.69 24.19 -16.22
C MET D 188 41.70 25.34 -16.31
N ALA D 189 42.24 25.73 -15.15
CA ALA D 189 43.21 26.81 -15.11
C ALA D 189 44.47 26.48 -15.92
N THR D 190 44.77 25.19 -16.06
CA THR D 190 45.96 24.75 -16.78
C THR D 190 45.70 24.33 -18.23
N VAL D 191 44.46 24.46 -18.67
CA VAL D 191 44.12 24.06 -20.02
C VAL D 191 44.85 24.88 -21.08
N THR D 192 45.32 24.20 -22.12
CA THR D 192 46.04 24.86 -23.20
C THR D 192 45.12 24.98 -24.42
N PRO D 193 45.31 26.02 -25.23
CA PRO D 193 44.50 26.30 -26.43
C PRO D 193 44.37 25.08 -27.33
N GLU D 194 45.43 24.28 -27.33
CA GLU D 194 45.49 23.07 -28.15
C GLU D 194 44.46 22.03 -27.74
N ARG D 195 44.37 21.76 -26.45
CA ARG D 195 43.41 20.77 -25.95
C ARG D 195 42.02 21.36 -25.93
N ALA D 196 41.97 22.69 -25.83
CA ALA D 196 40.71 23.41 -25.79
C ALA D 196 40.03 23.39 -27.16
N VAL D 197 40.82 23.52 -28.22
CA VAL D 197 40.28 23.53 -29.57
C VAL D 197 40.15 22.16 -30.23
N GLN D 198 40.49 21.09 -29.49
CA GLN D 198 40.40 19.76 -30.06
C GLN D 198 39.07 19.44 -30.77
N HIS D 199 39.19 19.07 -32.03
CA HIS D 199 38.06 18.77 -32.91
C HIS D 199 36.95 19.80 -32.76
N ALA D 206 36.84 27.17 -34.81
CA ALA D 206 37.87 27.37 -33.79
C ALA D 206 37.40 28.20 -32.59
N LYS D 207 37.23 29.51 -32.79
CA LYS D 207 36.75 30.42 -31.74
C LYS D 207 35.48 29.87 -31.07
N ILE D 208 34.73 29.08 -31.83
CA ILE D 208 33.50 28.44 -31.40
C ILE D 208 33.79 27.37 -30.33
N SER D 209 34.91 26.67 -30.51
CA SER D 209 35.35 25.62 -29.58
C SER D 209 35.55 26.20 -28.20
N ILE D 210 36.13 27.38 -28.13
CA ILE D 210 36.42 28.04 -26.86
C ILE D 210 35.15 28.53 -26.15
N ASP D 211 34.20 29.08 -26.92
CA ASP D 211 32.97 29.55 -26.33
C ASP D 211 32.20 28.36 -25.79
N SER D 212 32.45 27.20 -26.39
CA SER D 212 31.83 25.96 -25.97
C SER D 212 32.42 25.47 -24.64
N ALA D 213 33.73 25.58 -24.51
CA ALA D 213 34.41 25.16 -23.29
C ALA D 213 34.13 26.08 -22.11
N THR D 214 34.03 27.39 -22.36
CA THR D 214 33.75 28.36 -21.28
C THR D 214 32.23 28.49 -21.06
N MET D 215 31.46 27.91 -21.97
CA MET D 215 30.00 27.95 -21.95
C MET D 215 29.48 29.34 -22.27
N MET D 216 30.30 30.13 -22.94
CA MET D 216 29.92 31.47 -23.31
C MET D 216 28.90 31.37 -24.44
N ASN D 217 29.01 30.28 -25.21
CA ASN D 217 28.10 30.07 -26.32
C ASN D 217 26.66 29.93 -25.81
N LYS D 218 26.48 29.33 -24.63
CA LYS D 218 25.14 29.20 -24.06
C LYS D 218 24.66 30.54 -23.50
N GLY D 219 25.60 31.35 -22.99
CA GLY D 219 25.23 32.64 -22.47
C GLY D 219 24.70 33.48 -23.62
N LEU D 220 25.37 33.38 -24.76
CA LEU D 220 24.98 34.11 -25.96
C LEU D 220 23.65 33.57 -26.49
N GLU D 221 23.49 32.25 -26.51
CA GLU D 221 22.25 31.66 -26.98
C GLU D 221 21.07 32.14 -26.14
N LEU D 222 21.28 32.23 -24.83
CA LEU D 222 20.25 32.69 -23.91
C LEU D 222 19.83 34.11 -24.29
N ILE D 223 20.83 34.95 -24.55
CA ILE D 223 20.59 36.33 -24.95
C ILE D 223 19.76 36.35 -26.22
N GLU D 224 20.23 35.60 -27.22
CA GLU D 224 19.54 35.52 -28.50
C GLU D 224 18.10 35.07 -28.33
N ALA D 225 17.89 34.02 -27.53
CA ALA D 225 16.56 33.48 -27.30
C ALA D 225 15.65 34.53 -26.69
N PHE D 226 16.20 35.29 -25.75
CA PHE D 226 15.45 36.36 -25.10
C PHE D 226 14.83 37.30 -26.13
N HIS D 227 15.62 37.73 -27.13
CA HIS D 227 15.10 38.63 -28.15
C HIS D 227 14.13 37.94 -29.13
N LEU D 228 14.44 36.71 -29.52
CA LEU D 228 13.59 35.99 -30.46
C LEU D 228 12.19 35.66 -29.95
N PHE D 229 12.11 35.24 -28.69
CA PHE D 229 10.84 34.82 -28.14
C PHE D 229 10.10 35.81 -27.25
N GLN D 230 10.78 36.88 -26.86
CA GLN D 230 10.20 37.93 -26.05
C GLN D 230 9.50 37.45 -24.80
N ILE D 231 10.23 36.69 -24.01
CA ILE D 231 9.72 36.13 -22.78
C ILE D 231 10.59 36.60 -21.61
N PRO D 232 9.99 36.82 -20.44
CA PRO D 232 10.78 37.28 -19.29
C PRO D 232 12.00 36.38 -19.04
N LEU D 233 13.16 36.98 -18.80
CA LEU D 233 14.40 36.24 -18.56
C LEU D 233 14.31 35.11 -17.54
N GLU D 234 13.47 35.34 -16.55
CA GLU D 234 13.21 34.45 -15.43
C GLU D 234 12.61 33.10 -15.85
N LYS D 235 12.09 33.08 -17.08
CA LYS D 235 11.46 31.89 -17.63
C LYS D 235 12.43 31.00 -18.40
N PHE D 236 13.67 31.45 -18.56
CA PHE D 236 14.68 30.67 -19.28
C PHE D 236 15.53 29.85 -18.32
N GLU D 237 15.85 28.63 -18.74
CA GLU D 237 16.68 27.73 -17.94
C GLU D 237 17.69 27.04 -18.86
N ILE D 238 18.88 26.81 -18.32
CA ILE D 238 19.90 26.12 -19.09
C ILE D 238 20.02 24.75 -18.45
N LEU D 239 19.81 23.71 -19.26
CA LEU D 239 19.87 22.35 -18.77
C LEU D 239 21.05 21.66 -19.46
N VAL D 240 21.88 20.96 -18.67
CA VAL D 240 23.03 20.23 -19.24
C VAL D 240 22.55 18.84 -19.63
N HIS D 241 22.75 18.50 -20.91
CA HIS D 241 22.29 17.24 -21.51
C HIS D 241 23.37 16.81 -22.50
N PRO D 242 24.35 16.04 -22.01
CA PRO D 242 25.49 15.51 -22.78
C PRO D 242 25.17 15.00 -24.18
N GLN D 243 24.24 14.08 -24.27
CA GLN D 243 23.87 13.51 -25.54
C GLN D 243 23.53 14.50 -26.63
N SER D 244 23.00 15.66 -26.26
CA SER D 244 22.60 16.66 -27.25
C SER D 244 21.53 16.13 -28.21
N VAL D 245 20.70 15.21 -27.75
CA VAL D 245 19.66 14.69 -28.63
C VAL D 245 18.42 15.56 -28.50
N ILE D 246 18.15 16.05 -27.30
CA ILE D 246 17.03 16.96 -27.12
C ILE D 246 17.68 18.33 -27.41
N HIS D 247 17.15 19.07 -28.38
CA HIS D 247 17.77 20.33 -28.75
C HIS D 247 17.31 21.56 -27.97
N SER D 248 16.20 21.41 -27.24
CA SER D 248 15.59 22.46 -26.40
C SER D 248 14.14 22.12 -26.16
N MET D 249 13.54 22.73 -25.14
CA MET D 249 12.16 22.47 -24.78
C MET D 249 11.37 23.71 -24.41
N VAL D 250 10.05 23.57 -24.37
CA VAL D 250 9.16 24.66 -24.02
C VAL D 250 8.04 24.06 -23.17
N GLU D 251 7.93 24.48 -21.91
CA GLU D 251 6.88 23.98 -21.05
C GLU D 251 5.70 24.93 -21.09
N TYR D 252 4.50 24.37 -21.19
CA TYR D 252 3.29 25.19 -21.23
C TYR D 252 2.63 25.26 -19.86
N LEU D 253 1.63 26.11 -19.76
CA LEU D 253 0.87 26.32 -18.52
C LEU D 253 0.16 25.07 -17.96
N ASP D 254 -0.17 24.10 -18.81
CA ASP D 254 -0.84 22.89 -18.31
C ASP D 254 0.15 21.82 -17.85
N GLY D 255 1.43 22.20 -17.80
CA GLY D 255 2.47 21.27 -17.40
C GLY D 255 3.06 20.52 -18.60
N SER D 256 2.38 20.61 -19.73
CA SER D 256 2.83 19.93 -20.95
C SER D 256 4.13 20.53 -21.48
N ILE D 257 5.16 19.69 -21.65
CA ILE D 257 6.45 20.14 -22.19
C ILE D 257 6.66 19.55 -23.58
N LEU D 258 6.82 20.42 -24.58
CA LEU D 258 7.08 20.03 -25.96
C LEU D 258 8.58 20.15 -26.20
N ALA D 259 9.20 19.11 -26.76
CA ALA D 259 10.63 19.13 -27.03
C ALA D 259 10.92 18.69 -28.46
N GLN D 260 11.99 19.24 -29.04
CA GLN D 260 12.39 18.91 -30.40
C GLN D 260 13.63 18.05 -30.27
N ILE D 261 13.58 16.86 -30.86
CA ILE D 261 14.68 15.92 -30.79
C ILE D 261 15.07 15.47 -32.20
N GLY D 262 16.26 14.91 -32.35
CA GLY D 262 16.67 14.47 -33.67
C GLY D 262 18.17 14.34 -33.78
N SER D 263 18.65 14.00 -34.98
CA SER D 263 20.08 13.85 -35.23
C SER D 263 20.69 15.24 -35.35
N PRO D 264 22.03 15.35 -35.38
CA PRO D 264 22.73 16.62 -35.49
C PRO D 264 22.79 17.25 -36.88
N ASP D 265 22.14 16.62 -37.85
CA ASP D 265 22.13 17.14 -39.21
C ASP D 265 21.51 18.52 -39.31
N MET D 266 22.30 19.52 -39.68
CA MET D 266 21.77 20.87 -39.79
C MET D 266 20.68 21.05 -40.84
N ARG D 267 20.49 20.07 -41.72
CA ARG D 267 19.46 20.19 -42.75
C ARG D 267 18.05 20.10 -42.19
N THR D 268 17.93 19.55 -40.99
CA THR D 268 16.62 19.43 -40.34
C THR D 268 16.12 20.85 -40.03
N PRO D 269 16.85 21.60 -39.17
CA PRO D 269 16.40 22.97 -38.86
C PRO D 269 16.35 23.85 -40.13
N ILE D 270 17.36 23.73 -40.99
CA ILE D 270 17.40 24.51 -42.22
C ILE D 270 16.20 24.14 -43.07
N GLY D 271 15.88 22.84 -43.12
CA GLY D 271 14.76 22.36 -43.90
C GLY D 271 13.47 22.95 -43.34
N HIS D 272 13.44 23.04 -42.01
CA HIS D 272 12.29 23.61 -41.31
C HIS D 272 12.09 25.05 -41.79
N THR D 273 13.12 25.88 -41.61
CA THR D 273 13.04 27.30 -42.00
C THR D 273 12.81 27.52 -43.48
N LEU D 274 13.19 26.55 -44.31
CA LEU D 274 13.02 26.70 -45.75
C LEU D 274 11.60 26.35 -46.22
N ALA D 275 10.98 25.40 -45.54
CA ALA D 275 9.63 24.97 -45.91
C ALA D 275 8.52 25.65 -45.13
N TRP D 276 8.85 26.21 -43.95
CA TRP D 276 7.85 26.91 -43.13
C TRP D 276 6.96 27.83 -43.97
N PRO D 277 5.63 27.81 -43.75
CA PRO D 277 4.89 27.00 -42.77
C PRO D 277 4.67 25.52 -43.10
N LYS D 278 5.17 25.09 -44.25
CA LYS D 278 5.04 23.70 -44.66
C LYS D 278 6.27 22.92 -44.22
N ARG D 279 6.19 21.60 -44.34
CA ARG D 279 7.33 20.75 -44.00
C ARG D 279 7.86 20.16 -45.30
N MET D 280 9.13 19.78 -45.33
CA MET D 280 9.72 19.21 -46.53
C MET D 280 10.66 18.07 -46.18
N GLU D 281 10.91 17.20 -47.16
CA GLU D 281 11.80 16.07 -46.97
C GLU D 281 13.25 16.56 -46.98
N THR D 282 14.07 15.97 -46.13
CA THR D 282 15.48 16.29 -46.08
C THR D 282 16.16 14.96 -45.80
N PRO D 283 17.32 14.71 -46.41
CA PRO D 283 17.99 13.44 -46.16
C PRO D 283 18.41 13.22 -44.71
N ALA D 284 18.02 14.14 -43.83
CA ALA D 284 18.36 14.04 -42.41
C ALA D 284 18.10 12.61 -41.91
N GLU D 285 18.95 12.12 -41.02
CA GLU D 285 18.81 10.76 -40.49
C GLU D 285 17.75 10.69 -39.39
N SER D 286 17.05 9.56 -39.31
CA SER D 286 16.02 9.33 -38.30
C SER D 286 16.68 8.83 -37.03
N LEU D 287 16.61 9.64 -35.97
CA LEU D 287 17.21 9.28 -34.69
C LEU D 287 16.73 7.91 -34.23
N ASP D 288 17.68 6.98 -34.03
CA ASP D 288 17.36 5.63 -33.59
C ASP D 288 17.53 5.61 -32.06
N PHE D 289 16.42 5.66 -31.34
CA PHE D 289 16.45 5.66 -29.87
C PHE D 289 16.97 4.37 -29.26
N THR D 290 16.97 3.30 -30.04
CA THR D 290 17.47 2.01 -29.57
C THR D 290 19.01 2.01 -29.47
N LYS D 291 19.67 2.66 -30.42
CA LYS D 291 21.13 2.74 -30.43
C LYS D 291 21.61 3.77 -29.41
N LEU D 292 20.74 4.74 -29.13
CA LEU D 292 21.06 5.81 -28.19
C LEU D 292 20.97 5.27 -26.77
N ARG D 293 19.91 4.51 -26.54
CA ARG D 293 19.58 3.90 -25.26
C ARG D 293 19.53 4.80 -24.02
N GLN D 294 20.52 5.66 -23.81
CA GLN D 294 20.48 6.56 -22.66
C GLN D 294 20.53 8.03 -22.99
N MET D 295 19.91 8.82 -22.11
CA MET D 295 19.87 10.28 -22.19
C MET D 295 20.12 10.79 -20.76
N ASP D 296 21.02 11.76 -20.61
CA ASP D 296 21.34 12.29 -19.27
C ASP D 296 21.02 13.77 -19.07
N PHE D 297 20.71 14.15 -17.83
CA PHE D 297 20.39 15.55 -17.49
C PHE D 297 20.99 15.98 -16.15
N GLU D 298 21.55 17.18 -16.11
CA GLU D 298 22.11 17.71 -14.86
C GLU D 298 22.03 19.22 -14.92
N ALA D 299 22.16 19.88 -13.78
CA ALA D 299 22.10 21.34 -13.75
C ALA D 299 23.45 21.94 -14.14
N PRO D 300 23.42 23.14 -14.74
CA PRO D 300 24.66 23.80 -15.16
C PRO D 300 25.39 24.29 -13.90
N ASP D 301 26.72 24.26 -13.93
CA ASP D 301 27.50 24.72 -12.78
C ASP D 301 27.87 26.19 -12.97
N TYR D 302 27.07 27.07 -12.39
CA TYR D 302 27.29 28.50 -12.50
C TYR D 302 28.58 28.99 -11.84
N GLU D 303 29.17 28.15 -10.99
CA GLU D 303 30.41 28.51 -10.32
C GLU D 303 31.63 28.12 -11.15
N ARG D 304 31.51 27.03 -11.91
CA ARG D 304 32.61 26.56 -12.76
C ARG D 304 32.56 27.23 -14.13
N PHE D 305 31.42 27.84 -14.45
CA PHE D 305 31.28 28.53 -15.73
C PHE D 305 30.56 29.86 -15.50
N PRO D 306 31.27 30.83 -14.90
CA PRO D 306 30.73 32.17 -14.60
C PRO D 306 30.28 32.94 -15.84
N ALA D 307 30.72 32.50 -17.01
CA ALA D 307 30.32 33.16 -18.24
C ALA D 307 28.80 33.18 -18.28
N LEU D 308 28.18 32.07 -17.88
CA LEU D 308 26.72 31.99 -17.87
C LEU D 308 26.16 33.09 -16.98
N THR D 309 26.88 33.45 -15.92
CA THR D 309 26.43 34.50 -15.02
C THR D 309 26.59 35.89 -15.65
N LEU D 310 27.70 36.08 -16.38
CA LEU D 310 27.98 37.35 -17.04
C LEU D 310 26.91 37.60 -18.10
N ALA D 311 26.50 36.53 -18.78
CA ALA D 311 25.50 36.65 -19.82
C ALA D 311 24.15 37.04 -19.22
N MET D 312 23.78 36.34 -18.15
CA MET D 312 22.53 36.56 -17.44
C MET D 312 22.43 38.02 -16.98
N GLU D 313 23.48 38.52 -16.37
CA GLU D 313 23.50 39.89 -15.87
C GLU D 313 23.36 40.92 -16.99
N SER D 314 24.11 40.72 -18.07
CA SER D 314 24.07 41.66 -19.19
C SER D 314 22.67 41.85 -19.74
N ILE D 315 21.96 40.74 -19.96
CA ILE D 315 20.60 40.82 -20.49
C ILE D 315 19.72 41.50 -19.44
N LYS D 316 19.94 41.12 -18.20
CA LYS D 316 19.16 41.67 -17.10
C LYS D 316 19.35 43.18 -17.03
N SER D 317 20.61 43.61 -17.11
CA SER D 317 20.90 45.02 -17.08
C SER D 317 20.33 45.62 -18.37
N GLY D 318 20.67 45.00 -19.51
CA GLY D 318 20.18 45.47 -20.79
C GLY D 318 21.06 46.48 -21.50
N GLY D 319 20.47 47.21 -22.44
CA GLY D 319 21.20 48.22 -23.18
C GLY D 319 22.32 47.65 -24.05
N ALA D 320 23.50 48.23 -23.91
CA ALA D 320 24.67 47.81 -24.67
C ALA D 320 25.45 46.72 -23.97
N ARG D 321 24.93 46.24 -22.84
CA ARG D 321 25.60 45.20 -22.05
C ARG D 321 26.03 43.97 -22.84
N PRO D 322 25.07 43.22 -23.40
CA PRO D 322 25.45 42.02 -24.16
C PRO D 322 26.45 42.31 -25.29
N ALA D 323 26.25 43.43 -25.98
CA ALA D 323 27.17 43.83 -27.05
C ALA D 323 28.59 43.93 -26.50
N VAL D 324 28.74 44.60 -25.36
CA VAL D 324 30.05 44.77 -24.75
C VAL D 324 30.66 43.44 -24.36
N MET D 325 29.85 42.62 -23.68
CA MET D 325 30.29 41.29 -23.26
C MET D 325 30.79 40.45 -24.44
N ASN D 326 29.97 40.35 -25.48
CA ASN D 326 30.34 39.58 -26.65
C ASN D 326 31.64 40.09 -27.27
N ALA D 327 31.73 41.42 -27.39
CA ALA D 327 32.91 42.08 -27.96
C ALA D 327 34.10 41.71 -27.10
N ALA D 328 33.99 41.99 -25.81
CA ALA D 328 35.06 41.69 -24.87
C ALA D 328 35.51 40.23 -24.99
N ASN D 329 34.55 39.33 -25.15
CA ASN D 329 34.84 37.90 -25.27
C ASN D 329 35.71 37.62 -26.50
N GLU D 330 35.36 38.24 -27.62
CA GLU D 330 36.13 38.05 -28.86
C GLU D 330 37.62 38.24 -28.58
N ILE D 331 37.95 39.37 -27.95
CA ILE D 331 39.32 39.72 -27.62
C ILE D 331 39.95 38.71 -26.66
N ALA D 332 39.27 38.47 -25.55
CA ALA D 332 39.75 37.54 -24.53
C ALA D 332 40.06 36.15 -25.08
N VAL D 333 39.16 35.63 -25.91
CA VAL D 333 39.36 34.30 -26.49
C VAL D 333 40.59 34.27 -27.41
N ALA D 334 40.68 35.25 -28.31
CA ALA D 334 41.80 35.34 -29.25
C ALA D 334 43.12 35.45 -28.47
N ALA D 335 43.08 36.08 -27.30
CA ALA D 335 44.26 36.23 -26.45
C ALA D 335 44.67 34.85 -25.94
N PHE D 336 43.68 34.11 -25.43
CA PHE D 336 43.93 32.77 -24.91
C PHE D 336 44.52 31.88 -25.99
N LEU D 337 43.94 31.92 -27.20
CA LEU D 337 44.43 31.12 -28.30
C LEU D 337 45.85 31.51 -28.67
N ASP D 338 46.13 32.81 -28.57
CA ASP D 338 47.46 33.33 -28.89
C ASP D 338 48.38 33.14 -27.68
N LYS D 339 47.94 32.27 -26.78
CA LYS D 339 48.67 31.94 -25.56
C LYS D 339 49.14 33.13 -24.73
N LYS D 340 48.41 34.23 -24.80
CA LYS D 340 48.77 35.42 -24.03
C LYS D 340 48.15 35.36 -22.63
N ILE D 341 47.07 34.59 -22.49
CA ILE D 341 46.38 34.46 -21.21
C ILE D 341 46.00 33.01 -20.91
N GLY D 342 45.52 32.78 -19.69
CA GLY D 342 45.11 31.45 -19.27
C GLY D 342 43.64 31.22 -19.58
N PHE D 343 43.21 29.96 -19.56
CA PHE D 343 41.82 29.63 -19.85
C PHE D 343 40.81 30.36 -18.96
N LEU D 344 41.05 30.33 -17.65
CA LEU D 344 40.12 30.98 -16.71
C LEU D 344 40.18 32.50 -16.71
N ASP D 345 41.10 33.06 -17.51
CA ASP D 345 41.24 34.51 -17.59
C ASP D 345 40.19 35.09 -18.53
N ILE D 346 39.80 34.32 -19.55
CA ILE D 346 38.82 34.76 -20.53
C ILE D 346 37.58 35.39 -19.87
N ALA D 347 36.98 34.69 -18.90
CA ALA D 347 35.80 35.22 -18.23
C ALA D 347 36.15 36.40 -17.34
N LYS D 348 37.38 36.44 -16.87
CA LYS D 348 37.85 37.52 -16.01
C LYS D 348 37.90 38.82 -16.81
N ILE D 349 38.51 38.77 -18.00
CA ILE D 349 38.63 39.94 -18.86
C ILE D 349 37.25 40.45 -19.25
N VAL D 350 36.37 39.54 -19.68
CA VAL D 350 35.03 39.91 -20.07
C VAL D 350 34.31 40.63 -18.95
N GLU D 351 34.47 40.12 -17.74
CA GLU D 351 33.82 40.72 -16.59
C GLU D 351 34.37 42.13 -16.32
N LYS D 352 35.70 42.27 -16.33
CA LYS D 352 36.32 43.56 -16.09
C LYS D 352 35.78 44.59 -17.08
N THR D 353 35.90 44.29 -18.36
CA THR D 353 35.43 45.17 -19.43
C THR D 353 34.00 45.63 -19.20
N LEU D 354 33.11 44.68 -18.95
CA LEU D 354 31.70 45.01 -18.72
C LEU D 354 31.54 46.02 -17.60
N ASP D 355 32.50 46.04 -16.69
CA ASP D 355 32.45 46.95 -15.55
C ASP D 355 33.04 48.34 -15.82
N HIS D 356 34.01 48.41 -16.74
CA HIS D 356 34.66 49.67 -17.08
C HIS D 356 34.08 50.41 -18.28
N TYR D 357 33.25 49.73 -19.08
CA TYR D 357 32.63 50.34 -20.24
C TYR D 357 31.14 50.03 -20.25
N THR D 358 30.32 51.08 -20.19
CA THR D 358 28.88 50.91 -20.20
C THR D 358 28.17 52.01 -20.99
N PRO D 359 28.43 52.08 -22.31
CA PRO D 359 27.85 53.06 -23.21
C PRO D 359 26.33 53.05 -23.21
N ALA D 360 25.73 54.00 -23.92
CA ALA D 360 24.28 54.09 -24.01
C ALA D 360 23.78 53.07 -25.04
N THR D 361 22.54 52.63 -24.87
CA THR D 361 21.98 51.65 -25.79
C THR D 361 22.05 52.19 -27.22
N PRO D 362 22.34 51.32 -28.20
CA PRO D 362 22.45 51.68 -29.61
C PRO D 362 21.12 52.18 -30.17
N SER D 363 21.19 53.04 -31.16
CA SER D 363 19.98 53.56 -31.79
C SER D 363 20.05 53.17 -33.26
N SER D 364 21.24 52.79 -33.71
CA SER D 364 21.44 52.41 -35.10
C SER D 364 22.63 51.44 -35.19
N LEU D 365 22.83 50.83 -36.35
CA LEU D 365 23.95 49.91 -36.55
C LEU D 365 25.28 50.65 -36.38
N GLU D 366 25.27 51.95 -36.67
CA GLU D 366 26.49 52.73 -36.52
C GLU D 366 26.92 52.80 -35.06
N ASP D 367 25.95 52.89 -34.14
CA ASP D 367 26.25 52.93 -32.72
C ASP D 367 26.79 51.56 -32.32
N VAL D 368 26.13 50.52 -32.82
CA VAL D 368 26.54 49.14 -32.56
C VAL D 368 28.01 48.91 -32.95
N PHE D 369 28.36 49.29 -34.17
CA PHE D 369 29.74 49.11 -34.64
C PHE D 369 30.69 49.86 -33.67
N ALA D 370 30.28 51.04 -33.22
CA ALA D 370 31.08 51.85 -32.31
C ALA D 370 31.32 51.14 -30.97
N ILE D 371 30.23 50.83 -30.27
CA ILE D 371 30.33 50.13 -28.99
C ILE D 371 31.27 48.92 -29.12
N ASP D 372 31.04 48.08 -30.13
CA ASP D 372 31.86 46.89 -30.36
C ASP D 372 33.33 47.29 -30.46
N ASN D 373 33.62 48.24 -31.34
CA ASN D 373 35.00 48.67 -31.51
C ASN D 373 35.61 49.19 -30.21
N GLU D 374 34.81 49.92 -29.44
CA GLU D 374 35.27 50.47 -28.18
C GLU D 374 35.54 49.34 -27.20
N ALA D 375 34.54 48.50 -27.01
CA ALA D 375 34.66 47.37 -26.10
C ALA D 375 35.91 46.56 -26.43
N ARG D 376 36.17 46.35 -27.72
CA ARG D 376 37.35 45.59 -28.16
C ARG D 376 38.64 46.28 -27.68
N ILE D 377 38.69 47.59 -27.83
CA ILE D 377 39.84 48.38 -27.43
C ILE D 377 40.00 48.30 -25.90
N GLN D 378 38.89 48.50 -25.20
CA GLN D 378 38.89 48.46 -23.73
C GLN D 378 39.38 47.10 -23.23
N ALA D 379 38.79 46.03 -23.78
CA ALA D 379 39.15 44.68 -23.41
C ALA D 379 40.64 44.43 -23.64
N ALA D 380 41.12 44.71 -24.85
CA ALA D 380 42.53 44.50 -25.19
C ALA D 380 43.44 45.17 -24.17
N ALA D 381 42.98 46.30 -23.64
CA ALA D 381 43.73 47.05 -22.65
C ALA D 381 43.88 46.24 -21.36
N LEU D 382 42.76 46.06 -20.66
CA LEU D 382 42.73 45.30 -19.41
C LEU D 382 43.41 43.94 -19.58
N MET D 383 43.23 43.33 -20.75
CA MET D 383 43.81 42.03 -21.07
C MET D 383 45.33 42.08 -20.87
N GLU D 384 45.92 43.23 -21.19
CA GLU D 384 47.37 43.43 -21.05
C GLU D 384 47.69 44.24 -19.79
N SER D 385 47.15 43.82 -18.66
CA SER D 385 47.39 44.50 -17.39
C SER D 385 48.05 43.54 -16.40
N LEU D 386 47.61 42.29 -16.40
CA LEU D 386 48.16 41.27 -15.52
C LEU D 386 49.05 40.31 -16.30
PA NDP E . -28.28 -33.83 45.30
O1A NDP E . -27.15 -33.30 45.95
O2A NDP E . -29.33 -34.71 46.01
O5B NDP E . -29.21 -32.62 44.78
C5B NDP E . -30.26 -33.20 44.10
C4B NDP E . -31.08 -32.04 43.87
O4B NDP E . -32.06 -32.68 43.05
C3B NDP E . -31.88 -31.41 45.07
O3B NDP E . -32.41 -30.01 44.73
C2B NDP E . -33.00 -32.42 45.18
O2B NDP E . -34.06 -32.22 46.10
C1B NDP E . -33.35 -32.54 43.69
N9A NDP E . -34.05 -33.77 43.37
C8A NDP E . -33.67 -35.04 43.87
N7A NDP E . -34.44 -35.98 43.42
C5A NDP E . -35.35 -35.36 42.57
C6A NDP E . -36.43 -35.84 41.77
N6A NDP E . -36.72 -37.14 41.66
N1A NDP E . -37.14 -34.92 41.05
C2A NDP E . -36.85 -33.61 41.12
N3A NDP E . -35.83 -33.09 41.86
C4A NDP E . -35.14 -34.00 42.57
O3 NDP E . -27.85 -34.59 44.01
P2B NDP E . -33.73 -32.12 47.60
O1X NDP E . -32.35 -32.41 47.99
O2X NDP E . -34.90 -32.20 48.51
O3X NDP E . -33.79 -33.65 47.52
PA NDP F . 17.59 -7.50 15.18
O1A NDP F . 17.50 -8.89 15.29
O2A NDP F . 18.84 -6.76 14.62
O5B NDP F . 16.47 -6.92 14.20
C5B NDP F . 16.67 -5.57 14.29
C4B NDP F . 15.78 -5.21 13.23
O4B NDP F . 15.86 -3.81 13.41
C3B NDP F . 16.25 -5.41 11.70
O3B NDP F . 15.06 -5.31 10.77
C2B NDP F . 17.15 -4.24 11.55
O2B NDP F . 17.77 -3.93 10.31
C1B NDP F . 16.31 -3.16 12.23
N9A NDP F . 17.14 -2.07 12.70
C8A NDP F . 18.30 -2.26 13.45
N7A NDP F . 18.84 -1.14 13.75
C5A NDP F . 18.07 -0.17 13.22
C6A NDP F . 18.14 1.24 13.21
N6A NDP F . 19.13 1.90 13.84
N1A NDP F . 17.18 1.93 12.57
C2A NDP F . 16.17 1.28 11.93
N3A NDP F . 16.02 -0.03 11.87
C4A NDP F . 17.01 -0.72 12.54
O3 NDP F . 17.27 -6.86 16.58
P2B NDP F . 18.67 -4.97 9.59
O1X NDP F . 18.52 -6.38 9.99
O2X NDP F . 19.88 -4.38 8.98
O3X NDP F . 19.53 -4.96 10.85
PA NDP G . -13.75 4.01 -12.62
O1A NDP G . -12.64 4.54 -11.95
O2A NDP G . -14.82 3.18 -11.90
O5B NDP G . -14.63 5.20 -13.22
C5B NDP G . -15.63 4.56 -13.91
C4B NDP G . -16.43 5.74 -14.20
O4B NDP G . -17.39 5.08 -15.03
C3B NDP G . -17.28 6.37 -13.03
O3B NDP G . -17.81 7.74 -13.42
C2B NDP G . -18.38 5.33 -12.95
O2B NDP G . -19.45 5.53 -12.05
C1B NDP G . -18.68 5.19 -14.43
N9A NDP G . -19.35 3.94 -14.75
C8A NDP G . -18.94 2.72 -14.30
N7A NDP G . -19.70 1.78 -14.77
C5A NDP G . -20.63 2.38 -15.54
C6A NDP G . -21.71 1.89 -16.34
N6A NDP G . -21.98 0.57 -16.45
N1A NDP G . -22.45 2.80 -17.00
C2A NDP G . -22.20 4.12 -16.92
N3A NDP G . -21.22 4.67 -16.21
C4A NDP G . -20.45 3.74 -15.55
O3 NDP G . -13.27 3.17 -13.85
P2B NDP G . -19.23 5.63 -10.50
O1X NDP G . -20.39 6.37 -10.03
O2X NDP G . -17.94 6.32 -10.24
O3X NDP G . -19.19 4.23 -9.93
PA NDP H . 32.20 30.87 -42.10
O1A NDP H . 32.41 29.46 -42.11
O2A NDP H . 33.21 32.00 -41.81
O5B NDP H . 31.50 30.75 -43.66
C5B NDP H . 31.27 31.87 -43.70
C4B NDP H . 30.61 32.38 -44.74
O4B NDP H . 30.35 33.85 -44.45
C3B NDP H . 31.30 32.30 -45.89
O3B NDP H . 30.23 32.17 -46.92
C2B NDP H . 32.13 33.59 -46.01
O2B NDP H . 32.72 33.76 -47.28
C1B NDP H . 31.07 34.56 -45.61
N9A NDP H . 31.79 35.74 -45.17
C8A NDP H . 32.79 35.62 -44.21
N7A NDP H . 33.28 36.71 -43.90
C5A NDP H . 32.63 37.68 -44.63
C6A NDP H . 32.76 39.08 -44.66
N6A NDP H . 33.60 39.73 -43.84
N1A NDP H . 31.96 39.78 -45.51
C2A NDP H . 31.07 39.12 -46.32
N3A NDP H . 30.91 37.76 -46.32
C4A NDP H . 31.72 37.11 -45.47
O3 NDP H . 31.61 31.89 -41.04
P2B NDP H . 33.87 32.82 -47.83
O1X NDP H . 35.12 33.48 -48.19
O2X NDP H . 33.50 31.45 -48.27
O3X NDP H . 33.44 33.27 -49.27
#